data_7KR5
#
_entry.id   7KR5
#
_cell.length_a   1.00
_cell.length_b   1.00
_cell.length_c   1.00
_cell.angle_alpha   90.00
_cell.angle_beta   90.00
_cell.angle_gamma   90.00
#
_symmetry.space_group_name_H-M   'P 1'
#
loop_
_entity.id
_entity.type
_entity.pdbx_description
1 polymer 'Calcium release-activated calcium channel protein 1'
2 polymer '19B5 Fab heavy chain'
3 polymer '19B5 Fab light chain'
4 non-polymer 'CALCIUM ION'
#
loop_
_entity_poly.entity_id
_entity_poly.type
_entity_poly.pdbx_seq_one_letter_code
_entity_poly.pdbx_strand_id
1 'polypeptide(L)'
;MSQSGEDLHSPTYLSWRKLQLSRAKLKASSKTSALLSGFAMVAMVEVQLDHDTNVPPGMLIAFAICTTLLVAVAMLALMI
STCILPNIETVSNLHSISLVHESPHERLHWYIETAWAFSTLLGLILFLLEIAILCWVKFYDLSPPAAWSATVVLIPVMII
FMAFAIHFYRSLVSHKYEVTVSGIRELEMLKEQMEQDHLEHHNNIRNNGEGEEF
;
A,B,C,D,E,F
2 'polypeptide(L)'
;MTLNMLLGLKWVFFVVFYQGVHCEVQLVESGGGLVQPKGSLKLSCAASGFTFNTYAMHWVRQAPGKGLEWVARIRTKSNN
YATYYADSVKDRFTISRDDSQSMLYLQMNNLKTEDTAMYYCVRQKYGNYFDYWGQGTTLTVSSAKTTPPSVYPLAPGSAA
QTNSMVTLGCLVKGYFPEPVTVTWNSGSLSSGVHTFPAVLQSDLYTLSSSVTVPSSSWPSETVTCNVAHPASSTKVDKKI
VPRD
;
H,M,O
3 'polypeptide(L)'
;MESQTQVFVYMLLWLSGVDGDVVMTQSQKFMSTSVGDRVSVTCKASQNVGINVAWYQQKPGQSPKALINSASYRNSGVPD
RFTGGGSGTDFTLTINNVQSEDLAEYFCQQCNSYPLTFGAGTKLELRRADAAPTVSIFPPSSEQLTSGGASVVCFLNNFY
PKDINVKWKIDGSERQNGVLNSWTDQDSKDSTYSMSSTLTLTKDEYERHNSYTCEATHKTSTSPIVKSFNRN
;
L,N,P
#
loop_
_chem_comp.id
_chem_comp.type
_chem_comp.name
_chem_comp.formula
CA non-polymer 'CALCIUM ION' 'Ca 2'
#
# COMPACT_ATOMS: atom_id res chain seq x y z
N ALA A 24 -16.97 39.40 -9.54
CA ALA A 24 -17.84 39.29 -8.37
C ALA A 24 -17.49 38.06 -7.55
N LYS A 25 -18.50 37.28 -7.18
CA LYS A 25 -18.30 36.02 -6.46
C LYS A 25 -17.82 34.90 -7.37
N LEU A 26 -17.44 35.25 -8.60
CA LEU A 26 -17.00 34.25 -9.57
C LEU A 26 -15.70 33.60 -9.14
N LYS A 27 -14.74 34.38 -8.64
CA LYS A 27 -13.43 33.83 -8.30
C LYS A 27 -13.53 32.83 -7.16
N ALA A 28 -14.31 33.14 -6.12
CA ALA A 28 -14.47 32.20 -5.02
C ALA A 28 -15.13 30.92 -5.48
N SER A 29 -16.16 31.04 -6.32
CA SER A 29 -16.83 29.85 -6.86
C SER A 29 -15.86 29.01 -7.67
N SER A 30 -15.03 29.66 -8.50
CA SER A 30 -14.04 28.93 -9.29
C SER A 30 -13.08 28.18 -8.39
N LYS A 31 -12.54 28.86 -7.37
CA LYS A 31 -11.59 28.23 -6.47
C LYS A 31 -12.20 27.02 -5.78
N THR A 32 -13.38 27.20 -5.18
CA THR A 32 -13.99 26.11 -4.41
C THR A 32 -14.39 24.95 -5.32
N SER A 33 -14.92 25.26 -6.52
CA SER A 33 -15.35 24.20 -7.42
C SER A 33 -14.17 23.41 -7.95
N ALA A 34 -13.07 24.08 -8.31
CA ALA A 34 -11.88 23.36 -8.73
C ALA A 34 -11.34 22.50 -7.60
N LEU A 35 -11.33 23.03 -6.38
CA LEU A 35 -10.85 22.26 -5.24
C LEU A 35 -11.68 21.01 -5.03
N LEU A 36 -13.01 21.15 -5.05
CA LEU A 36 -13.86 19.98 -4.80
C LEU A 36 -13.77 18.97 -5.94
N SER A 37 -13.64 19.46 -7.18
CA SER A 37 -13.49 18.55 -8.31
C SER A 37 -12.22 17.73 -8.17
N GLY A 38 -11.09 18.39 -7.94
CA GLY A 38 -9.84 17.65 -7.76
C GLY A 38 -9.88 16.73 -6.55
N PHE A 39 -10.57 17.17 -5.48
CA PHE A 39 -10.73 16.33 -4.30
C PHE A 39 -11.40 15.01 -4.66
N ALA A 40 -12.54 15.09 -5.35
CA ALA A 40 -13.22 13.87 -5.77
C ALA A 40 -12.36 13.07 -6.75
N MET A 41 -11.51 13.75 -7.53
CA MET A 41 -10.67 13.04 -8.48
C MET A 41 -9.64 12.17 -7.78
N VAL A 42 -8.91 12.73 -6.80
CA VAL A 42 -7.92 11.92 -6.10
C VAL A 42 -8.62 10.86 -5.26
N ALA A 43 -9.82 11.13 -4.78
CA ALA A 43 -10.61 10.10 -4.11
C ALA A 43 -10.88 8.93 -5.06
N MET A 44 -11.29 9.23 -6.29
CA MET A 44 -11.49 8.19 -7.29
C MET A 44 -10.19 7.51 -7.65
N VAL A 45 -9.06 8.22 -7.50
CA VAL A 45 -7.76 7.59 -7.71
C VAL A 45 -7.50 6.52 -6.66
N GLU A 46 -7.75 6.85 -5.39
CA GLU A 46 -7.49 5.91 -4.31
C GLU A 46 -8.76 5.10 -3.97
N VAL A 47 -9.21 4.34 -4.96
CA VAL A 47 -10.23 3.31 -4.75
C VAL A 47 -9.67 1.99 -5.25
N GLN A 48 -9.60 1.00 -4.36
CA GLN A 48 -9.01 -0.29 -4.67
C GLN A 48 -10.12 -1.33 -4.71
N LEU A 49 -10.33 -1.93 -5.87
CA LEU A 49 -11.37 -2.92 -6.07
C LEU A 49 -10.73 -4.25 -6.46
N ASP A 50 -11.58 -5.21 -6.81
CA ASP A 50 -11.13 -6.57 -7.10
C ASP A 50 -12.11 -7.21 -8.07
N HIS A 51 -11.63 -8.22 -8.79
CA HIS A 51 -12.47 -8.91 -9.76
C HIS A 51 -13.52 -9.80 -9.10
N ASP A 52 -13.46 -9.98 -7.78
CA ASP A 52 -14.48 -10.73 -7.04
C ASP A 52 -15.33 -9.79 -6.18
N THR A 53 -15.53 -8.56 -6.63
CA THR A 53 -16.34 -7.61 -5.88
C THR A 53 -17.82 -7.98 -6.00
N ASN A 54 -18.59 -7.54 -5.01
CA ASN A 54 -20.03 -7.74 -5.02
C ASN A 54 -20.81 -6.51 -5.48
N VAL A 55 -20.12 -5.41 -5.79
CA VAL A 55 -20.84 -4.20 -6.21
C VAL A 55 -21.45 -4.44 -7.59
N PRO A 56 -22.64 -3.90 -7.86
CA PRO A 56 -23.22 -4.06 -9.19
C PRO A 56 -22.39 -3.32 -10.22
N PRO A 57 -22.33 -3.82 -11.45
CA PRO A 57 -21.63 -3.07 -12.50
C PRO A 57 -22.23 -1.70 -12.76
N GLY A 58 -23.55 -1.57 -12.60
CA GLY A 58 -24.18 -0.28 -12.71
C GLY A 58 -23.63 0.72 -11.71
N MET A 59 -23.24 0.24 -10.52
CA MET A 59 -22.62 1.12 -9.54
C MET A 59 -21.30 1.68 -10.05
N LEU A 60 -20.46 0.84 -10.65
CA LEU A 60 -19.20 1.34 -11.21
C LEU A 60 -19.45 2.29 -12.36
N ILE A 61 -20.43 1.98 -13.21
CA ILE A 61 -20.77 2.89 -14.31
C ILE A 61 -21.19 4.25 -13.75
N ALA A 62 -22.06 4.24 -12.74
CA ALA A 62 -22.51 5.48 -12.13
C ALA A 62 -21.35 6.23 -11.48
N PHE A 63 -20.42 5.50 -10.83
CA PHE A 63 -19.22 6.11 -10.28
C PHE A 63 -18.47 6.87 -11.35
N ALA A 64 -18.20 6.22 -12.48
CA ALA A 64 -17.42 6.87 -13.53
C ALA A 64 -18.17 8.08 -14.09
N ILE A 65 -19.47 7.92 -14.37
CA ILE A 65 -20.24 9.00 -14.96
C ILE A 65 -20.29 10.19 -14.02
N CYS A 66 -20.54 9.93 -12.73
CA CYS A 66 -20.67 11.00 -11.76
C CYS A 66 -19.35 11.74 -11.57
N THR A 67 -18.24 11.01 -11.46
CA THR A 67 -16.95 11.67 -11.28
C THR A 67 -16.60 12.52 -12.49
N THR A 68 -16.77 11.96 -13.70
CA THR A 68 -16.42 12.71 -14.90
C THR A 68 -17.33 13.93 -15.07
N LEU A 69 -18.62 13.78 -14.77
CA LEU A 69 -19.54 14.90 -14.87
C LEU A 69 -19.20 15.99 -13.87
N LEU A 70 -18.83 15.61 -12.64
CA LEU A 70 -18.42 16.60 -11.66
C LEU A 70 -17.20 17.38 -12.16
N VAL A 71 -16.21 16.66 -12.69
CA VAL A 71 -15.02 17.34 -13.22
C VAL A 71 -15.40 18.28 -14.35
N ALA A 72 -16.26 17.80 -15.26
CA ALA A 72 -16.64 18.61 -16.42
C ALA A 72 -17.39 19.86 -15.99
N VAL A 73 -18.29 19.75 -15.02
CA VAL A 73 -19.06 20.90 -14.57
C VAL A 73 -18.16 21.90 -13.86
N ALA A 74 -17.23 21.42 -13.03
CA ALA A 74 -16.29 22.33 -12.39
C ALA A 74 -15.44 23.06 -13.42
N MET A 75 -14.97 22.34 -14.45
CA MET A 75 -14.16 22.96 -15.49
C MET A 75 -14.97 23.98 -16.28
N LEU A 76 -16.24 23.67 -16.56
CA LEU A 76 -17.09 24.64 -17.24
C LEU A 76 -17.28 25.88 -16.40
N ALA A 77 -17.45 25.72 -15.09
CA ALA A 77 -17.55 26.88 -14.20
C ALA A 77 -16.26 27.70 -14.24
N LEU A 78 -15.11 27.03 -14.23
CA LEU A 78 -13.84 27.76 -14.30
C LEU A 78 -13.72 28.55 -15.60
N MET A 79 -14.10 27.92 -16.72
CA MET A 79 -14.02 28.60 -18.01
C MET A 79 -14.98 29.78 -18.07
N ILE A 80 -16.17 29.64 -17.49
CA ILE A 80 -17.12 30.75 -17.46
C ILE A 80 -16.57 31.89 -16.62
N SER A 81 -15.94 31.56 -15.49
CA SER A 81 -15.28 32.59 -14.68
C SER A 81 -14.17 33.29 -15.48
N THR A 82 -13.44 32.52 -16.28
CA THR A 82 -12.40 33.09 -17.13
C THR A 82 -12.98 33.95 -18.25
N CYS A 83 -14.23 33.70 -18.65
CA CYS A 83 -14.85 34.49 -19.71
C CYS A 83 -14.99 35.96 -19.31
N ILE A 84 -15.29 36.21 -18.04
CA ILE A 84 -15.40 37.58 -17.54
C ILE A 84 -14.03 38.21 -17.37
N LEU A 108 -27.80 40.96 -21.16
CA LEU A 108 -27.20 39.74 -21.68
C LEU A 108 -26.24 39.14 -20.66
N HIS A 109 -25.76 39.98 -19.74
CA HIS A 109 -24.85 39.52 -18.70
C HIS A 109 -25.57 38.74 -17.62
N TRP A 110 -26.87 39.01 -17.43
CA TRP A 110 -27.63 38.30 -16.40
C TRP A 110 -27.71 36.81 -16.69
N TYR A 111 -27.85 36.44 -17.98
CA TYR A 111 -27.86 35.04 -18.34
C TYR A 111 -26.55 34.36 -17.97
N ILE A 112 -25.41 35.04 -18.21
CA ILE A 112 -24.11 34.47 -17.86
C ILE A 112 -23.98 34.32 -16.36
N GLU A 113 -24.41 35.33 -15.59
CA GLU A 113 -24.34 35.22 -14.13
C GLU A 113 -25.18 34.07 -13.62
N THR A 114 -26.40 33.93 -14.14
CA THR A 114 -27.27 32.83 -13.73
C THR A 114 -26.67 31.48 -14.11
N ALA A 115 -26.05 31.39 -15.29
CA ALA A 115 -25.40 30.15 -15.70
C ALA A 115 -24.24 29.81 -14.76
N TRP A 116 -23.46 30.81 -14.36
CA TRP A 116 -22.36 30.57 -13.42
C TRP A 116 -22.89 30.06 -12.09
N ALA A 117 -23.93 30.70 -11.56
CA ALA A 117 -24.50 30.25 -10.29
C ALA A 117 -25.07 28.85 -10.40
N PHE A 118 -25.75 28.56 -11.50
CA PHE A 118 -26.32 27.22 -11.72
C PHE A 118 -25.22 26.17 -11.84
N SER A 119 -24.10 26.52 -12.48
CA SER A 119 -22.97 25.60 -12.56
C SER A 119 -22.41 25.31 -11.18
N THR A 120 -22.29 26.33 -10.34
CA THR A 120 -21.84 26.09 -8.96
C THR A 120 -22.80 25.17 -8.22
N LEU A 121 -24.10 25.42 -8.36
CA LEU A 121 -25.09 24.59 -7.69
C LEU A 121 -24.98 23.13 -8.15
N LEU A 122 -24.89 22.92 -9.46
CA LEU A 122 -24.81 21.55 -9.98
C LEU A 122 -23.51 20.89 -9.59
N GLY A 123 -22.42 21.66 -9.47
CA GLY A 123 -21.20 21.10 -8.92
C GLY A 123 -21.39 20.60 -7.51
N LEU A 124 -22.11 21.35 -6.69
CA LEU A 124 -22.43 20.88 -5.34
C LEU A 124 -23.28 19.61 -5.38
N ILE A 125 -24.27 19.58 -6.26
CA ILE A 125 -25.13 18.39 -6.38
C ILE A 125 -24.29 17.16 -6.71
N LEU A 126 -23.46 17.28 -7.74
CA LEU A 126 -22.64 16.16 -8.16
C LEU A 126 -21.61 15.78 -7.09
N PHE A 127 -21.10 16.75 -6.35
CA PHE A 127 -20.15 16.43 -5.29
C PHE A 127 -20.81 15.59 -4.20
N LEU A 128 -22.02 15.98 -3.78
CA LEU A 128 -22.71 15.18 -2.77
C LEU A 128 -23.04 13.78 -3.29
N LEU A 129 -23.51 13.70 -4.53
CA LEU A 129 -23.82 12.39 -5.10
C LEU A 129 -22.55 11.53 -5.22
N GLU A 130 -21.43 12.17 -5.54
CA GLU A 130 -20.16 11.46 -5.63
C GLU A 130 -19.71 10.95 -4.28
N ILE A 131 -19.89 11.73 -3.26
CA ILE A 131 -19.54 11.26 -1.92
C ILE A 131 -20.40 10.06 -1.54
N ALA A 132 -21.69 10.12 -1.86
CA ALA A 132 -22.57 8.98 -1.60
C ALA A 132 -22.08 7.73 -2.31
N ILE A 133 -21.79 7.85 -3.62
CA ILE A 133 -21.35 6.70 -4.39
C ILE A 133 -20.02 6.17 -3.86
N LEU A 134 -19.13 7.07 -3.45
CA LEU A 134 -17.82 6.67 -2.96
C LEU A 134 -17.93 5.89 -1.66
N CYS A 135 -18.75 6.38 -0.72
CA CYS A 135 -18.95 5.63 0.51
C CYS A 135 -19.61 4.28 0.22
N TRP A 136 -20.56 4.26 -0.73
CA TRP A 136 -21.19 3.01 -1.10
C TRP A 136 -20.17 1.99 -1.60
N VAL A 137 -19.33 2.39 -2.56
CA VAL A 137 -18.37 1.45 -3.13
C VAL A 137 -17.30 1.09 -2.12
N LYS A 138 -17.03 1.98 -1.16
CA LYS A 138 -16.02 1.68 -0.15
C LYS A 138 -16.52 0.64 0.85
N PHE A 139 -17.80 0.70 1.21
CA PHE A 139 -18.31 -0.15 2.30
C PHE A 139 -19.10 -1.36 1.83
N TYR A 140 -19.55 -1.40 0.58
CA TYR A 140 -20.47 -2.45 0.15
C TYR A 140 -19.82 -3.83 0.22
N ASP A 141 -18.51 -3.91 0.10
CA ASP A 141 -17.83 -5.20 0.14
C ASP A 141 -17.92 -5.86 1.52
N LEU A 142 -18.20 -5.09 2.57
CA LEU A 142 -18.29 -5.62 3.92
C LEU A 142 -19.70 -5.52 4.49
N SER A 143 -20.27 -4.31 4.53
CA SER A 143 -21.56 -4.05 5.16
C SER A 143 -22.49 -3.37 4.18
N PRO A 144 -23.36 -4.12 3.50
CA PRO A 144 -24.42 -3.50 2.69
C PRO A 144 -25.28 -2.55 3.51
N PRO A 145 -25.63 -2.88 4.76
CA PRO A 145 -26.38 -1.91 5.56
C PRO A 145 -25.66 -0.58 5.76
N ALA A 146 -24.33 -0.58 5.84
CA ALA A 146 -23.61 0.68 5.99
C ALA A 146 -23.81 1.57 4.77
N ALA A 147 -23.67 1.01 3.57
CA ALA A 147 -23.87 1.79 2.35
C ALA A 147 -25.31 2.25 2.23
N TRP A 148 -26.27 1.38 2.54
CA TRP A 148 -27.67 1.78 2.48
C TRP A 148 -27.97 2.90 3.46
N SER A 149 -27.39 2.83 4.67
CA SER A 149 -27.56 3.90 5.64
C SER A 149 -26.96 5.20 5.15
N ALA A 150 -25.79 5.13 4.50
CA ALA A 150 -25.20 6.33 3.92
C ALA A 150 -26.13 6.95 2.88
N THR A 151 -26.75 6.10 2.05
CA THR A 151 -27.71 6.62 1.07
C THR A 151 -28.88 7.31 1.76
N VAL A 152 -29.48 6.65 2.76
CA VAL A 152 -30.66 7.21 3.40
C VAL A 152 -30.32 8.43 4.24
N VAL A 153 -29.05 8.62 4.61
CA VAL A 153 -28.67 9.81 5.36
C VAL A 153 -28.29 10.97 4.45
N LEU A 154 -27.98 10.71 3.18
CA LEU A 154 -27.78 11.78 2.22
C LEU A 154 -29.03 12.07 1.39
N ILE A 155 -30.09 11.28 1.55
CA ILE A 155 -31.33 11.53 0.81
C ILE A 155 -31.93 12.90 1.11
N PRO A 156 -32.13 13.31 2.38
CA PRO A 156 -32.89 14.55 2.62
C PRO A 156 -32.22 15.80 2.08
N VAL A 157 -30.92 15.96 2.30
CA VAL A 157 -30.21 17.13 1.77
C VAL A 157 -30.24 17.10 0.25
N MET A 158 -30.20 15.90 -0.35
CA MET A 158 -30.32 15.80 -1.79
C MET A 158 -31.68 16.29 -2.25
N ILE A 159 -32.75 15.94 -1.52
CA ILE A 159 -34.07 16.46 -1.84
C ILE A 159 -34.08 17.98 -1.75
N ILE A 160 -33.47 18.52 -0.69
CA ILE A 160 -33.46 19.97 -0.48
C ILE A 160 -32.75 20.67 -1.65
N PHE A 161 -31.62 20.11 -2.07
CA PHE A 161 -30.86 20.75 -3.15
C PHE A 161 -31.56 20.59 -4.50
N MET A 162 -32.20 19.44 -4.73
CA MET A 162 -32.97 19.27 -5.96
C MET A 162 -34.12 20.25 -6.04
N ALA A 163 -34.84 20.44 -4.92
CA ALA A 163 -35.92 21.42 -4.90
C ALA A 163 -35.38 22.83 -5.10
N PHE A 164 -34.22 23.13 -4.51
CA PHE A 164 -33.60 24.43 -4.73
C PHE A 164 -33.14 24.58 -6.18
N ALA A 165 -32.65 23.50 -6.78
CA ALA A 165 -32.21 23.56 -8.18
C ALA A 165 -33.39 23.77 -9.12
N ILE A 166 -34.51 23.10 -8.86
CA ILE A 166 -35.70 23.28 -9.70
C ILE A 166 -36.20 24.72 -9.59
N HIS A 167 -36.13 25.30 -8.39
CA HIS A 167 -36.60 26.67 -8.20
C HIS A 167 -35.81 27.65 -9.04
N PHE A 168 -34.48 27.61 -8.94
CA PHE A 168 -33.65 28.53 -9.73
C PHE A 168 -33.74 28.24 -11.21
N TYR A 169 -33.80 26.96 -11.59
CA TYR A 169 -33.92 26.59 -13.00
C TYR A 169 -35.23 27.11 -13.58
N ARG A 170 -36.31 27.02 -12.81
CA ARG A 170 -37.59 27.55 -13.26
C ARG A 170 -37.52 29.06 -13.47
N SER A 171 -36.84 29.76 -12.56
CA SER A 171 -36.65 31.20 -12.69
C SER A 171 -35.48 31.56 -13.59
N LEU A 172 -34.75 30.59 -14.11
CA LEU A 172 -33.64 30.83 -15.03
C LEU A 172 -34.20 30.90 -16.45
N VAL A 173 -34.56 32.11 -16.87
CA VAL A 173 -35.11 32.35 -18.20
C VAL A 173 -36.34 31.49 -18.45
N ALA B 24 -3.21 41.68 -14.04
CA ALA B 24 -4.63 41.54 -14.30
C ALA B 24 -5.13 40.17 -13.86
N LYS B 25 -5.94 39.53 -14.71
CA LYS B 25 -6.44 38.20 -14.43
C LYS B 25 -5.36 37.13 -14.53
N LEU B 26 -4.14 37.51 -14.89
CA LEU B 26 -3.06 36.55 -15.04
C LEU B 26 -2.74 35.85 -13.72
N LYS B 27 -2.81 36.60 -12.61
CA LYS B 27 -2.52 35.99 -11.31
C LYS B 27 -3.53 34.89 -10.98
N ALA B 28 -4.82 35.19 -11.14
CA ALA B 28 -5.85 34.20 -10.84
C ALA B 28 -5.74 32.99 -11.76
N SER B 29 -5.54 33.23 -13.06
CA SER B 29 -5.43 32.12 -14.01
C SER B 29 -4.21 31.25 -13.71
N SER B 30 -3.08 31.89 -13.39
CA SER B 30 -1.88 31.13 -13.05
C SER B 30 -2.10 30.31 -11.78
N LYS B 31 -2.80 30.89 -10.80
CA LYS B 31 -3.09 30.14 -9.57
C LYS B 31 -3.97 28.93 -9.88
N THR B 32 -5.00 29.11 -10.71
CA THR B 32 -5.88 28.01 -11.06
C THR B 32 -5.11 26.90 -11.80
N SER B 33 -4.29 27.29 -12.77
CA SER B 33 -3.53 26.30 -13.52
C SER B 33 -2.52 25.58 -12.64
N ALA B 34 -1.88 26.30 -11.72
CA ALA B 34 -0.95 25.67 -10.79
C ALA B 34 -1.68 24.66 -9.91
N LEU B 35 -2.86 25.03 -9.40
CA LEU B 35 -3.62 24.10 -8.58
C LEU B 35 -4.00 22.86 -9.36
N LEU B 36 -4.51 23.04 -10.58
CA LEU B 36 -4.93 21.90 -11.38
C LEU B 36 -3.75 21.00 -11.73
N SER B 37 -2.61 21.60 -12.07
CA SER B 37 -1.42 20.82 -12.39
C SER B 37 -0.96 20.02 -11.17
N GLY B 38 -0.94 20.66 -10.00
CA GLY B 38 -0.61 19.94 -8.78
C GLY B 38 -1.57 18.82 -8.47
N PHE B 39 -2.84 18.95 -8.86
CA PHE B 39 -3.82 17.90 -8.66
C PHE B 39 -3.59 16.73 -9.61
N ALA B 40 -3.26 17.02 -10.87
CA ALA B 40 -2.93 15.95 -11.81
C ALA B 40 -1.66 15.23 -11.38
N MET B 41 -0.70 15.96 -10.83
CA MET B 41 0.56 15.34 -10.42
C MET B 41 0.37 14.42 -9.22
N VAL B 42 -0.34 14.91 -8.19
CA VAL B 42 -0.59 14.07 -7.01
C VAL B 42 -1.44 12.88 -7.38
N ALA B 43 -2.28 13.02 -8.41
CA ALA B 43 -3.01 11.87 -8.93
C ALA B 43 -2.05 10.86 -9.55
N MET B 44 -1.28 11.30 -10.55
CA MET B 44 -0.47 10.37 -11.33
C MET B 44 0.59 9.68 -10.48
N VAL B 45 1.09 10.34 -9.43
CA VAL B 45 2.11 9.69 -8.60
C VAL B 45 1.51 8.50 -7.86
N GLU B 46 0.30 8.64 -7.35
CA GLU B 46 -0.37 7.58 -6.59
C GLU B 46 -1.34 6.81 -7.49
N VAL B 47 -0.79 6.13 -8.49
CA VAL B 47 -1.57 5.26 -9.36
C VAL B 47 -0.91 3.89 -9.35
N GLN B 48 -1.67 2.87 -8.93
CA GLN B 48 -1.17 1.51 -8.91
C GLN B 48 -1.37 0.88 -10.28
N LEU B 49 -0.28 0.41 -10.87
CA LEU B 49 -0.30 -0.25 -12.17
C LEU B 49 0.10 -1.71 -12.01
N ASP B 50 0.04 -2.45 -13.12
CA ASP B 50 0.37 -3.86 -13.10
C ASP B 50 0.79 -4.28 -14.48
N HIS B 51 1.72 -5.24 -14.54
CA HIS B 51 2.16 -5.80 -15.80
C HIS B 51 1.07 -6.56 -16.53
N ASP B 52 -0.01 -6.92 -15.85
CA ASP B 52 -1.13 -7.64 -16.46
C ASP B 52 -2.19 -6.72 -17.01
N THR B 53 -1.98 -5.40 -16.99
CA THR B 53 -2.99 -4.46 -17.40
C THR B 53 -3.35 -4.64 -18.87
N ASN B 54 -4.63 -4.43 -19.18
CA ASN B 54 -5.15 -4.60 -20.53
C ASN B 54 -5.23 -3.29 -21.30
N VAL B 55 -4.82 -2.18 -20.72
CA VAL B 55 -4.92 -0.90 -21.44
C VAL B 55 -4.00 -0.93 -22.65
N PRO B 56 -4.44 -0.43 -23.80
CA PRO B 56 -3.52 -0.28 -24.93
C PRO B 56 -2.38 0.64 -24.54
N PRO B 57 -1.14 0.32 -24.94
CA PRO B 57 0.00 1.17 -24.55
C PRO B 57 -0.16 2.61 -24.99
N GLY B 58 -0.97 2.86 -26.02
CA GLY B 58 -1.33 4.22 -26.35
C GLY B 58 -2.00 4.96 -25.21
N MET B 59 -2.76 4.23 -24.39
CA MET B 59 -3.38 4.87 -23.22
C MET B 59 -2.33 5.35 -22.23
N LEU B 60 -1.32 4.52 -21.95
CA LEU B 60 -0.25 4.95 -21.06
C LEU B 60 0.53 6.11 -21.66
N ILE B 61 0.79 6.05 -22.97
CA ILE B 61 1.50 7.14 -23.64
C ILE B 61 0.72 8.44 -23.53
N ALA B 62 -0.59 8.38 -23.78
CA ALA B 62 -1.42 9.57 -23.67
C ALA B 62 -1.52 10.07 -22.24
N PHE B 63 -1.54 9.16 -21.26
CA PHE B 63 -1.53 9.57 -19.87
C PHE B 63 -0.28 10.37 -19.54
N ALA B 64 0.89 9.81 -19.90
CA ALA B 64 2.14 10.51 -19.66
C ALA B 64 2.17 11.85 -20.37
N ILE B 65 1.77 11.87 -21.65
CA ILE B 65 1.80 13.10 -22.43
C ILE B 65 0.89 14.14 -21.81
N CYS B 66 -0.32 13.74 -21.40
CA CYS B 66 -1.27 14.70 -20.85
C CYS B 66 -0.77 15.28 -19.53
N THR B 67 -0.30 14.43 -18.62
CA THR B 67 0.17 14.93 -17.34
C THR B 67 1.38 15.84 -17.51
N THR B 68 2.36 15.41 -18.31
CA THR B 68 3.56 16.20 -18.53
C THR B 68 3.22 17.52 -19.21
N LEU B 69 2.33 17.50 -20.20
CA LEU B 69 1.96 18.73 -20.89
C LEU B 69 1.20 19.67 -19.97
N LEU B 70 0.35 19.13 -19.10
CA LEU B 70 -0.36 19.99 -18.16
C LEU B 70 0.61 20.70 -17.22
N VAL B 71 1.55 19.94 -16.63
CA VAL B 71 2.47 20.58 -15.70
C VAL B 71 3.39 21.56 -16.44
N ALA B 72 3.79 21.20 -17.67
CA ALA B 72 4.65 22.09 -18.46
C ALA B 72 3.93 23.40 -18.78
N VAL B 73 2.66 23.30 -19.19
CA VAL B 73 1.90 24.50 -19.53
C VAL B 73 1.67 25.35 -18.30
N ALA B 74 1.36 24.72 -17.17
CA ALA B 74 1.16 25.49 -15.94
C ALA B 74 2.44 26.25 -15.56
N MET B 75 3.59 25.55 -15.62
CA MET B 75 4.84 26.21 -15.27
C MET B 75 5.18 27.32 -16.26
N LEU B 76 4.95 27.09 -17.55
CA LEU B 76 5.21 28.11 -18.56
C LEU B 76 4.33 29.33 -18.31
N ALA B 77 3.06 29.12 -18.00
CA ALA B 77 2.17 30.25 -17.71
C ALA B 77 2.64 31.02 -16.49
N LEU B 78 3.02 30.30 -15.43
CA LEU B 78 3.49 30.97 -14.22
C LEU B 78 4.74 31.80 -14.51
N MET B 79 5.69 31.22 -15.25
CA MET B 79 6.92 31.93 -15.57
C MET B 79 6.64 33.17 -16.41
N ILE B 80 5.81 33.02 -17.45
CA ILE B 80 5.53 34.14 -18.34
C ILE B 80 4.78 35.24 -17.59
N SER B 81 3.89 34.86 -16.68
CA SER B 81 3.12 35.85 -15.94
C SER B 81 3.99 36.61 -14.94
N THR B 82 4.82 35.89 -14.19
CA THR B 82 5.62 36.55 -13.17
C THR B 82 6.92 37.14 -13.69
N CYS B 83 7.28 36.90 -14.96
CA CYS B 83 8.49 37.46 -15.52
C CYS B 83 8.29 38.83 -16.15
N ILE B 84 7.05 39.30 -16.26
CA ILE B 84 6.78 40.59 -16.86
C ILE B 84 7.04 41.71 -15.87
N LEU B 108 1.61 42.81 -30.27
CA LEU B 108 2.60 41.83 -29.84
C LEU B 108 2.41 41.50 -28.37
N HIS B 109 2.18 42.53 -27.55
CA HIS B 109 1.94 42.30 -26.12
C HIS B 109 0.55 41.72 -25.89
N TRP B 110 -0.47 42.27 -26.58
CA TRP B 110 -1.79 41.68 -26.50
C TRP B 110 -1.81 40.26 -27.05
N TYR B 111 -0.89 39.96 -27.98
CA TYR B 111 -0.72 38.58 -28.42
C TYR B 111 -0.25 37.70 -27.25
N ILE B 112 0.65 38.21 -26.42
CA ILE B 112 1.11 37.46 -25.26
C ILE B 112 -0.03 37.28 -24.25
N GLU B 113 -0.87 38.29 -24.09
CA GLU B 113 -2.02 38.15 -23.20
C GLU B 113 -3.01 37.10 -23.73
N THR B 114 -3.24 37.11 -25.04
CA THR B 114 -4.08 36.07 -25.65
C THR B 114 -3.45 34.70 -25.47
N ALA B 115 -2.13 34.63 -25.53
CA ALA B 115 -1.43 33.37 -25.26
C ALA B 115 -1.64 32.93 -23.82
N TRP B 116 -1.65 33.87 -22.89
CA TRP B 116 -1.94 33.54 -21.49
C TRP B 116 -3.34 32.94 -21.36
N ALA B 117 -4.33 33.58 -21.99
CA ALA B 117 -5.69 33.05 -21.94
C ALA B 117 -5.78 31.67 -22.59
N PHE B 118 -5.07 31.48 -23.71
CA PHE B 118 -5.00 30.19 -24.35
C PHE B 118 -4.37 29.15 -23.44
N SER B 119 -3.34 29.53 -22.69
CA SER B 119 -2.72 28.62 -21.74
C SER B 119 -3.70 28.21 -20.65
N THR B 120 -4.49 29.16 -20.15
CA THR B 120 -5.50 28.82 -19.15
C THR B 120 -6.51 27.82 -19.70
N LEU B 121 -7.04 28.11 -20.89
CA LEU B 121 -8.05 27.22 -21.47
C LEU B 121 -7.48 25.85 -21.77
N LEU B 122 -6.23 25.80 -22.25
CA LEU B 122 -5.61 24.52 -22.55
C LEU B 122 -5.32 23.74 -21.27
N GLY B 123 -4.98 24.42 -20.19
CA GLY B 123 -4.86 23.75 -18.91
C GLY B 123 -6.17 23.11 -18.48
N LEU B 124 -7.28 23.84 -18.65
CA LEU B 124 -8.59 23.28 -18.35
C LEU B 124 -8.87 22.02 -19.18
N ILE B 125 -8.69 22.14 -20.51
CA ILE B 125 -9.00 21.01 -21.39
C ILE B 125 -8.09 19.82 -21.09
N LEU B 126 -6.82 20.09 -20.83
CA LEU B 126 -5.90 19.00 -20.49
C LEU B 126 -6.26 18.34 -19.18
N PHE B 127 -6.76 19.11 -18.20
CA PHE B 127 -7.23 18.49 -16.98
C PHE B 127 -8.43 17.58 -17.25
N LEU B 128 -9.34 18.03 -18.12
CA LEU B 128 -10.49 17.18 -18.46
C LEU B 128 -10.03 15.87 -19.12
N LEU B 129 -9.14 15.97 -20.10
CA LEU B 129 -8.63 14.77 -20.75
C LEU B 129 -7.83 13.91 -19.79
N GLU B 130 -7.15 14.53 -18.82
CA GLU B 130 -6.45 13.78 -17.79
C GLU B 130 -7.42 12.96 -16.97
N ILE B 131 -8.55 13.55 -16.59
CA ILE B 131 -9.56 12.81 -15.83
C ILE B 131 -10.09 11.65 -16.66
N ALA B 132 -10.34 11.90 -17.95
CA ALA B 132 -10.82 10.84 -18.83
C ALA B 132 -9.85 9.66 -18.86
N ILE B 133 -8.58 9.94 -19.18
CA ILE B 133 -7.58 8.89 -19.30
C ILE B 133 -7.35 8.21 -17.95
N LEU B 134 -7.46 8.97 -16.87
CA LEU B 134 -7.24 8.41 -15.53
C LEU B 134 -8.32 7.41 -15.17
N CYS B 135 -9.59 7.79 -15.34
CA CYS B 135 -10.66 6.84 -15.06
C CYS B 135 -10.58 5.64 -16.01
N TRP B 136 -10.16 5.88 -17.25
CA TRP B 136 -10.00 4.77 -18.20
C TRP B 136 -8.96 3.77 -17.70
N VAL B 137 -7.77 4.25 -17.38
CA VAL B 137 -6.69 3.37 -16.96
C VAL B 137 -6.97 2.80 -15.58
N LYS B 138 -7.91 3.38 -14.85
CA LYS B 138 -8.28 2.83 -13.56
C LYS B 138 -9.28 1.69 -13.68
N PHE B 139 -10.25 1.83 -14.58
CA PHE B 139 -11.37 0.88 -14.64
C PHE B 139 -11.32 -0.08 -15.82
N TYR B 140 -10.35 0.04 -16.72
CA TYR B 140 -10.40 -0.78 -17.93
C TYR B 140 -10.18 -2.26 -17.62
N ASP B 141 -9.45 -2.58 -16.56
CA ASP B 141 -9.28 -3.99 -16.19
C ASP B 141 -10.56 -4.56 -15.58
N LEU B 142 -11.34 -3.74 -14.88
CA LEU B 142 -12.54 -4.23 -14.23
C LEU B 142 -13.72 -4.28 -15.18
N SER B 143 -14.13 -3.14 -15.70
CA SER B 143 -15.37 -3.02 -16.48
C SER B 143 -15.15 -2.02 -17.60
N PRO B 144 -14.84 -2.49 -18.82
CA PRO B 144 -14.69 -1.58 -19.96
C PRO B 144 -15.91 -0.72 -20.20
N PRO B 145 -17.14 -1.23 -20.00
CA PRO B 145 -18.30 -0.34 -20.19
C PRO B 145 -18.27 0.90 -19.32
N ALA B 146 -17.75 0.82 -18.09
CA ALA B 146 -17.65 2.01 -17.25
C ALA B 146 -16.76 3.06 -17.91
N ALA B 147 -15.59 2.63 -18.41
CA ALA B 147 -14.67 3.56 -19.06
C ALA B 147 -15.30 4.16 -20.31
N TRP B 148 -15.90 3.33 -21.15
CA TRP B 148 -16.46 3.84 -22.39
C TRP B 148 -17.67 4.75 -22.14
N SER B 149 -18.45 4.47 -21.10
CA SER B 149 -19.56 5.36 -20.76
C SER B 149 -19.05 6.69 -20.24
N ALA B 150 -18.01 6.67 -19.39
CA ALA B 150 -17.41 7.92 -18.94
C ALA B 150 -16.90 8.72 -20.12
N THR B 151 -16.26 8.05 -21.09
CA THR B 151 -15.75 8.74 -22.27
C THR B 151 -16.89 9.34 -23.09
N VAL B 152 -17.95 8.56 -23.33
CA VAL B 152 -19.01 9.04 -24.21
C VAL B 152 -19.77 10.20 -23.57
N VAL B 153 -19.88 10.23 -22.23
CA VAL B 153 -20.59 11.33 -21.60
C VAL B 153 -19.73 12.57 -21.39
N LEU B 154 -18.40 12.46 -21.52
CA LEU B 154 -17.55 13.64 -21.47
C LEU B 154 -17.29 14.23 -22.85
N ILE B 155 -17.69 13.54 -23.91
CA ILE B 155 -17.46 14.07 -25.26
C ILE B 155 -18.19 15.38 -25.51
N PRO B 156 -19.49 15.54 -25.16
CA PRO B 156 -20.16 16.82 -25.47
C PRO B 156 -19.53 18.04 -24.82
N VAL B 157 -19.13 17.94 -23.55
CA VAL B 157 -18.52 19.10 -22.91
C VAL B 157 -17.16 19.39 -23.53
N MET B 158 -16.43 18.35 -23.92
CA MET B 158 -15.18 18.55 -24.65
C MET B 158 -15.43 19.24 -25.99
N ILE B 159 -16.54 18.89 -26.64
CA ILE B 159 -16.91 19.55 -27.90
C ILE B 159 -17.17 21.02 -27.65
N ILE B 160 -17.88 21.35 -26.57
CA ILE B 160 -18.17 22.75 -26.26
C ILE B 160 -16.87 23.52 -26.00
N PHE B 161 -15.98 22.93 -25.20
CA PHE B 161 -14.71 23.58 -24.89
C PHE B 161 -13.88 23.80 -26.15
N MET B 162 -13.71 22.74 -26.96
CA MET B 162 -12.92 22.85 -28.17
C MET B 162 -13.56 23.79 -29.19
N ALA B 163 -14.89 23.93 -29.16
CA ALA B 163 -15.55 24.89 -30.03
C ALA B 163 -15.19 26.31 -29.63
N PHE B 164 -15.18 26.60 -28.34
CA PHE B 164 -14.74 27.92 -27.89
C PHE B 164 -13.26 28.15 -28.22
N ALA B 165 -12.43 27.12 -28.04
CA ALA B 165 -11.02 27.24 -28.39
C ALA B 165 -10.84 27.47 -29.88
N ILE B 166 -11.59 26.75 -30.72
CA ILE B 166 -11.49 26.93 -32.16
C ILE B 166 -12.00 28.31 -32.57
N HIS B 167 -13.02 28.82 -31.87
CA HIS B 167 -13.47 30.18 -32.10
C HIS B 167 -12.33 31.17 -31.84
N PHE B 168 -11.69 31.06 -30.69
CA PHE B 168 -10.62 31.99 -30.33
C PHE B 168 -9.36 31.77 -31.17
N TYR B 169 -9.22 30.61 -31.80
CA TYR B 169 -8.08 30.38 -32.69
C TYR B 169 -8.35 30.88 -34.09
N ARG B 170 -9.59 30.77 -34.57
CA ARG B 170 -9.97 31.44 -35.80
C ARG B 170 -9.89 32.95 -35.64
N SER B 171 -10.10 33.44 -34.41
CA SER B 171 -9.91 34.86 -34.09
C SER B 171 -8.60 35.10 -33.34
N LEU B 172 -7.56 34.30 -33.64
CA LEU B 172 -6.26 34.46 -33.00
C LEU B 172 -5.41 35.41 -33.84
N VAL B 173 -5.69 36.70 -33.68
CA VAL B 173 -4.97 37.77 -34.38
C VAL B 173 -5.02 37.56 -35.90
N ALA C 24 9.89 42.68 -1.49
CA ALA C 24 9.30 42.76 -2.83
C ALA C 24 8.61 41.45 -3.19
N LYS C 25 8.89 40.96 -4.39
CA LYS C 25 8.37 39.66 -4.84
C LYS C 25 9.11 38.49 -4.21
N LEU C 26 9.95 38.78 -3.21
CA LEU C 26 10.74 37.73 -2.57
C LEU C 26 9.87 36.74 -1.81
N LYS C 27 8.86 37.23 -1.10
CA LYS C 27 8.03 36.35 -0.28
C LYS C 27 7.25 35.36 -1.13
N ALA C 28 6.67 35.82 -2.23
CA ALA C 28 5.93 34.92 -3.12
C ALA C 28 6.85 33.87 -3.71
N SER C 29 8.05 34.28 -4.15
CA SER C 29 9.02 33.33 -4.68
C SER C 29 9.40 32.30 -3.64
N SER C 30 9.63 32.74 -2.39
CA SER C 30 9.96 31.82 -1.32
C SER C 30 8.85 30.80 -1.11
N LYS C 31 7.60 31.28 -1.02
CA LYS C 31 6.47 30.40 -0.80
C LYS C 31 6.36 29.37 -1.91
N THR C 32 6.36 29.82 -3.16
CA THR C 32 6.15 28.89 -4.27
C THR C 32 7.32 27.93 -4.41
N SER C 33 8.56 28.40 -4.19
CA SER C 33 9.71 27.52 -4.34
C SER C 33 9.74 26.47 -3.24
N ALA C 34 9.44 26.84 -2.00
CA ALA C 34 9.35 25.86 -0.94
C ALA C 34 8.25 24.84 -1.22
N LEU C 35 7.10 25.31 -1.71
CA LEU C 35 6.01 24.41 -2.03
C LEU C 35 6.42 23.40 -3.10
N LEU C 36 7.04 23.87 -4.17
CA LEU C 36 7.41 22.96 -5.26
C LEU C 36 8.52 22.01 -4.83
N SER C 37 9.46 22.49 -4.00
CA SER C 37 10.51 21.61 -3.50
C SER C 37 9.94 20.48 -2.67
N GLY C 38 9.09 20.82 -1.69
CA GLY C 38 8.46 19.78 -0.89
C GLY C 38 7.58 18.86 -1.71
N PHE C 39 6.91 19.42 -2.72
CA PHE C 39 6.10 18.61 -3.62
C PHE C 39 6.94 17.52 -4.29
N ALA C 40 8.05 17.92 -4.89
CA ALA C 40 8.93 16.93 -5.50
C ALA C 40 9.50 15.97 -4.47
N MET C 41 9.68 16.44 -3.22
CA MET C 41 10.21 15.57 -2.19
C MET C 41 9.26 14.44 -1.85
N VAL C 42 7.98 14.76 -1.60
CA VAL C 42 7.05 13.68 -1.28
C VAL C 42 6.80 12.80 -2.51
N ALA C 43 6.91 13.38 -3.71
CA ALA C 43 6.86 12.55 -4.91
C ALA C 43 8.00 11.54 -4.91
N MET C 44 9.22 11.98 -4.59
CA MET C 44 10.34 11.07 -4.48
C MET C 44 10.15 10.08 -3.34
N VAL C 45 9.37 10.46 -2.32
CA VAL C 45 9.05 9.53 -1.25
C VAL C 45 8.19 8.39 -1.78
N GLU C 46 7.16 8.73 -2.55
CA GLU C 46 6.24 7.71 -3.06
C GLU C 46 6.67 7.25 -4.46
N VAL C 47 7.87 6.66 -4.52
CA VAL C 47 8.32 5.93 -5.69
C VAL C 47 8.70 4.53 -5.25
N GLN C 48 8.06 3.53 -5.83
CA GLN C 48 8.26 2.14 -5.45
C GLN C 48 8.99 1.42 -6.59
N LEU C 49 10.18 0.94 -6.31
CA LEU C 49 11.00 0.26 -7.30
C LEU C 49 11.25 -1.18 -6.84
N ASP C 50 12.11 -1.87 -7.58
CA ASP C 50 12.37 -3.28 -7.34
C ASP C 50 13.78 -3.61 -7.82
N HIS C 51 14.33 -4.68 -7.27
CA HIS C 51 15.67 -5.10 -7.64
C HIS C 51 15.74 -5.70 -9.04
N ASP C 52 14.60 -5.95 -9.68
CA ASP C 52 14.55 -6.43 -11.06
C ASP C 52 14.07 -5.33 -12.01
N THR C 53 14.34 -4.07 -11.70
CA THR C 53 13.92 -2.98 -12.55
C THR C 53 14.78 -2.94 -13.82
N ASN C 54 14.22 -2.35 -14.87
CA ASN C 54 14.93 -2.17 -16.13
C ASN C 54 15.50 -0.77 -16.30
N VAL C 55 15.28 0.12 -15.33
CA VAL C 55 15.78 1.49 -15.47
C VAL C 55 17.30 1.48 -15.37
N PRO C 56 18.01 2.31 -16.13
CA PRO C 56 19.47 2.36 -15.98
C PRO C 56 19.85 2.90 -14.62
N PRO C 57 20.98 2.46 -14.06
CA PRO C 57 21.44 3.03 -12.79
C PRO C 57 21.72 4.51 -12.89
N GLY C 58 22.19 4.97 -14.06
CA GLY C 58 22.36 6.40 -14.26
C GLY C 58 21.08 7.17 -14.09
N MET C 59 19.94 6.56 -14.44
CA MET C 59 18.67 7.22 -14.23
C MET C 59 18.39 7.43 -12.74
N LEU C 60 18.66 6.43 -11.91
CA LEU C 60 18.47 6.60 -10.47
C LEU C 60 19.44 7.63 -9.91
N ILE C 61 20.68 7.62 -10.39
CA ILE C 61 21.64 8.62 -9.94
C ILE C 61 21.14 10.02 -10.28
N ALA C 62 20.67 10.20 -11.52
CA ALA C 62 20.16 11.49 -11.95
C ALA C 62 18.93 11.90 -11.14
N PHE C 63 18.06 10.92 -10.84
CA PHE C 63 16.91 11.17 -9.97
C PHE C 63 17.36 11.76 -8.64
N ALA C 64 18.30 11.10 -7.98
CA ALA C 64 18.77 11.56 -6.67
C ALA C 64 19.40 12.94 -6.77
N ILE C 65 20.28 13.13 -7.75
CA ILE C 65 20.99 14.40 -7.90
C ILE C 65 20.00 15.53 -8.15
N CYS C 66 19.05 15.30 -9.06
CA CYS C 66 18.09 16.33 -9.43
C CYS C 66 17.19 16.69 -8.25
N THR C 67 16.68 15.69 -7.53
CA THR C 67 15.82 15.98 -6.38
C THR C 67 16.57 16.76 -5.32
N THR C 68 17.78 16.32 -4.97
CA THR C 68 18.55 16.99 -3.93
C THR C 68 18.93 18.41 -4.36
N LEU C 69 19.29 18.58 -5.63
CA LEU C 69 19.64 19.91 -6.13
C LEU C 69 18.43 20.84 -6.10
N LEU C 70 17.26 20.33 -6.47
CA LEU C 70 16.05 21.15 -6.40
C LEU C 70 15.78 21.60 -4.98
N VAL C 71 15.89 20.67 -4.02
CA VAL C 71 15.68 21.03 -2.62
C VAL C 71 16.70 22.07 -2.18
N ALA C 72 17.97 21.87 -2.55
CA ALA C 72 19.02 22.80 -2.13
C ALA C 72 18.81 24.19 -2.71
N VAL C 73 18.40 24.27 -3.99
CA VAL C 73 18.19 25.56 -4.61
C VAL C 73 16.99 26.27 -3.99
N ALA C 74 15.91 25.53 -3.72
CA ALA C 74 14.78 26.15 -3.06
C ALA C 74 15.15 26.66 -1.67
N MET C 75 15.93 25.88 -0.92
CA MET C 75 16.35 26.31 0.41
C MET C 75 17.26 27.54 0.32
N LEU C 76 18.15 27.58 -0.67
CA LEU C 76 18.99 28.76 -0.85
C LEU C 76 18.14 29.98 -1.17
N ALA C 77 17.11 29.81 -2.00
CA ALA C 77 16.20 30.93 -2.27
C ALA C 77 15.50 31.39 -1.00
N LEU C 78 15.06 30.44 -0.17
CA LEU C 78 14.41 30.81 1.08
C LEU C 78 15.35 31.59 1.99
N MET C 79 16.60 31.13 2.10
CA MET C 79 17.58 31.81 2.94
C MET C 79 17.89 33.21 2.42
N ILE C 80 17.98 33.35 1.09
CA ILE C 80 18.22 34.66 0.51
C ILE C 80 17.04 35.59 0.79
N SER C 81 15.81 35.07 0.70
CA SER C 81 14.65 35.86 1.07
C SER C 81 14.71 36.28 2.54
N THR C 82 15.17 35.37 3.40
CA THR C 82 15.34 35.70 4.81
C THR C 82 16.45 36.72 5.05
N CYS C 83 17.42 36.81 4.14
CA CYS C 83 18.50 37.77 4.31
C CYS C 83 17.98 39.21 4.30
N ILE C 84 16.97 39.49 3.48
CA ILE C 84 16.38 40.82 3.41
C ILE C 84 15.49 41.06 4.62
N LEU C 108 24.81 47.44 -4.55
CA LEU C 108 25.18 46.12 -4.04
C LEU C 108 23.93 45.25 -3.85
N HIS C 109 22.78 45.91 -3.73
CA HIS C 109 21.52 45.19 -3.57
C HIS C 109 21.04 44.58 -4.89
N TRP C 110 21.44 45.17 -6.02
CA TRP C 110 21.03 44.65 -7.32
C TRP C 110 21.56 43.24 -7.55
N TYR C 111 22.79 42.98 -7.11
CA TYR C 111 23.34 41.63 -7.22
C TYR C 111 22.51 40.62 -6.44
N ILE C 112 22.07 41.00 -5.23
CA ILE C 112 21.26 40.11 -4.42
C ILE C 112 19.90 39.85 -5.08
N GLU C 113 19.29 40.91 -5.63
CA GLU C 113 18.00 40.74 -6.30
C GLU C 113 18.13 39.82 -7.52
N THR C 114 19.19 40.02 -8.31
CA THR C 114 19.40 39.17 -9.47
C THR C 114 19.67 37.74 -9.06
N ALA C 115 20.42 37.53 -7.97
CA ALA C 115 20.67 36.18 -7.47
C ALA C 115 19.37 35.52 -7.04
N TRP C 116 18.49 36.26 -6.36
CA TRP C 116 17.20 35.71 -5.96
C TRP C 116 16.36 35.30 -7.17
N ALA C 117 16.30 36.17 -8.18
CA ALA C 117 15.53 35.84 -9.37
C ALA C 117 16.12 34.63 -10.09
N PHE C 118 17.44 34.57 -10.19
CA PHE C 118 18.11 33.44 -10.83
C PHE C 118 17.86 32.15 -10.07
N SER C 119 17.85 32.23 -8.73
CA SER C 119 17.53 31.04 -7.93
C SER C 119 16.11 30.56 -8.20
N THR C 120 15.16 31.49 -8.31
CA THR C 120 13.80 31.09 -8.64
C THR C 120 13.75 30.43 -10.02
N LEU C 121 14.44 31.01 -11.00
CA LEU C 121 14.47 30.43 -12.34
C LEU C 121 15.05 29.02 -12.32
N LEU C 122 16.18 28.84 -11.64
CA LEU C 122 16.81 27.52 -11.60
C LEU C 122 15.96 26.52 -10.83
N GLY C 123 15.22 26.98 -9.82
CA GLY C 123 14.26 26.11 -9.17
C GLY C 123 13.20 25.61 -10.14
N LEU C 124 12.71 26.51 -11.00
CA LEU C 124 11.77 26.08 -12.03
C LEU C 124 12.40 25.07 -12.98
N ILE C 125 13.64 25.33 -13.40
CA ILE C 125 14.33 24.42 -14.32
C ILE C 125 14.41 23.02 -13.70
N LEU C 126 14.90 22.96 -12.46
CA LEU C 126 15.06 21.68 -11.79
C LEU C 126 13.72 21.00 -11.53
N PHE C 127 12.67 21.79 -11.27
CA PHE C 127 11.35 21.19 -11.06
C PHE C 127 10.86 20.52 -12.33
N LEU C 128 10.99 21.18 -13.47
CA LEU C 128 10.57 20.56 -14.73
C LEU C 128 11.40 19.32 -15.03
N LEU C 129 12.72 19.39 -14.83
CA LEU C 129 13.57 18.23 -15.09
C LEU C 129 13.21 17.08 -14.15
N GLU C 130 12.90 17.41 -12.89
CA GLU C 130 12.49 16.39 -11.93
C GLU C 130 11.20 15.73 -12.33
N ILE C 131 10.23 16.51 -12.81
CA ILE C 131 8.98 15.93 -13.29
C ILE C 131 9.24 14.97 -14.45
N ALA C 132 10.12 15.37 -15.36
CA ALA C 132 10.48 14.50 -16.47
C ALA C 132 11.08 13.19 -15.97
N ILE C 133 12.04 13.28 -15.06
CA ILE C 133 12.70 12.08 -14.54
C ILE C 133 11.70 11.20 -13.79
N LEU C 134 10.78 11.83 -13.06
CA LEU C 134 9.81 11.08 -12.28
C LEU C 134 8.85 10.31 -13.18
N CYS C 135 8.34 10.96 -14.22
CA CYS C 135 7.49 10.25 -15.17
C CYS C 135 8.26 9.12 -15.86
N TRP C 136 9.54 9.38 -16.20
CA TRP C 136 10.36 8.35 -16.80
C TRP C 136 10.47 7.12 -15.91
N VAL C 137 10.85 7.33 -14.64
CA VAL C 137 11.05 6.19 -13.75
C VAL C 137 9.72 5.53 -13.42
N LYS C 138 8.62 6.28 -13.49
CA LYS C 138 7.32 5.69 -13.19
C LYS C 138 6.85 4.79 -14.33
N PHE C 139 7.13 5.16 -15.57
CA PHE C 139 6.56 4.43 -16.70
C PHE C 139 7.53 3.49 -17.40
N TYR C 140 8.84 3.62 -17.16
CA TYR C 140 9.81 2.85 -17.95
C TYR C 140 9.66 1.35 -17.73
N ASP C 141 9.16 0.93 -16.58
CA ASP C 141 9.01 -0.49 -16.30
C ASP C 141 7.97 -1.15 -17.18
N LEU C 142 7.06 -0.37 -17.78
CA LEU C 142 6.01 -0.91 -18.64
C LEU C 142 6.18 -0.46 -20.09
N SER C 143 6.21 0.84 -20.34
CA SER C 143 6.23 1.40 -21.68
C SER C 143 7.41 2.34 -21.85
N PRO C 144 8.53 1.87 -22.40
CA PRO C 144 9.63 2.78 -22.76
C PRO C 144 9.17 3.89 -23.69
N PRO C 145 8.30 3.61 -24.68
CA PRO C 145 7.80 4.71 -25.51
C PRO C 145 7.09 5.80 -24.72
N ALA C 146 6.39 5.45 -23.64
CA ALA C 146 5.71 6.47 -22.83
C ALA C 146 6.73 7.44 -22.23
N ALA C 147 7.79 6.89 -21.63
CA ALA C 147 8.82 7.74 -21.03
C ALA C 147 9.52 8.57 -22.09
N TRP C 148 9.85 7.97 -23.24
CA TRP C 148 10.50 8.72 -24.30
C TRP C 148 9.60 9.85 -24.81
N SER C 149 8.30 9.58 -24.91
CA SER C 149 7.36 10.62 -25.33
C SER C 149 7.29 11.74 -24.30
N ALA C 150 7.32 11.39 -23.01
CA ALA C 150 7.35 12.43 -21.98
C ALA C 150 8.60 13.29 -22.12
N THR C 151 9.75 12.67 -22.41
CA THR C 151 10.96 13.45 -22.62
C THR C 151 10.80 14.39 -23.81
N VAL C 152 10.32 13.88 -24.95
CA VAL C 152 10.24 14.71 -26.14
C VAL C 152 9.15 15.77 -26.02
N VAL C 153 8.20 15.60 -25.10
CA VAL C 153 7.18 16.63 -24.90
C VAL C 153 7.60 17.68 -23.89
N LEU C 154 8.59 17.39 -23.05
CA LEU C 154 9.18 18.41 -22.17
C LEU C 154 10.44 19.04 -22.76
N ILE C 155 10.92 18.54 -23.91
CA ILE C 155 12.10 19.14 -24.53
C ILE C 155 11.90 20.60 -24.90
N PRO C 156 10.84 21.00 -25.61
CA PRO C 156 10.79 22.39 -26.12
C PRO C 156 10.73 23.45 -25.02
N VAL C 157 9.90 23.25 -23.99
CA VAL C 157 9.85 24.22 -22.89
C VAL C 157 11.18 24.25 -22.16
N MET C 158 11.87 23.11 -22.09
CA MET C 158 13.21 23.09 -21.51
C MET C 158 14.17 23.95 -22.32
N ILE C 159 14.08 23.86 -23.66
CA ILE C 159 14.91 24.72 -24.50
C ILE C 159 14.59 26.19 -24.25
N ILE C 160 13.29 26.50 -24.14
CA ILE C 160 12.88 27.89 -23.92
C ILE C 160 13.44 28.41 -22.61
N PHE C 161 13.38 27.61 -21.56
CA PHE C 161 13.85 28.07 -20.26
C PHE C 161 15.37 28.14 -20.21
N MET C 162 16.05 27.21 -20.87
CA MET C 162 17.51 27.28 -20.94
C MET C 162 17.96 28.54 -21.68
N ALA C 163 17.31 28.86 -22.80
CA ALA C 163 17.63 30.08 -23.52
C ALA C 163 17.34 31.32 -22.66
N PHE C 164 16.23 31.29 -21.91
CA PHE C 164 15.91 32.38 -21.01
C PHE C 164 16.94 32.47 -19.88
N ALA C 165 17.39 31.31 -19.38
CA ALA C 165 18.40 31.30 -18.31
C ALA C 165 19.73 31.86 -18.80
N ILE C 166 20.15 31.48 -20.02
CA ILE C 166 21.40 32.01 -20.57
C ILE C 166 21.32 33.51 -20.74
N HIS C 167 20.15 34.02 -21.16
CA HIS C 167 19.98 35.46 -21.37
C HIS C 167 20.18 36.23 -20.06
N PHE C 168 19.48 35.84 -19.01
CA PHE C 168 19.62 36.54 -17.74
C PHE C 168 21.00 36.33 -17.13
N TYR C 169 21.55 35.12 -17.26
CA TYR C 169 22.90 34.86 -16.75
C TYR C 169 23.93 35.72 -17.45
N ARG C 170 23.79 35.89 -18.77
CA ARG C 170 24.71 36.75 -19.51
C ARG C 170 24.60 38.20 -19.03
N SER C 171 23.38 38.66 -18.76
CA SER C 171 23.17 40.01 -18.23
C SER C 171 23.34 40.08 -16.73
N LEU C 172 23.62 38.97 -16.06
CA LEU C 172 23.85 38.96 -14.61
C LEU C 172 25.33 39.21 -14.37
N VAL C 173 25.67 40.49 -14.22
CA VAL C 173 27.05 40.92 -13.98
C VAL C 173 27.99 40.42 -15.07
N ALA D 24 7.30 41.54 12.98
CA ALA D 24 8.21 41.79 11.86
C ALA D 24 8.26 40.58 10.93
N LYS D 25 9.47 40.20 10.53
CA LYS D 25 9.67 39.02 9.69
C LYS D 25 9.42 37.73 10.43
N LEU D 26 9.12 37.80 11.73
CA LEU D 26 8.90 36.59 12.52
C LEU D 26 7.71 35.79 12.00
N LYS D 27 6.65 36.49 11.56
CA LYS D 27 5.48 35.79 11.04
C LYS D 27 5.83 34.97 9.80
N ALA D 28 6.52 35.59 8.85
CA ALA D 28 6.88 34.89 7.61
C ALA D 28 7.82 33.73 7.91
N SER D 29 8.83 33.95 8.75
CA SER D 29 9.77 32.89 9.08
C SER D 29 9.09 31.73 9.79
N SER D 30 8.19 32.04 10.73
CA SER D 30 7.45 30.99 11.42
C SER D 30 6.57 30.21 10.45
N LYS D 31 5.94 30.91 9.49
CA LYS D 31 5.14 30.21 8.50
C LYS D 31 5.99 29.28 7.65
N THR D 32 7.16 29.76 7.22
CA THR D 32 8.05 28.92 6.41
C THR D 32 8.50 27.68 7.20
N SER D 33 8.92 27.88 8.45
CA SER D 33 9.37 26.76 9.25
C SER D 33 8.24 25.78 9.52
N ALA D 34 7.03 26.28 9.78
CA ALA D 34 5.90 25.40 9.98
C ALA D 34 5.61 24.57 8.72
N LEU D 35 5.67 25.22 7.54
CA LEU D 35 5.44 24.48 6.29
C LEU D 35 6.50 23.41 6.10
N LEU D 36 7.76 23.77 6.31
CA LEU D 36 8.83 22.79 6.11
C LEU D 36 8.73 21.63 7.09
N SER D 37 8.41 21.93 8.35
CA SER D 37 8.26 20.87 9.34
C SER D 37 7.10 19.95 8.99
N GLY D 38 5.97 20.51 8.56
CA GLY D 38 4.87 19.70 8.10
C GLY D 38 5.21 18.85 6.89
N PHE D 39 6.12 19.32 6.04
CA PHE D 39 6.56 18.54 4.89
C PHE D 39 7.46 17.39 5.32
N ALA D 40 8.38 17.64 6.26
CA ALA D 40 9.20 16.55 6.78
C ALA D 40 8.35 15.50 7.50
N MET D 41 7.31 15.94 8.21
CA MET D 41 6.47 15.02 8.94
C MET D 41 5.65 14.13 8.00
N VAL D 42 5.00 14.74 7.00
CA VAL D 42 4.22 13.96 6.04
C VAL D 42 5.13 13.05 5.25
N ALA D 43 6.39 13.43 5.06
CA ALA D 43 7.35 12.52 4.46
C ALA D 43 7.60 11.33 5.37
N MET D 44 8.06 11.59 6.60
CA MET D 44 8.50 10.52 7.48
C MET D 44 7.38 9.54 7.81
N VAL D 45 6.13 10.02 7.88
CA VAL D 45 5.05 9.09 8.20
C VAL D 45 4.85 8.07 7.09
N GLU D 46 4.95 8.49 5.83
CA GLU D 46 4.76 7.62 4.68
C GLU D 46 6.10 7.15 4.13
N VAL D 47 6.83 6.40 4.94
CA VAL D 47 8.09 5.78 4.52
C VAL D 47 7.98 4.29 4.79
N GLN D 48 8.12 3.50 3.74
CA GLN D 48 8.08 2.05 3.86
C GLN D 48 9.47 1.54 4.23
N LEU D 49 9.56 0.82 5.34
CA LEU D 49 10.81 0.24 5.83
C LEU D 49 10.71 -1.28 5.78
N ASP D 50 11.82 -1.93 6.12
CA ASP D 50 11.87 -3.39 6.08
C ASP D 50 12.95 -3.86 7.04
N HIS D 51 12.71 -5.02 7.65
CA HIS D 51 13.70 -5.63 8.53
C HIS D 51 14.97 -6.04 7.80
N ASP D 52 14.92 -6.16 6.47
CA ASP D 52 16.07 -6.54 5.67
C ASP D 52 16.91 -5.36 5.22
N THR D 53 16.58 -4.15 5.68
CA THR D 53 17.27 -2.95 5.20
C THR D 53 18.75 -2.99 5.57
N ASN D 54 19.58 -2.45 4.68
CA ASN D 54 21.02 -2.42 4.86
C ASN D 54 21.53 -1.11 5.45
N VAL D 55 20.65 -0.16 5.75
CA VAL D 55 21.13 1.13 6.27
C VAL D 55 21.77 0.90 7.64
N PRO D 56 22.90 1.53 7.93
CA PRO D 56 23.44 1.49 9.29
C PRO D 56 22.42 2.07 10.26
N PRO D 57 22.26 1.45 11.43
CA PRO D 57 21.25 1.97 12.39
C PRO D 57 21.49 3.42 12.76
N GLY D 58 22.73 3.90 12.63
CA GLY D 58 22.97 5.33 12.78
C GLY D 58 22.18 6.16 11.80
N MET D 59 21.91 5.63 10.60
CA MET D 59 21.09 6.36 9.65
C MET D 59 19.67 6.52 10.15
N LEU D 60 19.08 5.46 10.70
CA LEU D 60 17.74 5.57 11.27
C LEU D 60 17.73 6.50 12.47
N ILE D 61 18.76 6.43 13.31
CA ILE D 61 18.85 7.31 14.47
C ILE D 61 18.91 8.76 14.02
N ALA D 62 19.74 9.05 13.01
CA ALA D 62 19.85 10.41 12.50
C ALA D 62 18.57 10.87 11.83
N PHE D 63 17.86 9.97 11.15
CA PHE D 63 16.58 10.32 10.56
C PHE D 63 15.58 10.74 11.63
N ALA D 64 15.46 9.93 12.67
CA ALA D 64 14.56 10.27 13.77
C ALA D 64 14.96 11.58 14.42
N ILE D 65 16.24 11.74 14.70
CA ILE D 65 16.73 12.96 15.36
C ILE D 65 16.44 14.17 14.50
N CYS D 66 16.71 14.09 13.20
CA CYS D 66 16.52 15.23 12.31
C CYS D 66 15.05 15.62 12.22
N THR D 67 14.17 14.64 12.00
CA THR D 67 12.74 14.96 11.88
C THR D 67 12.20 15.54 13.19
N THR D 68 12.52 14.90 14.31
CA THR D 68 12.03 15.37 15.60
C THR D 68 12.58 16.76 15.92
N LEU D 69 13.86 16.99 15.64
CA LEU D 69 14.44 18.29 15.92
C LEU D 69 13.84 19.37 15.03
N LEU D 70 13.55 19.04 13.76
CA LEU D 70 12.92 20.01 12.88
C LEU D 70 11.56 20.42 13.40
N VAL D 71 10.72 19.43 13.74
CA VAL D 71 9.38 19.78 14.22
C VAL D 71 9.46 20.50 15.56
N ALA D 72 10.39 20.11 16.43
CA ALA D 72 10.55 20.77 17.72
C ALA D 72 10.97 22.22 17.53
N VAL D 73 11.92 22.48 16.64
CA VAL D 73 12.39 23.83 16.42
C VAL D 73 11.29 24.69 15.78
N ALA D 74 10.54 24.12 14.84
CA ALA D 74 9.44 24.86 14.24
C ALA D 74 8.40 25.25 15.29
N MET D 75 8.03 24.29 16.15
CA MET D 75 7.04 24.59 17.19
C MET D 75 7.58 25.60 18.18
N LEU D 76 8.85 25.48 18.57
CA LEU D 76 9.46 26.44 19.48
C LEU D 76 9.45 27.84 18.88
N ALA D 77 9.80 27.96 17.61
CA ALA D 77 9.79 29.26 16.95
C ALA D 77 8.38 29.83 16.91
N LEU D 78 7.39 29.01 16.56
CA LEU D 78 6.01 29.49 16.51
C LEU D 78 5.57 29.99 17.89
N MET D 79 5.86 29.21 18.93
CA MET D 79 5.45 29.59 20.28
C MET D 79 6.13 30.88 20.71
N ILE D 80 7.45 30.99 20.49
CA ILE D 80 8.18 32.18 20.92
C ILE D 80 7.70 33.40 20.14
N SER D 81 7.38 33.22 18.86
CA SER D 81 6.94 34.37 18.05
C SER D 81 5.55 34.83 18.46
N THR D 82 4.61 33.91 18.66
CA THR D 82 3.24 34.30 18.97
C THR D 82 3.02 34.55 20.46
N CYS D 83 3.99 34.28 21.31
CA CYS D 83 3.83 34.52 22.75
C CYS D 83 4.27 35.92 23.17
N ILE D 84 4.86 36.69 22.26
CA ILE D 84 5.32 38.04 22.60
C ILE D 84 4.15 39.01 22.56
N LEU D 108 19.08 41.98 25.18
CA LEU D 108 18.39 40.77 25.60
C LEU D 108 17.24 40.43 24.67
N HIS D 109 16.48 41.46 24.28
CA HIS D 109 15.38 41.25 23.34
C HIS D 109 15.90 41.05 21.92
N TRP D 110 16.89 41.85 21.52
CA TRP D 110 17.52 41.62 20.22
C TRP D 110 18.23 40.28 20.19
N TYR D 111 18.67 39.79 21.35
CA TYR D 111 19.17 38.42 21.43
C TYR D 111 18.09 37.42 21.08
N ILE D 112 16.86 37.65 21.54
CA ILE D 112 15.75 36.76 21.21
C ILE D 112 15.43 36.84 19.72
N GLU D 113 15.51 38.04 19.14
CA GLU D 113 15.30 38.16 17.69
C GLU D 113 16.38 37.42 16.90
N THR D 114 17.64 37.53 17.34
CA THR D 114 18.71 36.77 16.70
C THR D 114 18.47 35.27 16.87
N ALA D 115 17.92 34.87 18.02
CA ALA D 115 17.57 33.46 18.20
C ALA D 115 16.47 33.03 17.24
N TRP D 116 15.51 33.92 16.97
CA TRP D 116 14.48 33.63 15.97
C TRP D 116 15.09 33.41 14.60
N ALA D 117 16.01 34.29 14.20
CA ALA D 117 16.68 34.13 12.90
C ALA D 117 17.50 32.83 12.87
N PHE D 118 18.18 32.52 13.97
CA PHE D 118 18.91 31.27 14.08
C PHE D 118 17.98 30.08 13.94
N SER D 119 16.79 30.15 14.54
CA SER D 119 15.81 29.08 14.42
C SER D 119 15.38 28.90 12.97
N THR D 120 15.16 30.00 12.25
CA THR D 120 14.80 29.89 10.84
C THR D 120 15.90 29.22 10.04
N LEU D 121 17.14 29.67 10.22
CA LEU D 121 18.26 29.09 9.47
C LEU D 121 18.47 27.62 9.82
N LEU D 122 18.32 27.28 11.10
CA LEU D 122 18.49 25.89 11.51
C LEU D 122 17.37 25.02 10.96
N GLY D 123 16.15 25.56 10.87
CA GLY D 123 15.09 24.82 10.21
C GLY D 123 15.42 24.53 8.77
N LEU D 124 15.97 25.52 8.06
CA LEU D 124 16.39 25.30 6.67
C LEU D 124 17.44 24.20 6.58
N ILE D 125 18.50 24.30 7.41
CA ILE D 125 19.59 23.33 7.34
C ILE D 125 19.10 21.94 7.71
N LEU D 126 18.23 21.86 8.73
CA LEU D 126 17.68 20.56 9.12
C LEU D 126 16.81 19.98 8.02
N PHE D 127 16.08 20.81 7.29
CA PHE D 127 15.31 20.28 6.17
C PHE D 127 16.24 19.73 5.10
N LEU D 128 17.35 20.42 4.83
CA LEU D 128 18.32 19.91 3.85
C LEU D 128 18.87 18.55 4.29
N LEU D 129 19.30 18.46 5.54
CA LEU D 129 19.83 17.19 6.04
C LEU D 129 18.74 16.11 6.07
N GLU D 130 17.49 16.50 6.31
CA GLU D 130 16.39 15.56 6.25
C GLU D 130 16.24 14.99 4.85
N ILE D 131 16.34 15.84 3.83
CA ILE D 131 16.27 15.35 2.45
C ILE D 131 17.42 14.40 2.17
N ALA D 132 18.61 14.75 2.63
CA ALA D 132 19.78 13.89 2.44
C ALA D 132 19.53 12.50 3.03
N ILE D 133 19.18 12.45 4.32
CA ILE D 133 18.98 11.18 5.00
C ILE D 133 17.80 10.42 4.40
N LEU D 134 16.79 11.15 3.94
CA LEU D 134 15.61 10.51 3.37
C LEU D 134 15.95 9.79 2.06
N CYS D 135 16.62 10.49 1.14
CA CYS D 135 17.03 9.85 -0.09
C CYS D 135 18.00 8.70 0.18
N TRP D 136 18.85 8.86 1.19
CA TRP D 136 19.78 7.79 1.56
C TRP D 136 19.02 6.54 2.00
N VAL D 137 18.11 6.69 2.96
CA VAL D 137 17.38 5.54 3.48
C VAL D 137 16.40 5.01 2.45
N LYS D 138 16.10 5.80 1.42
CA LYS D 138 15.22 5.31 0.36
C LYS D 138 15.98 4.47 -0.66
N PHE D 139 17.19 4.89 -1.02
CA PHE D 139 17.91 4.27 -2.14
C PHE D 139 19.05 3.35 -1.72
N TYR D 140 19.38 3.26 -0.43
CA TYR D 140 20.58 2.51 -0.06
C TYR D 140 20.44 1.02 -0.34
N ASP D 141 19.23 0.49 -0.29
CA ASP D 141 19.04 -0.93 -0.62
C ASP D 141 19.20 -1.18 -2.11
N LEU D 142 18.80 -0.21 -2.95
CA LEU D 142 18.87 -0.40 -4.39
C LEU D 142 20.26 -0.12 -4.94
N SER D 143 20.73 1.12 -4.82
CA SER D 143 21.96 1.57 -5.45
C SER D 143 22.69 2.53 -4.51
N PRO D 144 23.68 2.03 -3.76
CA PRO D 144 24.46 2.91 -2.88
C PRO D 144 25.11 4.07 -3.62
N PRO D 145 25.58 3.89 -4.86
CA PRO D 145 26.14 5.05 -5.57
C PRO D 145 25.18 6.21 -5.72
N ALA D 146 23.87 5.95 -5.89
CA ALA D 146 22.92 7.05 -5.96
C ALA D 146 22.92 7.86 -4.67
N ALA D 147 22.88 7.16 -3.53
CA ALA D 147 22.87 7.85 -2.24
C ALA D 147 24.16 8.63 -2.03
N TRP D 148 25.31 8.02 -2.32
CA TRP D 148 26.58 8.70 -2.08
C TRP D 148 26.77 9.87 -3.03
N SER D 149 26.27 9.77 -4.27
CA SER D 149 26.34 10.89 -5.18
C SER D 149 25.44 12.03 -4.72
N ALA D 150 24.22 11.71 -4.27
CA ALA D 150 23.36 12.75 -3.71
C ALA D 150 24.04 13.44 -2.54
N THR D 151 24.68 12.66 -1.67
CA THR D 151 25.38 13.24 -0.52
C THR D 151 26.53 14.14 -0.96
N VAL D 152 27.35 13.67 -1.90
CA VAL D 152 28.52 14.44 -2.28
C VAL D 152 28.14 15.72 -3.00
N VAL D 153 27.02 15.73 -3.73
CA VAL D 153 26.63 16.97 -4.42
C VAL D 153 25.86 17.93 -3.52
N LEU D 154 25.38 17.49 -2.36
CA LEU D 154 24.75 18.40 -1.41
C LEU D 154 25.74 18.96 -0.40
N ILE D 155 26.97 18.43 -0.37
CA ILE D 155 27.95 18.93 0.59
C ILE D 155 28.30 20.40 0.36
N PRO D 156 28.58 20.87 -0.86
CA PRO D 156 28.96 22.28 -1.02
C PRO D 156 27.92 23.27 -0.55
N VAL D 157 26.63 23.04 -0.85
CA VAL D 157 25.61 23.98 -0.40
C VAL D 157 25.47 23.94 1.11
N MET D 158 25.65 22.75 1.71
CA MET D 158 25.67 22.66 3.17
C MET D 158 26.85 23.43 3.74
N ILE D 159 28.00 23.40 3.04
CA ILE D 159 29.15 24.18 3.48
C ILE D 159 28.83 25.66 3.45
N ILE D 160 28.16 26.11 2.38
CA ILE D 160 27.81 27.54 2.28
C ILE D 160 26.87 27.92 3.41
N PHE D 161 25.84 27.11 3.66
CA PHE D 161 24.89 27.40 4.73
C PHE D 161 25.57 27.44 6.09
N MET D 162 26.37 26.41 6.40
CA MET D 162 27.05 26.35 7.69
C MET D 162 28.08 27.46 7.83
N ALA D 163 28.65 27.93 6.71
CA ALA D 163 29.57 29.06 6.78
C ALA D 163 28.83 30.33 7.19
N PHE D 164 27.64 30.56 6.63
CA PHE D 164 26.84 31.71 7.06
C PHE D 164 26.42 31.56 8.51
N ALA D 165 26.04 30.35 8.93
CA ALA D 165 25.67 30.11 10.32
C ALA D 165 26.85 30.34 11.25
N ILE D 166 28.04 29.86 10.87
CA ILE D 166 29.23 30.07 11.69
C ILE D 166 29.60 31.54 11.73
N HIS D 167 29.40 32.27 10.64
CA HIS D 167 29.59 33.71 10.65
C HIS D 167 28.68 34.37 11.69
N PHE D 168 27.40 34.06 11.66
CA PHE D 168 26.46 34.67 12.59
C PHE D 168 26.63 34.16 14.01
N TYR D 169 27.29 33.02 14.20
CA TYR D 169 27.58 32.54 15.55
C TYR D 169 28.86 33.14 16.11
N ARG D 170 29.86 33.37 15.26
CA ARG D 170 31.01 34.16 15.68
C ARG D 170 30.60 35.59 15.98
N SER D 171 29.54 36.08 15.32
CA SER D 171 28.95 37.38 15.61
C SER D 171 27.66 37.26 16.41
N LEU D 172 27.56 36.24 17.26
CA LEU D 172 26.38 36.02 18.10
C LEU D 172 26.57 36.76 19.43
N VAL D 173 26.37 38.07 19.38
CA VAL D 173 26.48 38.95 20.54
C VAL D 173 27.85 38.81 21.19
N ALA E 24 -10.20 38.96 17.90
CA ALA E 24 -8.79 39.24 18.08
C ALA E 24 -7.94 38.15 17.41
N LYS E 25 -6.95 37.64 18.14
CA LYS E 25 -6.11 36.55 17.66
C LYS E 25 -6.82 35.20 17.73
N LEU E 26 -8.12 35.23 18.01
CA LEU E 26 -8.89 34.00 18.15
C LEU E 26 -8.99 33.23 16.84
N LYS E 27 -9.21 33.94 15.73
CA LYS E 27 -9.40 33.26 14.45
C LYS E 27 -8.14 32.53 14.00
N ALA E 28 -6.98 33.18 14.15
CA ALA E 28 -5.72 32.53 13.78
C ALA E 28 -5.48 31.29 14.64
N SER E 29 -5.73 31.40 15.94
CA SER E 29 -5.57 30.26 16.83
C SER E 29 -6.50 29.13 16.44
N SER E 30 -7.74 29.45 16.10
CA SER E 30 -8.70 28.43 15.67
C SER E 30 -8.20 27.73 14.41
N LYS E 31 -7.77 28.50 13.41
CA LYS E 31 -7.30 27.93 12.16
C LYS E 31 -6.11 27.00 12.41
N THR E 32 -5.09 27.48 13.13
CA THR E 32 -3.89 26.68 13.31
C THR E 32 -4.16 25.45 14.17
N SER E 33 -5.01 25.59 15.21
CA SER E 33 -5.29 24.46 16.07
C SER E 33 -6.09 23.39 15.34
N ALA E 34 -7.09 23.79 14.54
CA ALA E 34 -7.82 22.81 13.75
C ALA E 34 -6.90 22.12 12.75
N LEU E 35 -6.00 22.88 12.11
CA LEU E 35 -5.07 22.29 11.16
C LEU E 35 -4.18 21.26 11.83
N LEU E 36 -3.61 21.60 12.98
CA LEU E 36 -2.70 20.66 13.65
C LEU E 36 -3.46 19.45 14.17
N SER E 37 -4.68 19.64 14.66
CA SER E 37 -5.47 18.51 15.12
C SER E 37 -5.75 17.53 13.99
N GLY E 38 -6.25 18.04 12.87
CA GLY E 38 -6.50 17.17 11.73
C GLY E 38 -5.23 16.53 11.20
N PHE E 39 -4.12 17.27 11.25
CA PHE E 39 -2.83 16.73 10.84
C PHE E 39 -2.48 15.49 11.65
N ALA E 40 -2.54 15.61 12.98
CA ALA E 40 -2.27 14.46 13.82
C ALA E 40 -3.28 13.36 13.60
N MET E 41 -4.51 13.71 13.23
CA MET E 41 -5.54 12.70 13.00
C MET E 41 -5.20 11.83 11.78
N VAL E 42 -4.87 12.45 10.65
CA VAL E 42 -4.54 11.64 9.48
C VAL E 42 -3.22 10.91 9.70
N ALA E 43 -2.32 11.47 10.50
CA ALA E 43 -1.13 10.73 10.89
C ALA E 43 -1.50 9.46 11.64
N MET E 44 -2.42 9.57 12.60
CA MET E 44 -2.91 8.40 13.32
C MET E 44 -3.66 7.45 12.39
N VAL E 45 -4.23 7.98 11.31
CA VAL E 45 -4.86 7.13 10.32
C VAL E 45 -3.83 6.26 9.61
N GLU E 46 -2.72 6.87 9.19
CA GLU E 46 -1.68 6.14 8.46
C GLU E 46 -0.60 5.63 9.42
N VAL E 47 -1.03 4.77 10.34
CA VAL E 47 -0.11 3.99 11.15
C VAL E 47 -0.46 2.52 10.97
N GLN E 48 0.51 1.73 10.52
CA GLN E 48 0.30 0.33 10.22
C GLN E 48 1.06 -0.51 11.23
N LEU E 49 0.33 -1.29 12.02
CA LEU E 49 0.91 -2.13 13.05
C LEU E 49 0.62 -3.59 12.76
N ASP E 50 0.97 -4.45 13.70
CA ASP E 50 0.87 -5.88 13.51
C ASP E 50 0.66 -6.54 14.87
N HIS E 51 0.10 -7.74 14.86
CA HIS E 51 -0.15 -8.48 16.09
C HIS E 51 1.13 -9.02 16.71
N ASP E 52 2.26 -8.95 16.00
CA ASP E 52 3.55 -9.35 16.55
C ASP E 52 4.45 -8.14 16.83
N THR E 53 3.83 -7.00 17.16
CA THR E 53 4.61 -5.80 17.46
C THR E 53 5.30 -5.94 18.82
N ASN E 54 6.39 -5.19 18.99
CA ASN E 54 7.11 -5.15 20.24
C ASN E 54 6.78 -3.95 21.08
N VAL E 55 5.91 -3.06 20.61
CA VAL E 55 5.58 -1.86 21.39
C VAL E 55 4.78 -2.26 22.61
N PRO E 56 4.97 -1.61 23.76
CA PRO E 56 4.16 -1.93 24.93
C PRO E 56 2.70 -1.55 24.69
N PRO E 57 1.76 -2.30 25.28
CA PRO E 57 0.35 -1.89 25.15
C PRO E 57 0.08 -0.53 25.75
N GLY E 58 0.80 -0.17 26.81
CA GLY E 58 0.67 1.17 27.35
C GLY E 58 1.01 2.24 26.34
N MET E 59 1.94 1.96 25.43
CA MET E 59 2.26 2.91 24.37
C MET E 59 1.06 3.14 23.45
N LEU E 60 0.37 2.06 23.06
CA LEU E 60 -0.82 2.22 22.23
C LEU E 60 -1.92 2.95 22.98
N ILE E 61 -2.10 2.64 24.26
CA ILE E 61 -3.09 3.35 25.06
C ILE E 61 -2.77 4.84 25.10
N ALA E 62 -1.50 5.18 25.34
CA ALA E 62 -1.09 6.58 25.39
C ALA E 62 -1.28 7.24 24.03
N PHE E 63 -0.99 6.52 22.94
CA PHE E 63 -1.24 7.03 21.60
C PHE E 63 -2.70 7.44 21.44
N ALA E 64 -3.61 6.52 21.78
CA ALA E 64 -5.04 6.81 21.62
C ALA E 64 -5.46 7.99 22.49
N ILE E 65 -5.05 7.98 23.76
CA ILE E 65 -5.46 9.03 24.68
C ILE E 65 -4.94 10.39 24.19
N CYS E 66 -3.67 10.43 23.79
CA CYS E 66 -3.07 11.68 23.37
C CYS E 66 -3.72 12.22 22.11
N THR E 67 -3.96 11.36 21.12
CA THR E 67 -4.59 11.82 19.89
C THR E 67 -5.99 12.34 20.15
N THR E 68 -6.79 11.59 20.91
CA THR E 68 -8.16 12.01 21.18
C THR E 68 -8.18 13.30 22.02
N LEU E 69 -7.28 13.43 22.99
CA LEU E 69 -7.22 14.64 23.79
C LEU E 69 -6.81 15.84 22.95
N LEU E 70 -5.86 15.66 22.03
CA LEU E 70 -5.48 16.76 21.14
C LEU E 70 -6.67 17.21 20.30
N VAL E 71 -7.41 16.24 19.73
CA VAL E 71 -8.58 16.59 18.95
C VAL E 71 -9.60 17.33 19.80
N ALA E 72 -9.85 16.83 21.01
CA ALA E 72 -10.85 17.44 21.88
C ALA E 72 -10.45 18.86 22.27
N VAL E 73 -9.18 19.08 22.58
CA VAL E 73 -8.73 20.41 22.98
C VAL E 73 -8.81 21.39 21.80
N ALA E 74 -8.43 20.93 20.60
CA ALA E 74 -8.57 21.79 19.43
C ALA E 74 -10.03 22.14 19.18
N MET E 75 -10.92 21.17 19.31
CA MET E 75 -12.34 21.43 19.10
C MET E 75 -12.89 22.38 20.15
N LEU E 76 -12.45 22.23 21.41
CA LEU E 76 -12.87 23.16 22.44
C LEU E 76 -12.39 24.57 22.14
N ALA E 77 -11.16 24.70 21.64
CA ALA E 77 -10.66 26.01 21.23
C ALA E 77 -11.51 26.60 20.10
N LEU E 78 -11.88 25.77 19.12
CA LEU E 78 -12.72 26.25 18.03
C LEU E 78 -14.07 26.73 18.55
N MET E 79 -14.68 25.96 19.45
CA MET E 79 -15.98 26.34 19.99
C MET E 79 -15.89 27.63 20.81
N ILE E 80 -14.80 27.80 21.57
CA ILE E 80 -14.60 29.02 22.32
C ILE E 80 -14.44 30.21 21.38
N SER E 81 -13.70 30.02 20.28
CA SER E 81 -13.60 31.07 19.27
C SER E 81 -14.97 31.41 18.68
N THR E 82 -15.80 30.38 18.46
CA THR E 82 -17.16 30.59 17.98
C THR E 82 -18.05 31.29 19.00
N CYS E 83 -17.72 31.17 20.30
CA CYS E 83 -18.52 31.83 21.32
C CYS E 83 -18.50 33.33 21.18
N ILE E 84 -17.35 33.89 20.80
CA ILE E 84 -17.23 35.33 20.60
C ILE E 84 -17.90 35.75 19.29
N LEU E 108 -15.29 39.87 32.99
CA LEU E 108 -15.70 38.49 32.79
C LEU E 108 -15.15 37.96 31.47
N HIS E 109 -14.82 38.88 30.56
CA HIS E 109 -14.25 38.50 29.27
C HIS E 109 -12.80 38.08 29.40
N TRP E 110 -12.09 38.58 30.41
CA TRP E 110 -10.68 38.23 30.60
C TRP E 110 -10.52 36.74 30.88
N TYR E 111 -11.43 36.16 31.64
CA TYR E 111 -11.39 34.73 31.89
C TYR E 111 -11.51 33.94 30.59
N ILE E 112 -12.42 34.37 29.71
CA ILE E 112 -12.60 33.68 28.44
C ILE E 112 -11.35 33.81 27.56
N GLU E 113 -10.76 35.01 27.52
CA GLU E 113 -9.54 35.19 26.74
C GLU E 113 -8.40 34.32 27.26
N THR E 114 -8.23 34.27 28.59
CA THR E 114 -7.19 33.43 29.17
C THR E 114 -7.46 31.95 28.90
N ALA E 115 -8.72 31.54 28.96
CA ALA E 115 -9.05 30.15 28.64
C ALA E 115 -8.72 29.82 27.19
N TRP E 116 -9.01 30.74 26.28
CA TRP E 116 -8.67 30.53 24.86
C TRP E 116 -7.17 30.38 24.67
N ALA E 117 -6.40 31.28 25.29
CA ALA E 117 -4.94 31.20 25.17
C ALA E 117 -4.41 29.90 25.78
N PHE E 118 -4.94 29.51 26.94
CA PHE E 118 -4.52 28.27 27.58
C PHE E 118 -4.87 27.06 26.73
N SER E 119 -6.02 27.09 26.07
CA SER E 119 -6.39 26.00 25.17
C SER E 119 -5.42 25.90 24.01
N THR E 120 -5.02 27.04 23.44
CA THR E 120 -4.02 27.02 22.38
C THR E 120 -2.70 26.43 22.88
N LEU E 121 -2.27 26.86 24.07
CA LEU E 121 -1.03 26.34 24.63
C LEU E 121 -1.09 24.83 24.82
N LEU E 122 -2.18 24.34 25.41
CA LEU E 122 -2.31 22.90 25.65
C LEU E 122 -2.42 22.13 24.35
N GLY E 123 -3.03 22.72 23.32
CA GLY E 123 -3.01 22.10 22.00
C GLY E 123 -1.60 21.93 21.49
N LEU E 124 -0.75 22.95 21.69
CA LEU E 124 0.65 22.82 21.30
C LEU E 124 1.35 21.71 22.11
N ILE E 125 1.08 21.66 23.41
CA ILE E 125 1.69 20.63 24.26
C ILE E 125 1.34 19.24 23.74
N LEU E 126 0.04 19.01 23.53
CA LEU E 126 -0.42 17.71 23.07
C LEU E 126 0.09 17.39 21.67
N PHE E 127 0.23 18.40 20.82
CA PHE E 127 0.76 18.16 19.48
C PHE E 127 2.20 17.67 19.55
N LEU E 128 3.03 18.32 20.36
CA LEU E 128 4.42 17.87 20.50
C LEU E 128 4.48 16.47 21.10
N LEU E 129 3.70 16.23 22.14
CA LEU E 129 3.70 14.89 22.74
C LEU E 129 3.23 13.85 21.74
N GLU E 130 2.22 14.18 20.92
CA GLU E 130 1.73 13.26 19.90
C GLU E 130 2.79 12.97 18.86
N ILE E 131 3.55 13.98 18.44
CA ILE E 131 4.63 13.74 17.49
C ILE E 131 5.67 12.80 18.10
N ALA E 132 5.99 13.00 19.37
CA ALA E 132 6.92 12.10 20.05
C ALA E 132 6.40 10.66 20.04
N ILE E 133 5.15 10.47 20.42
CA ILE E 133 4.57 9.13 20.48
C ILE E 133 4.52 8.51 19.08
N LEU E 134 4.22 9.32 18.07
CA LEU E 134 4.13 8.81 16.71
C LEU E 134 5.48 8.35 16.19
N CYS E 135 6.52 9.14 16.41
CA CYS E 135 7.86 8.71 16.01
C CYS E 135 8.26 7.45 16.77
N TRP E 136 7.92 7.39 18.07
CA TRP E 136 8.22 6.20 18.86
C TRP E 136 7.59 4.96 18.26
N VAL E 137 6.27 5.01 18.00
CA VAL E 137 5.58 3.83 17.49
C VAL E 137 6.01 3.51 16.07
N LYS E 138 6.47 4.52 15.32
CA LYS E 138 6.92 4.28 13.96
C LYS E 138 8.27 3.56 13.94
N PHE E 139 9.17 3.89 14.86
CA PHE E 139 10.52 3.37 14.80
C PHE E 139 10.82 2.24 15.77
N TYR E 140 9.98 2.02 16.78
CA TYR E 140 10.33 1.06 17.83
C TYR E 140 10.45 -0.35 17.30
N ASP E 141 9.73 -0.67 16.22
CA ASP E 141 9.78 -2.02 15.66
C ASP E 141 11.15 -2.36 15.08
N LEU E 142 11.98 -1.36 14.77
CA LEU E 142 13.30 -1.58 14.21
C LEU E 142 14.41 -1.14 15.14
N SER E 143 14.40 0.13 15.56
CA SER E 143 15.48 0.71 16.36
C SER E 143 14.92 1.32 17.63
N PRO E 144 14.94 0.60 18.74
CA PRO E 144 14.60 1.21 20.03
C PRO E 144 15.46 2.44 20.33
N PRO E 145 16.76 2.42 20.03
CA PRO E 145 17.55 3.65 20.24
C PRO E 145 17.03 4.85 19.47
N ALA E 146 16.48 4.65 18.27
CA ALA E 146 15.94 5.78 17.52
C ALA E 146 14.78 6.43 18.27
N ALA E 147 13.84 5.62 18.76
CA ALA E 147 12.71 6.16 19.51
C ALA E 147 13.17 6.82 20.81
N TRP E 148 14.11 6.19 21.51
CA TRP E 148 14.61 6.80 22.75
C TRP E 148 15.30 8.13 22.47
N SER E 149 16.05 8.21 21.36
CA SER E 149 16.68 9.46 20.99
C SER E 149 15.65 10.52 20.66
N ALA E 150 14.57 10.14 19.98
CA ALA E 150 13.50 11.08 19.70
C ALA E 150 12.90 11.62 21.00
N THR E 151 12.70 10.73 21.98
CA THR E 151 12.20 11.18 23.28
C THR E 151 13.16 12.18 23.92
N VAL E 152 14.45 11.84 23.97
CA VAL E 152 15.40 12.71 24.65
C VAL E 152 15.72 13.97 23.86
N VAL E 153 15.23 14.08 22.62
CA VAL E 153 15.46 15.29 21.85
C VAL E 153 14.21 16.17 21.92
N LEU E 154 13.07 15.61 22.29
CA LEU E 154 11.88 16.42 22.56
C LEU E 154 11.69 16.73 24.04
N ILE E 155 12.54 16.17 24.92
CA ILE E 155 12.43 16.46 26.34
C ILE E 155 12.62 17.94 26.66
N PRO E 156 13.68 18.63 26.19
CA PRO E 156 13.92 20.00 26.67
C PRO E 156 12.84 20.99 26.31
N VAL E 157 12.37 20.98 25.05
CA VAL E 157 11.28 21.88 24.67
C VAL E 157 10.02 21.55 25.44
N MET E 158 9.80 20.27 25.75
CA MET E 158 8.67 19.90 26.59
C MET E 158 8.80 20.50 27.98
N ILE E 159 10.01 20.49 28.56
CA ILE E 159 10.23 21.14 29.84
C ILE E 159 9.93 22.63 29.74
N ILE E 160 10.39 23.26 28.67
CA ILE E 160 10.19 24.69 28.49
C ILE E 160 8.70 25.02 28.43
N PHE E 161 7.94 24.22 27.68
CA PHE E 161 6.51 24.49 27.53
C PHE E 161 5.74 24.18 28.80
N MET E 162 6.15 23.13 29.53
CA MET E 162 5.51 22.83 30.81
C MET E 162 5.75 23.95 31.81
N ALA E 163 6.97 24.48 31.87
CA ALA E 163 7.26 25.60 32.75
C ALA E 163 6.46 26.83 32.33
N PHE E 164 6.34 27.06 31.01
CA PHE E 164 5.52 28.16 30.54
C PHE E 164 4.05 27.95 30.86
N ALA E 165 3.59 26.70 30.76
CA ALA E 165 2.20 26.40 31.08
C ALA E 165 1.90 26.61 32.57
N ILE E 166 2.82 26.19 33.44
CA ILE E 166 2.63 26.39 34.87
C ILE E 166 2.58 27.88 35.19
N HIS E 167 3.41 28.68 34.52
CA HIS E 167 3.44 30.12 34.77
C HIS E 167 2.11 30.77 34.46
N PHE E 168 1.57 30.53 33.26
CA PHE E 168 0.29 31.13 32.90
C PHE E 168 -0.85 30.55 33.72
N TYR E 169 -0.81 29.25 34.01
CA TYR E 169 -1.84 28.64 34.84
C TYR E 169 -1.85 29.23 36.23
N ARG E 170 -0.66 29.47 36.80
CA ARG E 170 -0.58 30.10 38.12
C ARG E 170 -1.17 31.51 38.08
N SER E 171 -0.91 32.26 37.01
CA SER E 171 -1.47 33.60 36.85
C SER E 171 -2.88 33.57 36.27
N LEU E 172 -3.42 32.40 35.94
CA LEU E 172 -4.78 32.27 35.43
C LEU E 172 -5.73 32.14 36.62
N VAL E 173 -6.22 33.28 37.08
CA VAL E 173 -7.15 33.35 38.21
C VAL E 173 -6.56 32.66 39.44
N ALA F 24 -21.14 37.72 8.33
CA ALA F 24 -20.62 37.77 9.69
C ALA F 24 -19.67 36.61 9.95
N LYS F 25 -19.82 35.95 11.09
CA LYS F 25 -19.00 34.79 11.42
C LYS F 25 -19.33 33.57 10.58
N LEU F 26 -20.33 33.68 9.70
CA LEU F 26 -20.73 32.54 8.88
C LEU F 26 -19.61 32.10 7.96
N LYS F 27 -18.83 33.05 7.43
CA LYS F 27 -17.73 32.69 6.54
C LYS F 27 -16.69 31.85 7.28
N ALA F 28 -16.26 32.31 8.46
CA ALA F 28 -15.26 31.58 9.23
C ALA F 28 -15.78 30.21 9.64
N SER F 29 -17.02 30.15 10.12
CA SER F 29 -17.58 28.86 10.54
C SER F 29 -17.70 27.89 9.38
N SER F 30 -18.15 28.38 8.22
CA SER F 30 -18.24 27.54 7.04
C SER F 30 -16.87 27.04 6.61
N LYS F 31 -15.85 27.91 6.69
CA LYS F 31 -14.49 27.48 6.35
C LYS F 31 -14.02 26.39 7.30
N THR F 32 -14.27 26.56 8.59
CA THR F 32 -13.85 25.55 9.57
C THR F 32 -14.55 24.22 9.33
N SER F 33 -15.86 24.26 9.09
CA SER F 33 -16.61 23.03 8.86
C SER F 33 -16.17 22.36 7.57
N ALA F 34 -15.90 23.15 6.53
CA ALA F 34 -15.40 22.57 5.27
C ALA F 34 -14.06 21.89 5.49
N LEU F 35 -13.16 22.54 6.22
CA LEU F 35 -11.86 21.93 6.50
C LEU F 35 -12.02 20.63 7.26
N LEU F 36 -12.83 20.64 8.31
CA LEU F 36 -13.01 19.44 9.13
C LEU F 36 -13.64 18.32 8.32
N SER F 37 -14.63 18.63 7.49
CA SER F 37 -15.27 17.62 6.65
C SER F 37 -14.27 17.03 5.66
N GLY F 38 -13.47 17.88 5.03
CA GLY F 38 -12.42 17.39 4.15
C GLY F 38 -11.41 16.52 4.86
N PHE F 39 -11.16 16.78 6.15
CA PHE F 39 -10.24 15.95 6.92
C PHE F 39 -10.86 14.59 7.24
N ALA F 40 -12.13 14.56 7.59
CA ALA F 40 -12.80 13.29 7.82
C ALA F 40 -12.88 12.47 6.54
N MET F 41 -13.08 13.14 5.40
CA MET F 41 -13.18 12.42 4.13
C MET F 41 -11.84 11.82 3.72
N VAL F 42 -10.77 12.60 3.79
CA VAL F 42 -9.44 12.09 3.43
C VAL F 42 -9.03 10.99 4.40
N ALA F 43 -9.53 11.05 5.64
CA ALA F 43 -9.32 9.94 6.56
C ALA F 43 -10.04 8.69 6.09
N MET F 44 -11.36 8.79 5.92
CA MET F 44 -12.17 7.61 5.65
C MET F 44 -11.79 6.94 4.33
N VAL F 45 -11.33 7.72 3.34
CA VAL F 45 -10.97 7.10 2.07
C VAL F 45 -9.75 6.19 2.24
N GLU F 46 -8.77 6.62 3.03
CA GLU F 46 -7.54 5.86 3.25
C GLU F 46 -7.62 5.09 4.57
N VAL F 47 -8.55 4.15 4.62
CA VAL F 47 -8.68 3.24 5.77
C VAL F 47 -8.64 1.82 5.25
N GLN F 48 -7.66 1.05 5.72
CA GLN F 48 -7.54 -0.35 5.32
C GLN F 48 -8.42 -1.20 6.21
N LEU F 49 -9.32 -1.96 5.59
CA LEU F 49 -10.23 -2.85 6.29
C LEU F 49 -9.91 -4.29 5.92
N ASP F 50 -10.62 -5.22 6.56
CA ASP F 50 -10.41 -6.63 6.31
C ASP F 50 -11.66 -7.40 6.66
N HIS F 51 -11.91 -8.48 5.93
CA HIS F 51 -13.05 -9.35 6.21
C HIS F 51 -12.94 -10.05 7.55
N ASP F 52 -11.74 -10.10 8.14
CA ASP F 52 -11.52 -10.74 9.43
C ASP F 52 -11.70 -9.78 10.61
N THR F 53 -12.13 -8.55 10.35
CA THR F 53 -12.22 -7.56 11.41
C THR F 53 -13.23 -7.99 12.48
N ASN F 54 -12.92 -7.64 13.72
CA ASN F 54 -13.76 -7.99 14.87
C ASN F 54 -14.70 -6.87 15.28
N VAL F 55 -14.70 -5.74 14.58
CA VAL F 55 -15.58 -4.64 15.00
C VAL F 55 -17.03 -5.06 14.82
N PRO F 56 -17.91 -4.74 15.78
CA PRO F 56 -19.34 -4.97 15.55
C PRO F 56 -19.79 -4.18 14.33
N PRO F 57 -20.64 -4.78 13.49
CA PRO F 57 -21.09 -4.05 12.28
C PRO F 57 -21.75 -2.73 12.59
N GLY F 58 -22.29 -2.57 13.81
CA GLY F 58 -22.75 -1.27 14.23
C GLY F 58 -21.65 -0.22 14.21
N MET F 59 -20.40 -0.63 14.47
CA MET F 59 -19.30 0.32 14.39
C MET F 59 -19.10 0.82 12.97
N LEU F 60 -19.14 -0.07 11.99
CA LEU F 60 -19.03 0.35 10.59
C LEU F 60 -20.21 1.22 10.19
N ILE F 61 -21.42 0.86 10.64
CA ILE F 61 -22.59 1.65 10.32
C ILE F 61 -22.46 3.05 10.89
N ALA F 62 -22.00 3.15 12.15
CA ALA F 62 -21.83 4.45 12.77
C ALA F 62 -20.72 5.25 12.11
N PHE F 63 -19.65 4.59 11.67
CA PHE F 63 -18.59 5.27 10.93
C PHE F 63 -19.13 5.90 9.65
N ALA F 64 -19.86 5.10 8.86
CA ALA F 64 -20.44 5.62 7.64
C ALA F 64 -21.40 6.77 7.92
N ILE F 65 -22.26 6.59 8.92
CA ILE F 65 -23.25 7.61 9.25
C ILE F 65 -22.55 8.90 9.68
N CYS F 66 -21.53 8.78 10.53
CA CYS F 66 -20.85 9.97 11.04
C CYS F 66 -20.14 10.72 9.92
N THR F 67 -19.39 10.01 9.07
CA THR F 67 -18.67 10.69 7.99
C THR F 67 -19.63 11.34 7.02
N THR F 68 -20.67 10.60 6.60
CA THR F 68 -21.63 11.13 5.65
C THR F 68 -22.39 12.33 6.24
N LEU F 69 -22.77 12.24 7.51
CA LEU F 69 -23.49 13.34 8.14
C LEU F 69 -22.60 14.56 8.29
N LEU F 70 -21.31 14.35 8.59
CA LEU F 70 -20.40 15.49 8.70
C LEU F 70 -20.26 16.20 7.36
N VAL F 71 -20.03 15.45 6.29
CA VAL F 71 -19.86 16.11 5.00
C VAL F 71 -21.18 16.76 4.55
N ALA F 72 -22.31 16.10 4.83
CA ALA F 72 -23.61 16.66 4.48
C ALA F 72 -23.88 17.97 5.21
N VAL F 73 -23.57 17.99 6.52
CA VAL F 73 -23.80 19.20 7.31
C VAL F 73 -22.88 20.32 6.85
N ALA F 74 -21.62 20.00 6.57
CA ALA F 74 -20.70 21.02 6.08
C ALA F 74 -21.19 21.61 4.76
N MET F 75 -21.61 20.76 3.84
CA MET F 75 -22.10 21.25 2.55
C MET F 75 -23.37 22.07 2.73
N LEU F 76 -24.28 21.62 3.59
CA LEU F 76 -25.51 22.36 3.85
C LEU F 76 -25.20 23.74 4.42
N ALA F 77 -24.27 23.80 5.37
CA ALA F 77 -23.89 25.08 5.96
C ALA F 77 -23.28 26.00 4.91
N LEU F 78 -22.39 25.47 4.06
CA LEU F 78 -21.78 26.29 3.02
C LEU F 78 -22.85 26.83 2.07
N MET F 79 -23.77 25.97 1.64
CA MET F 79 -24.81 26.39 0.72
C MET F 79 -25.71 27.46 1.34
N ILE F 80 -26.14 27.23 2.59
CA ILE F 80 -27.03 28.18 3.24
C ILE F 80 -26.33 29.51 3.47
N SER F 81 -25.04 29.47 3.79
CA SER F 81 -24.30 30.71 4.05
C SER F 81 -24.08 31.50 2.77
N THR F 82 -23.67 30.84 1.68
CA THR F 82 -23.36 31.56 0.46
C THR F 82 -24.59 31.81 -0.41
N CYS F 83 -25.75 31.27 -0.07
CA CYS F 83 -26.96 31.50 -0.86
C CYS F 83 -27.74 32.72 -0.40
N ILE F 84 -27.36 33.35 0.71
CA ILE F 84 -28.06 34.51 1.21
C ILE F 84 -27.64 35.75 0.44
N LEU F 108 -37.33 34.75 12.41
CA LEU F 108 -37.20 33.73 11.36
C LEU F 108 -35.80 33.74 10.78
N HIS F 109 -35.26 34.93 10.53
CA HIS F 109 -33.90 35.04 10.03
C HIS F 109 -32.88 34.75 11.13
N TRP F 110 -33.10 35.29 12.32
CA TRP F 110 -32.23 34.96 13.45
C TRP F 110 -32.33 33.48 13.79
N TYR F 111 -33.48 32.85 13.49
CA TYR F 111 -33.57 31.41 13.60
C TYR F 111 -32.61 30.72 12.64
N ILE F 112 -32.47 31.25 11.42
CA ILE F 112 -31.53 30.67 10.47
C ILE F 112 -30.10 30.89 10.93
N GLU F 113 -29.80 32.04 11.54
CA GLU F 113 -28.47 32.26 12.09
C GLU F 113 -28.17 31.30 13.23
N THR F 114 -29.15 31.07 14.11
CA THR F 114 -28.98 30.09 15.17
C THR F 114 -28.79 28.69 14.59
N ALA F 115 -29.46 28.40 13.48
CA ALA F 115 -29.26 27.13 12.79
C ALA F 115 -27.83 27.03 12.24
N TRP F 116 -27.28 28.14 11.75
CA TRP F 116 -25.90 28.15 11.31
C TRP F 116 -24.94 27.82 12.46
N ALA F 117 -25.16 28.46 13.61
CA ALA F 117 -24.33 28.17 14.78
C ALA F 117 -24.48 26.72 15.21
N PHE F 118 -25.71 26.21 15.18
CA PHE F 118 -25.95 24.80 15.50
C PHE F 118 -25.22 23.89 14.52
N SER F 119 -25.19 24.26 13.24
CA SER F 119 -24.45 23.46 12.26
C SER F 119 -22.97 23.45 12.57
N THR F 120 -22.42 24.60 12.96
CA THR F 120 -21.00 24.63 13.32
C THR F 120 -20.71 23.72 14.51
N LEU F 121 -21.53 23.84 15.57
CA LEU F 121 -21.30 23.03 16.76
C LEU F 121 -21.48 21.54 16.47
N LEU F 122 -22.47 21.20 15.65
CA LEU F 122 -22.69 19.79 15.30
C LEU F 122 -21.56 19.26 14.44
N GLY F 123 -20.99 20.10 13.56
CA GLY F 123 -19.81 19.68 12.83
C GLY F 123 -18.65 19.36 13.76
N LEU F 124 -18.45 20.20 14.78
CA LEU F 124 -17.41 19.92 15.76
C LEU F 124 -17.66 18.59 16.48
N ILE F 125 -18.88 18.40 16.99
CA ILE F 125 -19.18 17.19 17.74
C ILE F 125 -19.07 15.95 16.86
N LEU F 126 -19.53 16.05 15.62
CA LEU F 126 -19.42 14.93 14.69
C LEU F 126 -17.98 14.63 14.36
N PHE F 127 -17.12 15.64 14.27
CA PHE F 127 -15.70 15.36 14.07
C PHE F 127 -15.11 14.62 15.27
N LEU F 128 -15.50 15.02 16.48
CA LEU F 128 -15.03 14.32 17.66
C LEU F 128 -15.46 12.85 17.65
N LEU F 129 -16.74 12.61 17.39
CA LEU F 129 -17.23 11.23 17.31
C LEU F 129 -16.58 10.47 16.17
N GLU F 130 -16.26 11.15 15.07
CA GLU F 130 -15.55 10.52 13.97
C GLU F 130 -14.17 10.05 14.41
N ILE F 131 -13.46 10.89 15.18
CA ILE F 131 -12.15 10.49 15.68
C ILE F 131 -12.30 9.28 16.60
N ALA F 132 -13.31 9.29 17.45
CA ALA F 132 -13.55 8.16 18.36
C ALA F 132 -13.75 6.87 17.57
N ILE F 133 -14.70 6.88 16.64
CA ILE F 133 -15.01 5.68 15.87
C ILE F 133 -13.81 5.26 15.02
N LEU F 134 -13.05 6.23 14.52
CA LEU F 134 -11.90 5.93 13.68
C LEU F 134 -10.82 5.20 14.46
N CYS F 135 -10.44 5.74 15.62
CA CYS F 135 -9.45 5.05 16.44
C CYS F 135 -9.97 3.69 16.89
N TRP F 136 -11.27 3.59 17.16
CA TRP F 136 -11.87 2.31 17.53
C TRP F 136 -11.70 1.28 16.43
N VAL F 137 -12.13 1.62 15.21
CA VAL F 137 -12.07 0.68 14.10
C VAL F 137 -10.64 0.45 13.66
N LYS F 138 -9.71 1.32 14.08
CA LYS F 138 -8.31 1.11 13.76
C LYS F 138 -7.65 0.14 14.71
N PHE F 139 -7.95 0.24 16.02
CA PHE F 139 -7.23 -0.50 17.04
C PHE F 139 -7.98 -1.69 17.61
N TYR F 140 -9.24 -1.90 17.24
CA TYR F 140 -10.02 -2.94 17.92
C TYR F 140 -9.48 -4.34 17.64
N ASP F 141 -8.87 -4.55 16.47
CA ASP F 141 -8.29 -5.85 16.19
C ASP F 141 -7.02 -6.09 17.00
N LEU F 142 -6.25 -5.02 17.27
CA LEU F 142 -4.99 -5.17 18.00
C LEU F 142 -5.21 -5.23 19.50
N SER F 143 -5.74 -4.16 20.09
CA SER F 143 -5.83 -4.02 21.54
C SER F 143 -7.13 -3.31 21.89
N PRO F 144 -8.16 -4.06 22.26
CA PRO F 144 -9.43 -3.44 22.67
C PRO F 144 -9.27 -2.47 23.82
N PRO F 145 -8.38 -2.72 24.80
CA PRO F 145 -8.19 -1.72 25.86
C PRO F 145 -7.80 -0.35 25.35
N ALA F 146 -7.00 -0.26 24.29
CA ALA F 146 -6.66 1.04 23.73
C ALA F 146 -7.91 1.79 23.26
N ALA F 147 -8.78 1.09 22.52
CA ALA F 147 -10.00 1.71 22.03
C ALA F 147 -10.91 2.13 23.18
N TRP F 148 -11.09 1.25 24.17
CA TRP F 148 -12.00 1.58 25.26
C TRP F 148 -11.44 2.69 26.14
N SER F 149 -10.12 2.77 26.30
CA SER F 149 -9.51 3.87 27.04
C SER F 149 -9.68 5.19 26.29
N ALA F 150 -9.46 5.17 24.96
CA ALA F 150 -9.70 6.36 24.17
C ALA F 150 -11.15 6.82 24.31
N THR F 151 -12.08 5.88 24.27
CA THR F 151 -13.50 6.23 24.42
C THR F 151 -13.78 6.81 25.79
N VAL F 152 -13.27 6.18 26.85
CA VAL F 152 -13.62 6.64 28.20
C VAL F 152 -13.01 8.00 28.48
N VAL F 153 -11.85 8.32 27.90
CA VAL F 153 -11.25 9.64 28.16
C VAL F 153 -11.83 10.73 27.27
N LEU F 154 -12.54 10.39 26.20
CA LEU F 154 -13.22 11.40 25.40
C LEU F 154 -14.65 11.65 25.85
N ILE F 155 -15.17 10.84 26.76
CA ILE F 155 -16.53 11.03 27.23
C ILE F 155 -16.72 12.37 27.93
N PRO F 156 -15.86 12.79 28.88
CA PRO F 156 -16.11 14.06 29.57
C PRO F 156 -16.19 15.28 28.65
N VAL F 157 -15.30 15.39 27.66
CA VAL F 157 -15.35 16.54 26.77
C VAL F 157 -16.60 16.48 25.90
N MET F 158 -17.02 15.27 25.52
CA MET F 158 -18.29 15.13 24.80
C MET F 158 -19.44 15.56 25.68
N ILE F 159 -19.37 15.25 26.99
CA ILE F 159 -20.41 15.70 27.91
C ILE F 159 -20.46 17.22 27.96
N ILE F 160 -19.29 17.87 28.01
CA ILE F 160 -19.26 19.32 28.05
C ILE F 160 -19.86 19.91 26.78
N PHE F 161 -19.47 19.36 25.62
CA PHE F 161 -20.01 19.86 24.35
C PHE F 161 -21.51 19.67 24.28
N MET F 162 -22.00 18.47 24.58
CA MET F 162 -23.43 18.20 24.51
C MET F 162 -24.21 19.00 25.54
N ALA F 163 -23.57 19.34 26.67
CA ALA F 163 -24.23 20.20 27.64
C ALA F 163 -24.43 21.60 27.09
N PHE F 164 -23.42 22.14 26.40
CA PHE F 164 -23.60 23.44 25.75
C PHE F 164 -24.65 23.36 24.65
N ALA F 165 -24.65 22.27 23.88
CA ALA F 165 -25.65 22.08 22.84
C ALA F 165 -27.05 21.98 23.42
N ILE F 166 -27.20 21.24 24.52
CA ILE F 166 -28.50 21.09 25.16
C ILE F 166 -28.94 22.42 25.76
N HIS F 167 -28.00 23.22 26.28
CA HIS F 167 -28.31 24.57 26.72
C HIS F 167 -28.90 25.39 25.59
N PHE F 168 -28.22 25.42 24.45
CA PHE F 168 -28.69 26.22 23.32
C PHE F 168 -29.94 25.64 22.67
N TYR F 169 -30.24 24.36 22.90
CA TYR F 169 -31.47 23.78 22.39
C TYR F 169 -32.65 24.03 23.32
N ARG F 170 -32.41 24.01 24.63
CA ARG F 170 -33.43 24.47 25.56
C ARG F 170 -33.73 25.95 25.35
N SER F 171 -32.73 26.71 24.90
CA SER F 171 -32.90 28.11 24.52
C SER F 171 -32.99 28.29 23.01
N LEU F 172 -33.52 27.29 22.29
CA LEU F 172 -33.66 27.36 20.83
C LEU F 172 -35.02 27.98 20.50
N VAL F 173 -35.08 29.31 20.62
CA VAL F 173 -36.29 30.08 20.33
C VAL F 173 -37.48 29.58 21.14
N VAL G 25 -0.72 -15.95 -17.90
CA VAL G 25 -1.83 -16.75 -17.41
C VAL G 25 -1.92 -18.06 -18.16
N GLN G 26 -1.94 -19.16 -17.42
CA GLN G 26 -1.98 -20.49 -18.01
C GLN G 26 -2.69 -21.43 -17.06
N LEU G 27 -3.72 -22.11 -17.55
CA LEU G 27 -4.49 -23.07 -16.77
C LEU G 27 -4.40 -24.43 -17.43
N VAL G 28 -3.88 -25.41 -16.70
CA VAL G 28 -3.80 -26.77 -17.21
C VAL G 28 -4.41 -27.70 -16.17
N GLU G 29 -5.39 -28.49 -16.59
CA GLU G 29 -6.09 -29.41 -15.70
C GLU G 29 -5.96 -30.82 -16.21
N SER G 30 -5.93 -31.78 -15.27
CA SER G 30 -5.72 -33.17 -15.63
C SER G 30 -6.49 -34.06 -14.66
N GLY G 31 -7.66 -34.53 -15.09
CA GLY G 31 -8.35 -35.60 -14.42
C GLY G 31 -8.16 -36.92 -15.13
N GLY G 32 -8.91 -37.92 -14.68
CA GLY G 32 -8.80 -39.24 -15.26
C GLY G 32 -9.61 -39.39 -16.52
N GLY G 33 -9.45 -40.55 -17.15
CA GLY G 33 -10.17 -40.85 -18.37
C GLY G 33 -11.41 -41.68 -18.12
N LEU G 34 -11.38 -42.93 -18.55
CA LEU G 34 -12.56 -43.79 -18.43
C LEU G 34 -12.78 -44.21 -16.98
N VAL G 35 -14.02 -44.07 -16.51
CA VAL G 35 -14.44 -44.54 -15.21
C VAL G 35 -15.70 -45.39 -15.39
N GLN G 36 -16.26 -45.83 -14.28
CA GLN G 36 -17.46 -46.66 -14.29
C GLN G 36 -18.66 -45.89 -13.79
N PRO G 37 -19.87 -46.30 -14.15
CA PRO G 37 -21.06 -45.61 -13.65
C PRO G 37 -21.15 -45.69 -12.14
N LYS G 38 -21.83 -44.69 -11.56
CA LYS G 38 -21.96 -44.54 -10.11
C LYS G 38 -20.60 -44.47 -9.42
N GLY G 39 -19.57 -44.05 -10.15
CA GLY G 39 -18.24 -43.93 -9.61
C GLY G 39 -17.95 -42.53 -9.09
N SER G 40 -16.67 -42.19 -9.06
CA SER G 40 -16.24 -40.88 -8.60
C SER G 40 -14.86 -40.59 -9.16
N LEU G 41 -14.53 -39.29 -9.19
CA LEU G 41 -13.23 -38.85 -9.68
C LEU G 41 -13.05 -37.37 -9.34
N LYS G 42 -11.83 -36.99 -9.02
CA LYS G 42 -11.50 -35.61 -8.66
C LYS G 42 -10.53 -35.05 -9.67
N LEU G 43 -10.93 -33.97 -10.33
CA LEU G 43 -10.08 -33.27 -11.30
C LEU G 43 -9.41 -32.08 -10.65
N SER G 44 -8.21 -31.77 -11.12
CA SER G 44 -7.41 -30.67 -10.56
C SER G 44 -6.94 -29.78 -11.69
N CYS G 45 -6.92 -28.48 -11.42
CA CYS G 45 -6.53 -27.46 -12.39
C CYS G 45 -5.45 -26.61 -11.78
N ALA G 46 -4.32 -26.50 -12.47
CA ALA G 46 -3.19 -25.68 -12.05
C ALA G 46 -3.21 -24.36 -12.78
N ALA G 47 -3.13 -23.28 -12.01
CA ALA G 47 -3.17 -21.92 -12.53
C ALA G 47 -1.83 -21.25 -12.28
N SER G 48 -1.28 -20.62 -13.32
CA SER G 48 0.04 -20.01 -13.21
C SER G 48 0.09 -18.77 -14.10
N GLY G 49 0.21 -17.60 -13.48
CA GLY G 49 0.32 -16.37 -14.25
C GLY G 49 -0.55 -15.24 -13.75
N PHE G 50 -1.13 -15.40 -12.57
CA PHE G 50 -1.98 -14.37 -11.99
C PHE G 50 -2.12 -14.63 -10.50
N THR G 51 -2.78 -13.69 -9.82
CA THR G 51 -3.03 -13.81 -8.39
C THR G 51 -4.26 -14.68 -8.19
N PHE G 52 -4.05 -15.93 -7.78
CA PHE G 52 -5.16 -16.87 -7.66
C PHE G 52 -6.16 -16.40 -6.61
N ASN G 53 -5.68 -15.82 -5.52
CA ASN G 53 -6.54 -15.47 -4.40
C ASN G 53 -7.49 -14.32 -4.70
N THR G 54 -7.51 -13.79 -5.93
CA THR G 54 -8.31 -12.61 -6.24
C THR G 54 -9.20 -12.83 -7.46
N TYR G 55 -9.51 -14.08 -7.78
CA TYR G 55 -10.26 -14.38 -9.00
C TYR G 55 -11.21 -15.54 -8.75
N ALA G 56 -12.49 -15.33 -9.01
CA ALA G 56 -13.44 -16.44 -8.94
C ALA G 56 -13.17 -17.41 -10.07
N MET G 57 -13.33 -18.70 -9.79
CA MET G 57 -13.02 -19.75 -10.75
C MET G 57 -14.28 -20.54 -11.08
N HIS G 58 -14.27 -21.16 -12.25
CA HIS G 58 -15.42 -21.91 -12.73
C HIS G 58 -14.95 -23.19 -13.39
N TRP G 59 -15.82 -24.20 -13.37
CA TRP G 59 -15.68 -25.39 -14.18
C TRP G 59 -16.84 -25.44 -15.16
N VAL G 60 -16.51 -25.61 -16.44
CA VAL G 60 -17.48 -25.63 -17.53
C VAL G 60 -17.28 -26.89 -18.33
N ARG G 61 -18.36 -27.61 -18.61
CA ARG G 61 -18.27 -28.86 -19.35
C ARG G 61 -18.74 -28.66 -20.79
N GLN G 62 -18.32 -29.61 -21.64
CA GLN G 62 -18.77 -29.65 -23.02
C GLN G 62 -18.87 -31.10 -23.43
N ALA G 63 -20.08 -31.58 -23.66
CA ALA G 63 -20.29 -32.94 -24.09
C ALA G 63 -19.78 -33.12 -25.53
N LYS G 66 -21.00 -30.72 -28.72
CA LYS G 66 -20.61 -29.32 -28.86
C LYS G 66 -21.45 -28.35 -28.04
N GLY G 67 -22.44 -28.80 -27.29
CA GLY G 67 -23.22 -27.84 -26.52
C GLY G 67 -22.60 -27.54 -25.18
N LEU G 68 -21.85 -26.44 -25.09
CA LEU G 68 -21.17 -26.10 -23.85
C LEU G 68 -22.17 -25.78 -22.75
N GLU G 69 -21.92 -26.32 -21.57
CA GLU G 69 -22.82 -26.14 -20.43
C GLU G 69 -22.01 -25.85 -19.18
N TRP G 70 -22.50 -24.94 -18.35
CA TRP G 70 -21.82 -24.57 -17.12
C TRP G 70 -21.96 -25.67 -16.07
N VAL G 71 -20.97 -25.74 -15.18
CA VAL G 71 -20.97 -26.78 -14.16
C VAL G 71 -20.94 -26.18 -12.76
N ALA G 72 -19.92 -25.38 -12.46
CA ALA G 72 -19.81 -24.92 -11.08
C ALA G 72 -18.94 -23.68 -10.98
N ARG G 73 -19.06 -22.99 -9.85
CA ARG G 73 -18.34 -21.75 -9.59
C ARG G 73 -17.91 -21.68 -8.13
N ILE G 74 -16.72 -21.14 -7.88
CA ILE G 74 -16.24 -20.90 -6.53
C ILE G 74 -15.66 -19.49 -6.46
N ARG G 75 -16.04 -18.75 -5.42
CA ARG G 75 -15.61 -17.36 -5.25
C ARG G 75 -14.38 -17.32 -4.37
N THR G 76 -13.23 -17.57 -4.96
CA THR G 76 -11.97 -17.49 -4.25
C THR G 76 -11.61 -16.04 -3.94
N ASN G 80 -16.05 -14.32 1.03
CA ASN G 80 -15.64 -15.62 1.59
C ASN G 80 -15.49 -16.65 0.47
N TYR G 81 -15.55 -17.92 0.83
CA TYR G 81 -15.43 -19.02 -0.13
C TYR G 81 -16.83 -19.57 -0.44
N ALA G 82 -17.56 -18.82 -1.26
CA ALA G 82 -18.86 -19.29 -1.70
C ALA G 82 -18.71 -20.29 -2.84
N THR G 83 -19.71 -21.18 -2.97
CA THR G 83 -19.76 -22.10 -4.08
C THR G 83 -21.17 -22.11 -4.65
N TYR G 84 -21.26 -22.22 -5.97
CA TYR G 84 -22.53 -22.32 -6.68
C TYR G 84 -22.43 -23.49 -7.65
N TYR G 85 -23.54 -24.18 -7.84
CA TYR G 85 -23.54 -25.39 -8.64
C TYR G 85 -24.68 -25.35 -9.65
N ALA G 86 -24.51 -26.12 -10.71
CA ALA G 86 -25.43 -26.08 -11.84
C ALA G 86 -26.80 -26.61 -11.44
N ASP G 87 -27.76 -26.43 -12.36
CA ASP G 87 -29.13 -26.85 -12.11
C ASP G 87 -29.30 -28.35 -12.04
N SER G 88 -28.28 -29.13 -12.40
CA SER G 88 -28.35 -30.57 -12.38
C SER G 88 -27.57 -31.20 -11.24
N VAL G 89 -26.30 -30.83 -11.07
CA VAL G 89 -25.37 -31.62 -10.29
C VAL G 89 -25.08 -30.99 -8.93
N LYS G 90 -26.06 -30.25 -8.40
CA LYS G 90 -25.91 -29.64 -7.08
C LYS G 90 -25.79 -30.67 -5.96
N ASP G 91 -25.84 -31.96 -6.27
CA ASP G 91 -25.71 -33.02 -5.27
C ASP G 91 -24.50 -33.93 -5.47
N ARG G 92 -23.85 -33.88 -6.63
CA ARG G 92 -22.81 -34.84 -6.96
C ARG G 92 -21.45 -34.23 -7.21
N PHE G 93 -21.33 -32.91 -7.23
CA PHE G 93 -20.08 -32.23 -7.55
C PHE G 93 -19.72 -31.27 -6.43
N THR G 94 -18.43 -31.10 -6.20
CA THR G 94 -17.96 -30.22 -5.13
C THR G 94 -16.66 -29.55 -5.53
N ILE G 95 -16.57 -28.24 -5.33
CA ILE G 95 -15.40 -27.47 -5.69
C ILE G 95 -14.55 -27.22 -4.44
N SER G 96 -13.24 -27.03 -4.65
CA SER G 96 -12.33 -26.67 -3.59
C SER G 96 -11.17 -25.88 -4.20
N ARG G 97 -10.71 -24.86 -3.49
CA ARG G 97 -9.64 -24.00 -3.96
C ARG G 97 -8.49 -24.01 -2.98
N ASP G 98 -7.28 -24.29 -3.47
CA ASP G 98 -6.06 -24.25 -2.66
C ASP G 98 -5.28 -23.02 -3.13
N ASP G 99 -5.52 -21.89 -2.46
CA ASP G 99 -4.91 -20.63 -2.87
C ASP G 99 -3.39 -20.70 -2.74
N SER G 100 -2.89 -21.23 -1.62
CA SER G 100 -1.45 -21.38 -1.44
C SER G 100 -0.88 -22.35 -2.48
N GLN G 101 -1.47 -23.55 -2.57
CA GLN G 101 -1.07 -24.49 -3.60
C GLN G 101 -1.48 -24.03 -4.99
N SER G 102 -2.35 -23.02 -5.09
CA SER G 102 -2.78 -22.45 -6.36
C SER G 102 -3.37 -23.53 -7.28
N MET G 103 -4.43 -24.17 -6.78
CA MET G 103 -5.06 -25.26 -7.51
C MET G 103 -6.57 -25.17 -7.34
N LEU G 104 -7.28 -25.70 -8.32
CA LEU G 104 -8.75 -25.74 -8.32
C LEU G 104 -9.19 -27.18 -8.52
N TYR G 105 -9.78 -27.77 -7.49
CA TYR G 105 -10.21 -29.17 -7.52
C TYR G 105 -11.72 -29.26 -7.61
N LEU G 106 -12.18 -30.26 -8.32
CA LEU G 106 -13.61 -30.57 -8.39
C LEU G 106 -13.76 -32.08 -8.26
N GLN G 107 -14.46 -32.51 -7.22
CA GLN G 107 -14.71 -33.92 -6.96
C GLN G 107 -16.14 -34.24 -7.39
N MET G 108 -16.28 -35.21 -8.27
CA MET G 108 -17.58 -35.65 -8.77
C MET G 108 -17.85 -37.06 -8.29
N ASN G 109 -19.07 -37.29 -7.82
CA ASN G 109 -19.47 -38.58 -7.28
C ASN G 109 -20.75 -39.03 -7.95
N ASN G 110 -20.97 -40.35 -7.96
CA ASN G 110 -22.16 -40.96 -8.55
C ASN G 110 -22.32 -40.56 -10.01
N LEU G 111 -21.22 -40.63 -10.76
CA LEU G 111 -21.24 -40.23 -12.16
C LEU G 111 -22.22 -41.09 -12.94
N LYS G 112 -22.79 -40.51 -13.98
CA LYS G 112 -23.75 -41.19 -14.85
C LYS G 112 -23.14 -41.40 -16.22
N THR G 113 -23.83 -42.19 -17.04
CA THR G 113 -23.42 -42.38 -18.42
C THR G 113 -23.66 -41.15 -19.28
N GLU G 114 -24.22 -40.08 -18.71
CA GLU G 114 -24.49 -38.85 -19.43
C GLU G 114 -23.63 -37.68 -18.94
N ASP G 115 -22.55 -37.98 -18.21
CA ASP G 115 -21.61 -36.95 -17.81
C ASP G 115 -20.32 -37.00 -18.60
N THR G 116 -20.29 -37.76 -19.68
CA THR G 116 -19.11 -37.83 -20.54
C THR G 116 -18.95 -36.49 -21.25
N ALA G 117 -17.85 -35.79 -20.96
CA ALA G 117 -17.64 -34.45 -21.48
C ALA G 117 -16.23 -34.01 -21.17
N MET G 118 -15.80 -32.95 -21.84
CA MET G 118 -14.55 -32.29 -21.51
C MET G 118 -14.81 -31.20 -20.49
N TYR G 119 -13.85 -30.98 -19.60
CA TYR G 119 -14.04 -30.09 -18.45
C TYR G 119 -12.96 -29.02 -18.47
N TYR G 120 -13.33 -27.82 -18.91
CA TYR G 120 -12.42 -26.69 -18.90
C TYR G 120 -12.53 -25.97 -17.57
N CYS G 121 -11.40 -25.63 -16.98
CA CYS G 121 -11.36 -24.72 -15.85
C CYS G 121 -11.08 -23.32 -16.35
N VAL G 122 -11.93 -22.38 -15.97
CA VAL G 122 -11.86 -21.01 -16.47
C VAL G 122 -11.89 -20.06 -15.28
N ARG G 123 -11.54 -18.81 -15.53
CA ARG G 123 -11.59 -17.78 -14.51
C ARG G 123 -12.53 -16.68 -14.94
N GLN G 124 -13.19 -16.05 -13.96
CA GLN G 124 -14.19 -15.03 -14.24
C GLN G 124 -13.68 -13.68 -13.76
N LYS G 125 -13.96 -12.62 -14.52
CA LYS G 125 -13.50 -11.27 -14.17
C LYS G 125 -14.68 -10.31 -14.17
N TYR G 126 -15.43 -10.32 -13.06
CA TYR G 126 -16.35 -9.25 -12.68
C TYR G 126 -17.52 -9.09 -13.64
N GLY G 127 -17.52 -9.84 -14.73
CA GLY G 127 -18.62 -9.71 -15.65
C GLY G 127 -19.43 -10.98 -15.71
N ASN G 128 -19.05 -11.96 -14.88
CA ASN G 128 -19.55 -13.32 -15.01
C ASN G 128 -19.27 -13.88 -16.39
N TYR G 129 -18.21 -13.38 -17.03
CA TYR G 129 -17.77 -13.85 -18.33
C TYR G 129 -16.35 -14.37 -18.21
N PHE G 130 -16.10 -15.51 -18.81
CA PHE G 130 -14.81 -16.17 -18.72
C PHE G 130 -13.89 -15.66 -19.81
N ASP G 131 -12.61 -15.58 -19.51
CA ASP G 131 -11.70 -15.09 -20.52
C ASP G 131 -10.52 -16.02 -20.77
N TYR G 132 -9.98 -16.64 -19.74
CA TYR G 132 -8.82 -17.51 -19.86
C TYR G 132 -9.28 -18.95 -19.63
N TRP G 133 -9.73 -19.58 -20.71
CA TRP G 133 -10.15 -20.97 -20.61
C TRP G 133 -8.94 -21.88 -20.45
N GLY G 134 -9.18 -23.05 -19.89
CA GLY G 134 -8.13 -24.02 -19.69
C GLY G 134 -7.75 -24.74 -20.96
N GLN G 135 -7.41 -26.02 -20.86
CA GLN G 135 -7.04 -26.80 -22.02
C GLN G 135 -8.00 -27.94 -22.32
N GLY G 136 -8.72 -28.44 -21.33
CA GLY G 136 -9.65 -29.54 -21.54
C GLY G 136 -9.24 -30.76 -20.75
N THR G 137 -10.21 -31.63 -20.45
CA THR G 137 -9.92 -32.89 -19.77
C THR G 137 -11.06 -33.84 -20.05
N THR G 138 -10.78 -34.90 -20.80
CA THR G 138 -11.81 -35.86 -21.16
C THR G 138 -12.18 -36.72 -19.96
N LEU G 139 -13.48 -36.85 -19.70
CA LEU G 139 -13.99 -37.68 -18.61
C LEU G 139 -15.10 -38.54 -19.21
N THR G 140 -14.73 -39.69 -19.76
CA THR G 140 -15.70 -40.61 -20.33
C THR G 140 -16.18 -41.58 -19.26
N VAL G 141 -17.49 -41.67 -19.10
CA VAL G 141 -18.12 -42.49 -18.07
C VAL G 141 -18.95 -43.55 -18.77
N SER G 142 -18.39 -44.73 -18.96
CA SER G 142 -19.10 -45.85 -19.57
C SER G 142 -18.76 -47.11 -18.80
N SER G 143 -19.15 -48.26 -19.36
CA SER G 143 -19.00 -49.55 -18.69
C SER G 143 -18.43 -50.58 -19.65
N ALA G 144 -17.36 -50.23 -20.36
CA ALA G 144 -16.71 -51.14 -21.28
C ALA G 144 -15.20 -51.00 -21.15
N LYS G 145 -14.48 -51.95 -21.74
CA LYS G 145 -13.02 -51.94 -21.73
C LYS G 145 -12.45 -52.86 -22.81
N VAL H 22 -32.91 -18.27 -17.50
CA VAL H 22 -32.59 -17.65 -18.78
C VAL H 22 -32.14 -18.73 -19.76
N VAL H 23 -32.61 -18.62 -21.00
CA VAL H 23 -32.25 -19.56 -22.06
C VAL H 23 -32.00 -18.77 -23.33
N MET H 24 -31.02 -19.21 -24.11
CA MET H 24 -30.62 -18.53 -25.33
C MET H 24 -30.83 -19.45 -26.52
N THR H 25 -31.61 -18.98 -27.50
CA THR H 25 -31.87 -19.72 -28.71
C THR H 25 -30.78 -19.45 -29.74
N GLN H 26 -30.78 -20.23 -30.81
CA GLN H 26 -29.93 -19.98 -31.98
C GLN H 26 -30.78 -20.23 -33.22
N SER H 27 -30.85 -19.23 -34.10
CA SER H 27 -31.73 -19.34 -35.26
C SER H 27 -31.24 -20.41 -36.23
N GLN H 28 -30.04 -20.22 -36.78
CA GLN H 28 -29.47 -21.17 -37.73
C GLN H 28 -28.15 -21.68 -37.19
N LYS H 29 -27.94 -22.99 -37.32
CA LYS H 29 -26.73 -23.63 -36.84
C LYS H 29 -25.59 -23.58 -37.85
N PHE H 30 -25.89 -23.47 -39.14
CA PHE H 30 -24.87 -23.51 -40.19
C PHE H 30 -25.01 -22.27 -41.08
N MET H 31 -24.26 -21.23 -40.75
CA MET H 31 -24.27 -19.99 -41.53
C MET H 31 -23.46 -20.18 -42.79
N SER H 32 -24.12 -20.65 -43.85
CA SER H 32 -23.46 -20.91 -45.12
C SER H 32 -22.98 -19.60 -45.72
N THR H 33 -21.67 -19.38 -45.70
CA THR H 33 -21.11 -18.08 -46.07
C THR H 33 -19.85 -18.25 -46.91
N SER H 34 -19.66 -17.34 -47.87
CA SER H 34 -18.49 -17.35 -48.73
C SER H 34 -17.31 -16.69 -47.99
N VAL H 35 -16.25 -16.38 -48.72
CA VAL H 35 -15.08 -15.72 -48.15
C VAL H 35 -15.25 -14.21 -48.32
N GLY H 36 -14.66 -13.46 -47.39
CA GLY H 36 -14.68 -12.01 -47.46
C GLY H 36 -16.04 -11.36 -47.36
N ASP H 37 -17.11 -12.13 -47.24
CA ASP H 37 -18.46 -11.59 -47.17
C ASP H 37 -18.92 -11.53 -45.72
N ARG H 38 -19.70 -10.50 -45.40
CA ARG H 38 -20.15 -10.28 -44.04
C ARG H 38 -21.18 -11.33 -43.64
N VAL H 39 -21.05 -11.84 -42.41
CA VAL H 39 -21.95 -12.85 -41.87
C VAL H 39 -22.54 -12.32 -40.58
N SER H 40 -23.79 -12.71 -40.30
CA SER H 40 -24.47 -12.29 -39.08
C SER H 40 -24.99 -13.53 -38.37
N VAL H 41 -24.43 -13.81 -37.20
CA VAL H 41 -24.94 -14.85 -36.31
C VAL H 41 -25.75 -14.17 -35.22
N THR H 42 -26.87 -14.78 -34.85
CA THR H 42 -27.81 -14.16 -33.92
C THR H 42 -27.89 -14.96 -32.62
N CYS H 43 -28.47 -14.32 -31.61
CA CYS H 43 -28.64 -14.95 -30.30
C CYS H 43 -29.82 -14.26 -29.64
N LYS H 44 -30.98 -14.92 -29.64
CA LYS H 44 -32.21 -14.35 -29.11
C LYS H 44 -32.42 -14.91 -27.72
N ALA H 45 -31.88 -14.21 -26.72
CA ALA H 45 -32.10 -14.60 -25.34
C ALA H 45 -33.59 -14.49 -25.01
N SER H 46 -33.98 -15.09 -23.90
CA SER H 46 -35.40 -15.16 -23.55
C SER H 46 -35.82 -13.99 -22.67
N GLN H 47 -35.21 -13.88 -21.49
CA GLN H 47 -35.60 -12.85 -20.53
C GLN H 47 -34.89 -11.53 -20.89
N ASN H 48 -35.05 -10.53 -20.03
CA ASN H 48 -34.38 -9.24 -20.21
C ASN H 48 -33.04 -9.33 -19.49
N VAL H 49 -31.97 -9.49 -20.26
CA VAL H 49 -30.64 -9.73 -19.71
C VAL H 49 -29.74 -8.51 -19.82
N GLY H 50 -30.19 -7.45 -20.47
CA GLY H 50 -29.41 -6.22 -20.51
C GLY H 50 -28.30 -6.33 -21.52
N ILE H 51 -27.09 -5.95 -21.11
CA ILE H 51 -25.92 -6.04 -21.98
C ILE H 51 -24.89 -7.01 -21.39
N ASN H 52 -25.32 -7.92 -20.53
CA ASN H 52 -24.41 -8.89 -19.92
C ASN H 52 -24.40 -10.18 -20.72
N VAL H 53 -23.92 -10.07 -21.95
CA VAL H 53 -23.81 -11.21 -22.86
C VAL H 53 -22.38 -11.26 -23.38
N ALA H 54 -21.79 -12.45 -23.34
CA ALA H 54 -20.47 -12.67 -23.89
C ALA H 54 -20.56 -13.60 -25.09
N TRP H 55 -19.55 -13.49 -25.96
CA TRP H 55 -19.48 -14.26 -27.18
C TRP H 55 -18.13 -14.96 -27.25
N TYR H 56 -18.17 -16.27 -27.45
CA TYR H 56 -16.98 -17.11 -27.49
C TYR H 56 -16.87 -17.79 -28.84
N GLN H 57 -15.62 -17.99 -29.28
CA GLN H 57 -15.32 -18.70 -30.51
C GLN H 57 -14.52 -19.93 -30.18
N GLN H 58 -14.98 -21.08 -30.64
CA GLN H 58 -14.28 -22.35 -30.49
C GLN H 58 -13.91 -22.84 -31.88
N LYS H 59 -12.62 -22.80 -32.19
CA LYS H 59 -12.12 -23.52 -33.35
C LYS H 59 -12.23 -25.01 -33.07
N PRO H 60 -12.52 -25.82 -34.10
CA PRO H 60 -12.81 -27.24 -33.85
C PRO H 60 -11.68 -27.97 -33.12
N GLY H 61 -11.94 -28.39 -31.90
CA GLY H 61 -10.99 -29.18 -31.14
C GLY H 61 -10.08 -28.42 -30.22
N GLN H 62 -10.44 -27.21 -29.79
CA GLN H 62 -9.61 -26.44 -28.88
C GLN H 62 -10.49 -25.76 -27.83
N SER H 63 -9.83 -25.13 -26.87
CA SER H 63 -10.55 -24.42 -25.82
C SER H 63 -11.09 -23.11 -26.38
N PRO H 64 -12.40 -22.87 -26.32
CA PRO H 64 -12.95 -21.64 -26.91
C PRO H 64 -12.34 -20.39 -26.27
N LYS H 65 -12.08 -19.40 -27.09
CA LYS H 65 -11.54 -18.12 -26.65
C LYS H 65 -12.65 -17.10 -26.52
N ALA H 66 -12.39 -16.06 -25.74
CA ALA H 66 -13.38 -15.04 -25.44
C ALA H 66 -13.31 -13.95 -26.51
N LEU H 67 -14.31 -13.90 -27.38
CA LEU H 67 -14.35 -12.85 -28.39
C LEU H 67 -14.85 -11.53 -27.81
N ILE H 68 -16.08 -11.52 -27.32
CA ILE H 68 -16.74 -10.28 -26.95
C ILE H 68 -17.22 -10.38 -25.51
N ASN H 69 -16.97 -9.34 -24.72
CA ASN H 69 -17.54 -9.21 -23.39
C ASN H 69 -18.48 -8.01 -23.35
N SER H 70 -19.50 -8.13 -22.51
CA SER H 70 -20.53 -7.10 -22.35
C SER H 70 -21.26 -6.81 -23.66
N ALA H 71 -21.18 -7.72 -24.62
CA ALA H 71 -21.96 -7.70 -25.85
C ALA H 71 -21.51 -6.60 -26.81
N SER H 72 -20.60 -5.74 -26.39
CA SER H 72 -20.18 -4.67 -27.28
C SER H 72 -18.67 -4.55 -27.43
N TYR H 73 -17.92 -4.76 -26.36
CA TYR H 73 -16.50 -4.47 -26.34
C TYR H 73 -15.73 -5.73 -26.71
N ARG H 74 -14.89 -5.63 -27.73
CA ARG H 74 -14.05 -6.77 -28.09
C ARG H 74 -13.05 -7.05 -26.97
N ASN H 75 -12.42 -8.22 -27.05
CA ASN H 75 -11.41 -8.60 -26.07
C ASN H 75 -10.09 -7.96 -26.47
N SER H 76 -8.99 -8.37 -25.81
CA SER H 76 -7.71 -7.74 -26.06
C SER H 76 -7.12 -8.18 -27.39
N GLY H 77 -6.80 -9.48 -27.52
CA GLY H 77 -6.22 -9.99 -28.74
C GLY H 77 -7.24 -10.53 -29.72
N VAL H 78 -8.06 -9.66 -30.29
CA VAL H 78 -9.10 -10.09 -31.23
C VAL H 78 -9.07 -9.22 -32.47
N PRO H 79 -9.03 -9.80 -33.67
CA PRO H 79 -9.14 -8.98 -34.89
C PRO H 79 -10.50 -8.29 -34.94
N ASP H 80 -10.52 -7.13 -35.57
CA ASP H 80 -11.65 -6.21 -35.50
C ASP H 80 -12.62 -6.39 -36.67
N ARG H 81 -12.76 -7.60 -37.18
CA ARG H 81 -13.88 -7.90 -38.06
C ARG H 81 -15.13 -8.29 -37.28
N PHE H 82 -14.99 -8.53 -35.99
CA PHE H 82 -16.08 -9.00 -35.15
C PHE H 82 -16.71 -7.79 -34.45
N THR H 83 -17.95 -7.48 -34.80
CA THR H 83 -18.70 -6.45 -34.09
C THR H 83 -19.98 -7.06 -33.56
N GLY H 84 -20.19 -6.93 -32.25
CA GLY H 84 -21.37 -7.47 -31.60
C GLY H 84 -22.23 -6.35 -31.06
N GLY H 85 -23.54 -6.48 -31.22
CA GLY H 85 -24.48 -5.48 -30.78
C GLY H 85 -25.76 -6.11 -30.28
N GLY H 86 -26.67 -5.25 -29.87
CA GLY H 86 -27.95 -5.67 -29.31
C GLY H 86 -28.00 -5.38 -27.81
N SER H 87 -29.16 -5.69 -27.24
CA SER H 87 -29.41 -5.37 -25.84
C SER H 87 -30.76 -5.94 -25.45
N GLY H 88 -30.92 -6.23 -24.15
CA GLY H 88 -32.20 -6.68 -23.67
C GLY H 88 -32.39 -8.18 -23.82
N THR H 89 -33.06 -8.57 -24.90
CA THR H 89 -33.28 -9.97 -25.20
C THR H 89 -32.62 -10.45 -26.47
N ASP H 90 -32.22 -9.54 -27.37
CA ASP H 90 -31.68 -9.93 -28.68
C ASP H 90 -30.27 -9.38 -28.84
N PHE H 91 -29.39 -10.23 -29.40
CA PHE H 91 -28.01 -9.85 -29.64
C PHE H 91 -27.55 -10.47 -30.96
N THR H 92 -26.51 -9.89 -31.52
CA THR H 92 -26.06 -10.32 -32.85
C THR H 92 -24.58 -10.02 -33.01
N LEU H 93 -23.82 -11.00 -33.45
CA LEU H 93 -22.45 -10.80 -33.85
C LEU H 93 -22.39 -10.78 -35.37
N THR H 94 -21.52 -9.95 -35.93
CA THR H 94 -21.36 -9.90 -37.37
C THR H 94 -19.91 -9.68 -37.74
N ILE H 95 -19.56 -10.23 -38.90
CA ILE H 95 -18.18 -10.30 -39.39
C ILE H 95 -18.20 -9.78 -40.82
N ASN H 96 -17.90 -8.50 -41.00
CA ASN H 96 -17.59 -8.00 -42.32
C ASN H 96 -16.19 -8.44 -42.72
N ASN H 97 -16.02 -8.73 -44.00
CA ASN H 97 -14.76 -9.29 -44.51
C ASN H 97 -14.39 -10.54 -43.72
N VAL H 98 -15.28 -11.53 -43.77
CA VAL H 98 -15.06 -12.77 -43.05
C VAL H 98 -13.89 -13.52 -43.68
N GLN H 99 -12.95 -13.96 -42.84
CA GLN H 99 -11.80 -14.68 -43.34
C GLN H 99 -12.21 -16.12 -43.70
N SER H 100 -11.22 -16.90 -44.14
CA SER H 100 -11.40 -18.33 -44.40
C SER H 100 -10.96 -19.18 -43.22
N GLU H 101 -9.91 -18.77 -42.52
CA GLU H 101 -9.47 -19.47 -41.31
C GLU H 101 -10.45 -19.30 -40.17
N ASP H 102 -11.45 -18.43 -40.31
CA ASP H 102 -12.44 -18.21 -39.26
C ASP H 102 -13.66 -19.11 -39.42
N LEU H 103 -13.48 -20.29 -39.99
CA LEU H 103 -14.50 -21.33 -39.94
C LEU H 103 -14.39 -22.03 -38.59
N ALA H 104 -15.40 -21.84 -37.74
CA ALA H 104 -15.37 -22.36 -36.37
C ALA H 104 -16.79 -22.26 -35.83
N GLU H 105 -16.93 -22.48 -34.52
CA GLU H 105 -18.23 -22.42 -33.87
C GLU H 105 -18.28 -21.21 -32.94
N TYR H 106 -19.46 -20.61 -32.79
CA TYR H 106 -19.62 -19.42 -31.98
C TYR H 106 -20.77 -19.61 -31.00
N PHE H 107 -20.49 -19.37 -29.73
CA PHE H 107 -21.46 -19.52 -28.65
C PHE H 107 -21.73 -18.16 -28.01
N CYS H 108 -22.97 -17.96 -27.59
CA CYS H 108 -23.35 -16.80 -26.80
C CYS H 108 -23.73 -17.24 -25.39
N GLN H 109 -23.39 -16.42 -24.41
CA GLN H 109 -23.65 -16.75 -23.02
C GLN H 109 -24.20 -15.54 -22.28
N GLN H 110 -25.25 -15.73 -21.50
CA GLN H 110 -25.73 -14.68 -20.63
C GLN H 110 -24.85 -14.60 -19.40
N CYS H 111 -24.54 -13.38 -18.98
CA CYS H 111 -23.63 -13.14 -17.86
C CYS H 111 -24.33 -12.54 -16.66
N ASN H 112 -25.63 -12.75 -16.53
CA ASN H 112 -26.46 -11.98 -15.60
C ASN H 112 -26.80 -12.74 -14.33
N SER H 113 -27.18 -14.01 -14.44
CA SER H 113 -27.77 -14.71 -13.31
C SER H 113 -27.38 -16.18 -13.36
N TYR H 114 -26.76 -16.66 -12.29
CA TYR H 114 -26.44 -18.08 -12.21
C TYR H 114 -27.74 -18.89 -12.20
N PRO H 115 -27.80 -20.01 -12.93
CA PRO H 115 -26.70 -20.60 -13.70
C PRO H 115 -26.43 -19.90 -15.03
N LEU H 116 -25.16 -19.63 -15.30
CA LEU H 116 -24.74 -19.03 -16.56
C LEU H 116 -24.93 -20.06 -17.68
N THR H 117 -25.87 -19.80 -18.57
CA THR H 117 -26.17 -20.73 -19.65
C THR H 117 -25.55 -20.27 -20.96
N PHE H 118 -25.34 -21.23 -21.85
CA PHE H 118 -24.75 -20.98 -23.15
C PHE H 118 -25.75 -21.32 -24.24
N GLY H 119 -25.63 -20.63 -25.37
CA GLY H 119 -26.47 -20.94 -26.50
C GLY H 119 -26.13 -22.30 -27.09
N ALA H 120 -27.04 -22.79 -27.93
CA ALA H 120 -26.81 -24.07 -28.57
C ALA H 120 -25.58 -24.06 -29.47
N GLY H 121 -25.13 -22.88 -29.88
CA GLY H 121 -23.93 -22.78 -30.68
C GLY H 121 -24.18 -23.00 -32.15
N THR H 122 -23.56 -22.17 -32.99
CA THR H 122 -23.70 -22.28 -34.43
C THR H 122 -22.33 -22.19 -35.07
N LYS H 123 -22.06 -23.06 -36.03
CA LYS H 123 -20.79 -23.07 -36.71
C LYS H 123 -20.77 -22.02 -37.81
N LEU H 124 -19.57 -21.78 -38.36
CA LEU H 124 -19.39 -20.83 -39.46
C LEU H 124 -19.03 -21.63 -40.70
N GLU H 125 -20.04 -21.96 -41.48
CA GLU H 125 -19.93 -22.87 -42.61
C GLU H 125 -19.27 -22.15 -43.79
N LEU H 126 -19.22 -22.82 -44.95
CA LEU H 126 -18.68 -22.24 -46.16
C LEU H 126 -19.47 -22.72 -47.36
N ARG H 127 -19.56 -21.88 -48.38
CA ARG H 127 -20.17 -22.20 -49.66
C ARG H 127 -19.12 -22.15 -50.76
N ARG H 128 -19.03 -23.21 -51.55
CA ARG H 128 -18.00 -23.30 -52.59
C ARG H 128 -18.55 -24.15 -53.73
N ALA H 129 -17.67 -24.62 -54.60
CA ALA H 129 -18.08 -25.37 -55.77
C ALA H 129 -18.74 -26.69 -55.35
N ASP H 130 -19.63 -27.19 -56.21
CA ASP H 130 -20.38 -28.40 -55.92
C ASP H 130 -19.78 -29.62 -56.62
N VAL I 25 18.96 -14.34 4.82
CA VAL I 25 18.57 -15.23 3.74
C VAL I 25 19.44 -16.47 3.74
N GLN I 26 18.99 -17.51 3.02
CA GLN I 26 19.68 -18.78 3.00
C GLN I 26 19.38 -19.47 1.68
N LEU I 27 20.43 -19.82 0.94
CA LEU I 27 20.31 -20.55 -0.31
C LEU I 27 21.01 -21.88 -0.15
N VAL I 28 20.29 -22.98 -0.35
CA VAL I 28 20.90 -24.30 -0.31
C VAL I 28 20.45 -25.08 -1.53
N GLU I 29 21.41 -25.55 -2.32
CA GLU I 29 21.10 -26.30 -3.53
C GLU I 29 21.65 -27.72 -3.40
N SER I 30 21.00 -28.65 -4.10
CA SER I 30 21.39 -30.04 -4.02
C SER I 30 21.08 -30.71 -5.37
N GLY I 31 22.11 -30.86 -6.18
CA GLY I 31 22.05 -31.69 -7.37
C GLY I 31 22.65 -33.06 -7.12
N GLY I 32 23.04 -33.72 -8.21
CA GLY I 32 23.61 -35.04 -8.13
C GLY I 32 25.12 -35.04 -8.31
N GLY I 33 25.71 -36.21 -8.05
CA GLY I 33 27.13 -36.38 -8.16
C GLY I 33 27.58 -36.88 -9.52
N LEU I 34 28.24 -38.04 -9.55
CA LEU I 34 28.81 -38.55 -10.78
C LEU I 34 27.73 -38.98 -11.76
N VAL I 35 27.89 -38.59 -13.02
CA VAL I 35 27.02 -39.01 -14.11
C VAL I 35 27.88 -39.44 -15.28
N GLN I 36 27.24 -39.77 -16.40
CA GLN I 36 27.92 -40.23 -17.59
C GLN I 36 27.94 -39.14 -18.66
N PRO I 37 28.91 -39.18 -19.58
CA PRO I 37 28.93 -38.20 -20.66
C PRO I 37 27.66 -38.28 -21.50
N LYS I 38 27.31 -37.16 -22.11
CA LYS I 38 26.07 -37.00 -22.87
C LYS I 38 24.85 -37.31 -22.02
N GLY I 39 24.98 -37.18 -20.70
CA GLY I 39 23.88 -37.39 -19.79
C GLY I 39 23.06 -36.13 -19.58
N SER I 40 22.28 -36.13 -18.51
CA SER I 40 21.43 -35.00 -18.18
C SER I 40 20.97 -35.12 -16.74
N LEU I 41 20.72 -33.97 -16.11
CA LEU I 41 20.05 -33.93 -14.82
C LEU I 41 19.72 -32.48 -14.49
N LYS I 42 18.89 -32.31 -13.47
CA LYS I 42 18.42 -30.98 -13.06
C LYS I 42 18.80 -30.73 -11.60
N LEU I 43 19.46 -29.60 -11.36
CA LEU I 43 19.79 -29.16 -10.02
C LEU I 43 18.73 -28.20 -9.50
N SER I 44 18.50 -28.24 -8.20
CA SER I 44 17.49 -27.42 -7.56
C SER I 44 18.08 -26.72 -6.34
N CYS I 45 17.59 -25.51 -6.09
CA CYS I 45 18.03 -24.71 -4.96
C CYS I 45 16.82 -24.14 -4.23
N ALA I 46 16.87 -24.21 -2.91
CA ALA I 46 15.86 -23.64 -2.02
C ALA I 46 16.36 -22.31 -1.49
N ALA I 47 15.53 -21.29 -1.63
CA ALA I 47 15.81 -19.94 -1.16
C ALA I 47 14.83 -19.61 -0.05
N SER I 48 15.35 -19.21 1.11
CA SER I 48 14.51 -18.96 2.28
C SER I 48 15.12 -17.85 3.10
N GLY I 49 14.42 -16.72 3.19
CA GLY I 49 14.91 -15.60 3.96
C GLY I 49 14.70 -14.26 3.28
N PHE I 50 14.03 -14.27 2.14
CA PHE I 50 13.76 -13.05 1.39
C PHE I 50 12.53 -13.29 0.52
N THR I 51 12.20 -12.31 -0.31
CA THR I 51 11.07 -12.40 -1.23
C THR I 51 11.58 -12.90 -2.57
N PHE I 52 11.32 -14.17 -2.87
CA PHE I 52 11.82 -14.77 -4.10
C PHE I 52 11.25 -14.07 -5.32
N ASN I 53 10.01 -13.62 -5.26
CA ASN I 53 9.33 -13.08 -6.43
C ASN I 53 9.87 -11.72 -6.87
N THR I 54 10.84 -11.14 -6.16
CA THR I 54 11.30 -9.80 -6.45
C THR I 54 12.80 -9.75 -6.68
N TYR I 55 13.40 -10.86 -7.10
CA TYR I 55 14.85 -10.89 -7.26
C TYR I 55 15.22 -11.77 -8.45
N ALA I 56 16.12 -11.27 -9.28
CA ALA I 56 16.69 -12.09 -10.35
C ALA I 56 17.67 -13.10 -9.76
N MET I 57 17.70 -14.28 -10.34
CA MET I 57 18.53 -15.36 -9.83
C MET I 57 19.52 -15.81 -10.89
N HIS I 58 20.60 -16.44 -10.43
CA HIS I 58 21.69 -16.84 -11.29
C HIS I 58 22.22 -18.19 -10.85
N TRP I 59 22.83 -18.89 -11.80
CA TRP I 59 23.63 -20.09 -11.53
C TRP I 59 25.04 -19.82 -12.03
N VAL I 60 26.02 -20.03 -11.15
CA VAL I 60 27.43 -19.76 -11.46
C VAL I 60 28.24 -21.01 -11.14
N ARG I 61 29.09 -21.40 -12.08
CA ARG I 61 29.86 -22.62 -11.92
C ARG I 61 31.32 -22.31 -11.60
N GLN I 62 32.02 -23.33 -11.14
CA GLN I 62 33.45 -23.25 -10.91
C GLN I 62 34.14 -24.56 -11.26
N GLY I 65 39.43 -24.83 -13.78
CA GLY I 65 40.67 -24.15 -13.48
C GLY I 65 40.58 -23.33 -12.21
N LYS I 66 39.61 -23.66 -11.36
CA LYS I 66 39.33 -23.01 -10.09
C LYS I 66 38.93 -21.55 -10.25
N GLY I 67 38.77 -21.07 -11.48
CA GLY I 67 38.32 -19.72 -11.73
C GLY I 67 36.82 -19.70 -12.03
N LEU I 68 36.08 -18.97 -11.22
CA LEU I 68 34.62 -18.97 -11.34
C LEU I 68 34.19 -18.46 -12.71
N GLU I 69 33.14 -19.07 -13.25
CA GLU I 69 32.60 -18.69 -14.55
C GLU I 69 31.08 -18.68 -14.48
N TRP I 70 30.47 -17.69 -15.13
CA TRP I 70 29.03 -17.54 -15.09
C TRP I 70 28.36 -18.59 -15.98
N VAL I 71 27.12 -18.94 -15.62
CA VAL I 71 26.40 -19.98 -16.35
C VAL I 71 25.06 -19.47 -16.86
N ALA I 72 24.20 -18.98 -15.96
CA ALA I 72 22.86 -18.67 -16.43
C ALA I 72 22.18 -17.66 -15.50
N ARG I 73 21.16 -16.99 -16.03
CA ARG I 73 20.40 -15.97 -15.30
C ARG I 73 18.93 -16.06 -15.65
N ILE I 74 18.07 -15.87 -14.65
CA ILE I 74 16.63 -15.82 -14.87
C ILE I 74 16.07 -14.60 -14.14
N ARG I 75 15.28 -13.79 -14.86
CA ARG I 75 14.73 -12.56 -14.32
C ARG I 75 13.36 -12.85 -13.70
N THR I 76 13.39 -13.44 -12.51
CA THR I 76 12.15 -13.74 -11.80
C THR I 76 11.49 -12.47 -11.28
N ASN I 80 9.12 -9.52 -17.09
CA ASN I 80 8.58 -10.86 -17.30
C ASN I 80 9.55 -11.92 -16.81
N TYR I 81 9.36 -13.16 -17.25
CA TYR I 81 10.21 -14.27 -16.85
C TYR I 81 11.25 -14.55 -17.93
N ALA I 82 12.14 -13.59 -18.13
CA ALA I 82 13.18 -13.73 -19.13
C ALA I 82 14.29 -14.65 -18.62
N THR I 83 15.08 -15.17 -19.56
CA THR I 83 16.26 -15.96 -19.24
C THR I 83 17.40 -15.54 -20.14
N TYR I 84 18.62 -15.73 -19.64
CA TYR I 84 19.83 -15.50 -20.40
C TYR I 84 20.82 -16.61 -20.06
N TYR I 85 21.65 -16.97 -21.03
CA TYR I 85 22.54 -18.12 -20.88
C TYR I 85 23.94 -17.75 -21.32
N ALA I 86 24.89 -18.55 -20.87
CA ALA I 86 26.31 -18.25 -21.05
C ALA I 86 26.69 -18.34 -22.53
N ASP I 87 27.87 -17.81 -22.84
CA ASP I 87 28.35 -17.80 -24.21
C ASP I 87 28.62 -19.21 -24.75
N SER I 88 28.72 -20.21 -23.87
CA SER I 88 29.04 -21.57 -24.28
C SER I 88 27.83 -22.48 -24.32
N VAL I 89 27.05 -22.53 -23.24
CA VAL I 89 26.10 -23.61 -23.03
C VAL I 89 24.67 -23.15 -23.27
N LYS I 90 24.49 -22.21 -24.22
CA LYS I 90 23.14 -21.68 -24.53
C LYS I 90 22.28 -22.74 -25.22
N ASP I 91 22.79 -23.97 -25.36
CA ASP I 91 22.03 -25.02 -26.02
C ASP I 91 21.70 -26.21 -25.12
N ARG I 92 22.30 -26.30 -23.93
CA ARG I 92 22.16 -27.49 -23.11
C ARG I 92 21.60 -27.23 -21.72
N PHE I 93 21.48 -25.97 -21.30
CA PHE I 93 21.06 -25.63 -19.95
C PHE I 93 19.79 -24.80 -20.01
N THR I 94 18.91 -25.01 -19.03
CA THR I 94 17.63 -24.31 -19.01
C THR I 94 17.21 -24.04 -17.57
N ILE I 95 16.78 -22.81 -17.29
CA ILE I 95 16.40 -22.42 -15.94
C ILE I 95 14.89 -22.47 -15.79
N SER I 96 14.43 -22.48 -14.55
CA SER I 96 13.01 -22.46 -14.23
C SER I 96 12.84 -22.08 -12.77
N ARG I 97 12.04 -21.06 -12.50
CA ARG I 97 11.86 -20.54 -11.14
C ARG I 97 10.44 -20.83 -10.67
N ASP I 98 10.33 -21.62 -9.60
CA ASP I 98 9.06 -21.87 -8.94
C ASP I 98 8.88 -20.82 -7.86
N ASP I 99 8.26 -19.70 -8.24
CA ASP I 99 8.13 -18.57 -7.33
C ASP I 99 7.30 -18.92 -6.11
N SER I 100 6.15 -19.59 -6.33
CA SER I 100 5.32 -20.01 -5.21
C SER I 100 6.04 -21.02 -4.34
N GLN I 101 6.59 -22.07 -4.95
CA GLN I 101 7.39 -23.03 -4.21
C GLN I 101 8.72 -22.46 -3.75
N SER I 102 9.11 -21.30 -4.29
CA SER I 102 10.36 -20.62 -3.91
C SER I 102 11.56 -21.52 -4.13
N MET I 103 11.74 -21.92 -5.39
CA MET I 103 12.84 -22.80 -5.77
C MET I 103 13.40 -22.37 -7.11
N LEU I 104 14.66 -22.71 -7.35
CA LEU I 104 15.33 -22.41 -8.61
C LEU I 104 15.88 -23.70 -9.19
N TYR I 105 15.49 -24.02 -10.42
CA TYR I 105 15.86 -25.26 -11.06
C TYR I 105 16.63 -24.98 -12.33
N LEU I 106 17.61 -25.83 -12.62
CA LEU I 106 18.37 -25.72 -13.85
C LEU I 106 18.62 -27.13 -14.37
N GLN I 107 18.13 -27.41 -15.56
CA GLN I 107 18.28 -28.71 -16.20
C GLN I 107 19.38 -28.63 -17.25
N MET I 108 20.34 -29.54 -17.16
CA MET I 108 21.46 -29.61 -18.07
C MET I 108 21.40 -30.93 -18.83
N ASN I 109 21.72 -30.88 -20.12
CA ASN I 109 21.65 -32.03 -21.00
C ASN I 109 22.94 -32.14 -21.81
N ASN I 110 23.24 -33.36 -22.24
CA ASN I 110 24.44 -33.63 -23.05
C ASN I 110 25.70 -33.14 -22.36
N LEU I 111 25.81 -33.43 -21.06
CA LEU I 111 26.95 -32.99 -20.28
C LEU I 111 28.24 -33.59 -20.82
N LYS I 112 29.31 -32.82 -20.77
CA LYS I 112 30.61 -33.23 -21.27
C LYS I 112 31.56 -33.48 -20.11
N THR I 113 32.72 -34.06 -20.44
CA THR I 113 33.76 -34.26 -19.45
C THR I 113 34.35 -32.95 -18.95
N GLU I 114 34.07 -31.84 -19.63
CA GLU I 114 34.59 -30.53 -19.25
C GLU I 114 33.61 -29.73 -18.41
N ASP I 115 32.47 -30.30 -18.03
CA ASP I 115 31.51 -29.61 -17.18
C ASP I 115 31.65 -30.00 -15.72
N THR I 116 32.71 -30.70 -15.36
CA THR I 116 33.01 -30.96 -13.96
C THR I 116 33.24 -29.63 -13.25
N ALA I 117 32.38 -29.31 -12.29
CA ALA I 117 32.43 -28.01 -11.65
C ALA I 117 31.68 -28.08 -10.32
N MET I 118 31.51 -26.92 -9.69
CA MET I 118 30.62 -26.75 -8.56
C MET I 118 29.66 -25.63 -8.89
N TYR I 119 28.39 -25.79 -8.54
CA TYR I 119 27.33 -24.91 -9.03
C TYR I 119 26.70 -24.15 -7.86
N TYR I 120 27.06 -22.89 -7.73
CA TYR I 120 26.48 -22.02 -6.72
C TYR I 120 25.25 -21.34 -7.30
N CYS I 121 24.12 -21.47 -6.60
CA CYS I 121 22.98 -20.61 -6.87
C CYS I 121 23.22 -19.26 -6.22
N VAL I 122 22.68 -18.22 -6.85
CA VAL I 122 23.02 -16.85 -6.47
C VAL I 122 21.81 -15.97 -6.73
N ARG I 123 21.67 -14.90 -5.94
CA ARG I 123 20.70 -13.87 -6.25
C ARG I 123 21.42 -12.57 -6.60
N GLN I 124 20.75 -11.73 -7.38
CA GLN I 124 21.33 -10.49 -7.88
C GLN I 124 20.50 -9.31 -7.43
N LYS I 125 21.17 -8.21 -7.06
CA LYS I 125 20.47 -7.01 -6.60
C LYS I 125 20.92 -5.78 -7.39
N TYR I 126 20.31 -5.62 -8.58
CA TYR I 126 20.26 -4.37 -9.32
C TYR I 126 21.62 -3.87 -9.81
N GLY I 127 22.69 -4.52 -9.42
CA GLY I 127 23.99 -4.09 -9.89
C GLY I 127 24.57 -5.10 -10.84
N ASN I 128 23.80 -6.15 -11.12
CA ASN I 128 24.31 -7.36 -11.75
C ASN I 128 25.49 -7.91 -10.96
N TYR I 129 25.51 -7.62 -9.67
CA TYR I 129 26.52 -8.12 -8.75
C TYR I 129 25.86 -9.02 -7.72
N PHE I 130 26.59 -10.03 -7.30
CA PHE I 130 26.06 -11.11 -6.49
C PHE I 130 26.39 -10.88 -5.02
N ASP I 131 25.44 -11.16 -4.16
CA ASP I 131 25.76 -10.97 -2.75
C ASP I 131 25.51 -12.20 -1.90
N TYR I 132 24.41 -12.90 -2.13
CA TYR I 132 24.06 -14.08 -1.35
C TYR I 132 24.29 -15.31 -2.22
N TRP I 133 25.36 -16.04 -1.92
CA TRP I 133 25.71 -17.23 -2.67
C TRP I 133 25.19 -18.47 -1.96
N GLY I 134 24.97 -19.53 -2.73
CA GLY I 134 24.55 -20.79 -2.17
C GLY I 134 25.70 -21.49 -1.46
N GLN I 135 25.57 -22.78 -1.24
CA GLN I 135 26.62 -23.52 -0.55
C GLN I 135 27.53 -24.28 -1.50
N GLY I 136 27.05 -24.62 -2.69
CA GLY I 136 27.84 -25.39 -3.63
C GLY I 136 27.19 -26.71 -3.95
N THR I 137 27.52 -27.29 -5.11
CA THR I 137 27.00 -28.61 -5.48
C THR I 137 27.92 -29.21 -6.51
N THR I 138 28.61 -30.29 -6.14
CA THR I 138 29.52 -30.93 -7.06
C THR I 138 28.75 -31.67 -8.15
N LEU I 139 29.22 -31.54 -9.39
CA LEU I 139 28.64 -32.23 -10.54
C LEU I 139 29.81 -32.75 -11.37
N THR I 140 30.23 -33.97 -11.07
CA THR I 140 31.31 -34.61 -11.80
C THR I 140 30.75 -35.42 -12.96
N VAL I 141 31.28 -35.18 -14.16
CA VAL I 141 30.79 -35.82 -15.37
C VAL I 141 31.97 -36.56 -15.99
N SER I 142 32.08 -37.85 -15.69
CA SER I 142 33.12 -38.69 -16.27
C SER I 142 32.48 -40.02 -16.66
N SER I 143 33.32 -40.97 -17.07
CA SER I 143 32.86 -42.28 -17.53
C SER I 143 33.71 -43.40 -16.91
N ALA I 144 33.90 -43.33 -15.59
CA ALA I 144 34.69 -44.33 -14.90
C ALA I 144 34.10 -44.57 -13.52
N LYS I 145 34.40 -45.74 -12.97
CA LYS I 145 33.92 -46.11 -11.64
C LYS I 145 34.76 -47.24 -11.06
N VAL J 22 33.66 -8.54 -23.02
CA VAL J 22 34.51 -7.99 -21.98
C VAL J 22 35.32 -9.12 -21.34
N VAL J 23 36.61 -8.87 -21.10
CA VAL J 23 37.48 -9.83 -20.46
C VAL J 23 38.36 -9.10 -19.46
N MET J 24 38.63 -9.75 -18.33
CA MET J 24 39.40 -9.16 -17.26
C MET J 24 40.67 -9.96 -17.03
N THR J 25 41.81 -9.29 -17.11
CA THR J 25 43.10 -9.91 -16.88
C THR J 25 43.44 -9.88 -15.39
N GLN J 26 44.48 -10.62 -15.02
CA GLN J 26 45.06 -10.56 -13.68
C GLN J 26 46.57 -10.56 -13.82
N SER J 27 47.22 -9.55 -13.25
CA SER J 27 48.66 -9.40 -13.42
C SER J 27 49.42 -10.53 -12.75
N GLN J 28 49.32 -10.64 -11.43
CA GLN J 28 50.01 -11.67 -10.68
C GLN J 28 48.98 -12.52 -9.93
N LYS J 29 49.19 -13.83 -9.97
CA LYS J 29 48.30 -14.76 -9.31
C LYS J 29 48.62 -14.98 -7.84
N PHE J 30 49.87 -14.76 -7.42
CA PHE J 30 50.31 -15.03 -6.05
C PHE J 30 50.96 -13.78 -5.48
N MET J 31 50.17 -12.96 -4.79
CA MET J 31 50.65 -11.74 -4.16
C MET J 31 51.39 -12.10 -2.89
N SER J 32 52.70 -12.34 -3.02
CA SER J 32 53.53 -12.74 -1.89
C SER J 32 53.63 -11.57 -0.92
N THR J 33 52.95 -11.69 0.23
CA THR J 33 52.82 -10.57 1.16
C THR J 33 52.97 -11.03 2.60
N SER J 34 53.58 -10.17 3.41
CA SER J 34 53.77 -10.44 4.83
C SER J 34 52.48 -10.12 5.59
N VAL J 35 52.55 -10.08 6.91
CA VAL J 35 51.42 -9.74 7.75
C VAL J 35 51.42 -8.25 8.00
N GLY J 36 50.22 -7.68 8.19
CA GLY J 36 50.08 -6.27 8.51
C GLY J 36 50.53 -5.30 7.44
N ASP J 37 51.05 -5.79 6.32
CA ASP J 37 51.55 -4.92 5.26
C ASP J 37 50.51 -4.79 4.16
N ARG J 38 50.45 -3.60 3.57
CA ARG J 38 49.45 -3.32 2.56
C ARG J 38 49.74 -4.09 1.27
N VAL J 39 48.69 -4.64 0.67
CA VAL J 39 48.81 -5.41 -0.57
C VAL J 39 47.89 -4.79 -1.60
N SER J 40 48.29 -4.84 -2.87
CA SER J 40 47.50 -4.31 -3.97
C SER J 40 47.31 -5.40 -5.01
N VAL J 41 46.06 -5.84 -5.18
CA VAL J 41 45.69 -6.74 -6.27
C VAL J 41 45.03 -5.91 -7.36
N THR J 42 45.33 -6.22 -8.61
CA THR J 42 44.88 -5.42 -9.73
C THR J 42 43.90 -6.19 -10.60
N CYS J 43 43.21 -5.46 -11.46
CA CYS J 43 42.25 -6.07 -12.38
C CYS J 43 42.14 -5.11 -13.57
N LYS J 44 42.78 -5.47 -14.68
CA LYS J 44 42.83 -4.61 -15.86
C LYS J 44 41.80 -5.13 -16.85
N ALA J 45 40.57 -4.63 -16.74
CA ALA J 45 39.54 -4.98 -17.70
C ALA J 45 39.94 -4.51 -19.09
N SER J 46 39.25 -5.03 -20.10
CA SER J 46 39.62 -4.75 -21.48
C SER J 46 38.89 -3.53 -22.03
N GLN J 47 37.56 -3.60 -22.08
CA GLN J 47 36.76 -2.53 -22.67
C GLN J 47 36.54 -1.44 -21.63
N ASN J 48 35.73 -0.44 -21.98
CA ASN J 48 35.37 0.64 -21.06
C ASN J 48 34.13 0.20 -20.30
N VAL J 49 34.31 -0.21 -19.05
CA VAL J 49 33.24 -0.80 -18.25
C VAL J 49 32.72 0.17 -17.19
N GLY J 50 33.35 1.33 -17.03
CA GLY J 50 32.83 2.32 -16.09
C GLY J 50 33.20 1.97 -14.68
N ILE J 51 32.21 2.02 -13.78
CA ILE J 51 32.41 1.65 -12.39
C ILE J 51 31.57 0.44 -12.01
N ASN J 52 31.16 -0.35 -12.99
CA ASN J 52 30.34 -1.54 -12.72
C ASN J 52 31.22 -2.78 -12.58
N VAL J 53 32.05 -2.75 -11.55
CA VAL J 53 32.94 -3.85 -11.23
C VAL J 53 32.72 -4.25 -9.78
N ALA J 54 32.58 -5.55 -9.55
CA ALA J 54 32.46 -6.09 -8.20
C ALA J 54 33.69 -6.92 -7.87
N TRP J 55 33.95 -7.06 -6.58
CA TRP J 55 35.10 -7.79 -6.06
C TRP J 55 34.61 -8.80 -5.05
N TYR J 56 35.00 -10.05 -5.24
CA TYR J 56 34.58 -11.17 -4.39
C TYR J 56 35.81 -11.82 -3.76
N GLN J 57 35.62 -12.29 -2.54
CA GLN J 57 36.65 -13.03 -1.81
C GLN J 57 36.17 -14.44 -1.55
N GLN J 58 36.96 -15.42 -1.96
CA GLN J 58 36.69 -16.83 -1.69
C GLN J 58 37.79 -17.36 -0.80
N LYS J 59 37.44 -17.63 0.45
CA LYS J 59 38.31 -18.43 1.30
C LYS J 59 38.35 -19.85 0.76
N PRO J 60 39.49 -20.53 0.85
CA PRO J 60 39.62 -21.84 0.20
C PRO J 60 38.57 -22.85 0.65
N GLY J 61 37.68 -23.22 -0.28
CA GLY J 61 36.69 -24.24 -0.01
C GLY J 61 35.35 -23.77 0.46
N GLN J 62 34.97 -22.52 0.19
CA GLN J 62 33.67 -22.00 0.59
C GLN J 62 33.08 -21.15 -0.53
N SER J 63 31.84 -20.73 -0.32
CA SER J 63 31.17 -19.89 -1.30
C SER J 63 31.72 -18.47 -1.21
N PRO J 64 32.25 -17.92 -2.28
CA PRO J 64 32.83 -16.58 -2.20
C PRO J 64 31.81 -15.54 -1.76
N LYS J 65 32.26 -14.62 -0.92
CA LYS J 65 31.43 -13.53 -0.42
C LYS J 65 31.70 -12.26 -1.22
N ALA J 66 30.74 -11.35 -1.17
CA ALA J 66 30.80 -10.12 -1.94
C ALA J 66 31.53 -9.05 -1.13
N LEU J 67 32.76 -8.72 -1.53
CA LEU J 67 33.50 -7.68 -0.85
C LEU J 67 33.04 -6.29 -1.29
N ILE J 68 33.19 -5.98 -2.57
CA ILE J 68 33.00 -4.62 -3.06
C ILE J 68 32.00 -4.63 -4.19
N ASN J 69 31.04 -3.71 -4.15
CA ASN J 69 30.14 -3.49 -5.27
C ASN J 69 30.36 -2.09 -5.84
N SER J 70 30.14 -1.97 -7.14
CA SER J 70 30.35 -0.72 -7.88
C SER J 70 31.78 -0.22 -7.79
N ALA J 71 32.71 -1.10 -7.42
CA ALA J 71 34.15 -0.84 -7.47
C ALA J 71 34.61 0.14 -6.39
N SER J 72 33.68 0.72 -5.65
CA SER J 72 34.11 1.67 -4.63
C SER J 72 33.49 1.41 -3.27
N TYR J 73 32.25 1.00 -3.21
CA TYR J 73 31.51 0.92 -1.95
C TYR J 73 31.64 -0.48 -1.39
N ARG J 74 32.12 -0.58 -0.15
CA ARG J 74 32.19 -1.87 0.51
C ARG J 74 30.79 -2.43 0.74
N ASN J 75 30.74 -3.71 1.07
CA ASN J 75 29.47 -4.36 1.36
C ASN J 75 29.08 -4.07 2.81
N SER J 76 28.06 -4.76 3.31
CA SER J 76 27.57 -4.47 4.65
C SER J 76 28.51 -5.01 5.71
N GLY J 77 28.66 -6.34 5.77
CA GLY J 77 29.53 -6.94 6.77
C GLY J 77 30.93 -7.19 6.28
N VAL J 78 31.70 -6.13 6.05
CA VAL J 78 33.06 -6.26 5.56
C VAL J 78 33.99 -5.37 6.38
N PRO J 79 35.10 -5.92 6.89
CA PRO J 79 36.09 -5.07 7.56
C PRO J 79 36.68 -4.07 6.59
N ASP J 80 37.07 -2.91 7.13
CA ASP J 80 37.41 -1.74 6.32
C ASP J 80 38.90 -1.64 6.05
N ARG J 81 39.60 -2.76 5.93
CA ARG J 81 40.94 -2.75 5.36
C ARG J 81 40.91 -2.83 3.84
N PHE J 82 39.76 -3.14 3.27
CA PHE J 82 39.62 -3.33 1.84
C PHE J 82 39.13 -2.03 1.21
N THR J 83 39.97 -1.40 0.39
CA THR J 83 39.57 -0.24 -0.36
C THR J 83 39.79 -0.51 -1.84
N GLY J 84 38.75 -0.37 -2.64
CA GLY J 84 38.82 -0.62 -4.07
C GLY J 84 38.59 0.67 -4.84
N GLY J 85 39.37 0.86 -5.89
CA GLY J 85 39.30 2.06 -6.68
C GLY J 85 39.56 1.77 -8.14
N GLY J 86 39.51 2.82 -8.95
CA GLY J 86 39.68 2.72 -10.38
C GLY J 86 38.38 2.97 -11.10
N SER J 87 38.48 2.94 -12.44
CA SER J 87 37.34 3.28 -13.28
C SER J 87 37.71 3.06 -14.73
N GLY J 88 36.71 2.78 -15.56
CA GLY J 88 36.96 2.66 -16.98
C GLY J 88 37.40 1.27 -17.37
N THR J 89 38.72 1.08 -17.47
CA THR J 89 39.29 -0.21 -17.81
C THR J 89 40.16 -0.80 -16.71
N ASP J 90 40.61 -0.01 -15.74
CA ASP J 90 41.54 -0.48 -14.72
C ASP J 90 40.94 -0.31 -13.34
N PHE J 91 41.12 -1.32 -12.49
CA PHE J 91 40.62 -1.31 -11.13
C PHE J 91 41.64 -1.98 -10.23
N THR J 92 41.55 -1.67 -8.93
CA THR J 92 42.55 -2.16 -8.00
C THR J 92 41.94 -2.23 -6.61
N LEU J 93 42.11 -3.38 -5.95
CA LEU J 93 41.77 -3.51 -4.55
C LEU J 93 43.07 -3.47 -3.74
N THR J 94 43.01 -2.86 -2.56
CA THR J 94 44.18 -2.82 -1.71
C THR J 94 43.78 -2.97 -0.24
N ILE J 95 44.69 -3.56 0.52
CA ILE J 95 44.48 -3.95 1.90
C ILE J 95 45.66 -3.41 2.70
N ASN J 96 45.48 -2.25 3.31
CA ASN J 96 46.41 -1.79 4.33
C ASN J 96 46.16 -2.56 5.62
N ASN J 97 47.23 -2.86 6.34
CA ASN J 97 47.15 -3.70 7.53
C ASN J 97 46.48 -5.03 7.21
N VAL J 98 47.09 -5.75 6.27
CA VAL J 98 46.54 -7.04 5.84
C VAL J 98 46.65 -8.03 6.99
N GLN J 99 45.55 -8.71 7.28
CA GLN J 99 45.53 -9.70 8.34
C GLN J 99 46.25 -10.96 7.88
N SER J 100 46.27 -11.97 8.77
CA SER J 100 46.78 -13.29 8.47
C SER J 100 45.69 -14.26 8.07
N GLU J 101 44.52 -14.15 8.70
CA GLU J 101 43.37 -14.97 8.32
C GLU J 101 42.81 -14.59 6.96
N ASP J 102 43.28 -13.49 6.37
CA ASP J 102 42.82 -13.05 5.06
C ASP J 102 43.66 -13.61 3.93
N LEU J 103 44.25 -14.79 4.12
CA LEU J 103 44.84 -15.53 3.01
C LEU J 103 43.72 -16.28 2.29
N ALA J 104 43.43 -15.87 1.06
CA ALA J 104 42.30 -16.41 0.30
C ALA J 104 42.48 -15.97 -1.15
N GLU J 105 41.46 -16.18 -1.97
CA GLU J 105 41.50 -15.80 -3.37
C GLU J 105 40.54 -14.66 -3.63
N TYR J 106 40.89 -13.79 -4.56
CA TYR J 106 40.08 -12.62 -4.86
C TYR J 106 39.80 -12.53 -6.35
N PHE J 107 38.53 -12.40 -6.71
CA PHE J 107 38.07 -12.33 -8.09
C PHE J 107 37.45 -10.96 -8.36
N CYS J 108 37.64 -10.47 -9.57
CA CYS J 108 36.97 -9.27 -10.04
C CYS J 108 36.00 -9.65 -11.15
N GLN J 109 34.86 -8.97 -11.18
CA GLN J 109 33.82 -9.26 -12.16
C GLN J 109 33.27 -7.96 -12.74
N GLN J 110 33.12 -7.90 -14.06
CA GLN J 110 32.44 -6.79 -14.67
C GLN J 110 30.94 -6.96 -14.53
N CYS J 111 30.24 -5.88 -14.22
CA CYS J 111 28.81 -5.91 -13.95
C CYS J 111 28.01 -5.17 -15.02
N ASN J 112 28.55 -5.05 -16.23
CA ASN J 112 28.01 -4.14 -17.23
C ASN J 112 27.19 -4.81 -18.31
N SER J 113 27.65 -5.94 -18.83
CA SER J 113 27.05 -6.50 -20.03
C SER J 113 27.13 -8.02 -19.98
N TYR J 114 25.98 -8.67 -20.09
CA TYR J 114 25.97 -10.13 -20.15
C TYR J 114 26.69 -10.59 -21.41
N PRO J 115 27.52 -11.64 -21.34
CA PRO J 115 27.75 -12.46 -20.15
C PRO J 115 28.68 -11.81 -19.12
N LEU J 116 28.27 -11.87 -17.86
CA LEU J 116 29.08 -11.36 -16.76
C LEU J 116 30.29 -12.27 -16.58
N THR J 117 31.47 -11.76 -16.86
CA THR J 117 32.68 -12.56 -16.78
C THR J 117 33.46 -12.24 -15.51
N PHE J 118 34.28 -13.19 -15.09
CA PHE J 118 35.09 -13.07 -13.89
C PHE J 118 36.56 -13.12 -14.26
N GLY J 119 37.38 -12.45 -13.46
CA GLY J 119 38.80 -12.51 -13.67
C GLY J 119 39.35 -13.88 -13.37
N ALA J 120 40.59 -14.12 -13.82
CA ALA J 120 41.23 -15.40 -13.58
C ALA J 120 41.41 -15.66 -12.09
N GLY J 121 41.38 -14.63 -11.26
CA GLY J 121 41.49 -14.81 -9.84
C GLY J 121 42.92 -14.93 -9.35
N THR J 122 43.24 -14.26 -8.26
CA THR J 122 44.57 -14.29 -7.68
C THR J 122 44.46 -14.53 -6.18
N LYS J 123 45.30 -15.42 -5.66
CA LYS J 123 45.28 -15.73 -4.25
C LYS J 123 46.07 -14.68 -3.46
N LEU J 124 45.94 -14.73 -2.14
CA LEU J 124 46.67 -13.83 -1.25
C LEU J 124 47.69 -14.67 -0.49
N GLU J 125 48.90 -14.71 -1.02
CA GLU J 125 49.96 -15.58 -0.55
C GLU J 125 50.57 -15.03 0.73
N LEU J 126 51.64 -15.66 1.21
CA LEU J 126 52.36 -15.19 2.39
C LEU J 126 53.85 -15.43 2.22
N ARG J 127 54.64 -14.57 2.83
CA ARG J 127 56.10 -14.70 2.87
C ARG J 127 56.54 -14.88 4.32
N ARG J 128 57.33 -15.90 4.57
CA ARG J 128 57.76 -16.23 5.93
C ARG J 128 59.15 -16.88 5.85
N ALA J 129 59.54 -17.52 6.94
CA ALA J 129 60.87 -18.13 7.02
C ALA J 129 61.01 -19.24 5.98
N ASP J 130 62.25 -19.47 5.56
CA ASP J 130 62.54 -20.47 4.54
C ASP J 130 63.04 -21.79 5.13
N VAL K 25 -10.67 -19.02 10.06
CA VAL K 25 -9.49 -19.53 10.74
C VAL K 25 -9.74 -20.94 11.23
N GLN K 26 -8.85 -21.85 10.85
CA GLN K 26 -8.98 -23.26 11.22
C GLN K 26 -7.59 -23.86 11.36
N LEU K 27 -7.34 -24.48 12.51
CA LEU K 27 -6.06 -25.12 12.79
C LEU K 27 -6.32 -26.59 13.07
N VAL K 28 -5.61 -27.47 12.36
CA VAL K 28 -5.69 -28.90 12.63
C VAL K 28 -4.28 -29.45 12.73
N GLU K 29 -4.02 -30.21 13.79
CA GLU K 29 -2.70 -30.77 14.03
C GLU K 29 -2.82 -32.29 14.16
N SER K 30 -1.76 -32.98 13.77
CA SER K 30 -1.77 -34.44 13.78
C SER K 30 -0.36 -34.94 14.01
N GLY K 31 -0.10 -35.37 15.23
CA GLY K 31 1.07 -36.15 15.58
C GLY K 31 0.75 -37.63 15.62
N GLY K 32 1.46 -38.36 16.49
CA GLY K 32 1.29 -39.78 16.63
C GLY K 32 0.77 -40.17 18.00
N GLY K 33 0.39 -41.43 18.13
CA GLY K 33 -0.14 -41.94 19.38
C GLY K 33 0.93 -42.49 20.30
N LEU K 34 0.79 -43.75 20.69
CA LEU K 34 1.69 -44.33 21.67
C LEU K 34 3.10 -44.48 21.11
N VAL K 35 4.09 -44.09 21.90
CA VAL K 35 5.49 -44.23 21.57
C VAL K 35 6.21 -44.88 22.76
N GLN K 36 7.51 -45.01 22.65
CA GLN K 36 8.32 -45.58 23.71
C GLN K 36 9.06 -44.49 24.46
N PRO K 37 9.43 -44.74 25.72
CA PRO K 37 10.20 -43.74 26.46
C PRO K 37 11.53 -43.46 25.78
N LYS K 38 12.05 -42.26 26.01
CA LYS K 38 13.25 -41.77 25.36
C LYS K 38 13.12 -41.80 23.83
N GLY K 39 11.90 -41.77 23.33
CA GLY K 39 11.64 -41.77 21.91
C GLY K 39 11.64 -40.36 21.34
N SER K 40 11.02 -40.22 20.17
CA SER K 40 10.95 -38.93 19.51
C SER K 40 9.84 -38.96 18.48
N LEU K 41 9.30 -37.77 18.18
CA LEU K 41 8.44 -37.57 17.02
C LEU K 41 8.18 -36.08 16.86
N LYS K 42 7.65 -35.72 15.70
CA LYS K 42 7.38 -34.33 15.36
C LYS K 42 5.90 -34.19 15.01
N LEU K 43 5.21 -33.31 15.70
CA LEU K 43 3.82 -32.99 15.43
C LEU K 43 3.74 -31.78 14.51
N SER K 44 2.80 -31.84 13.57
CA SER K 44 2.60 -30.76 12.61
C SER K 44 1.20 -30.21 12.73
N CYS K 45 1.06 -28.93 12.42
CA CYS K 45 -0.20 -28.20 12.60
C CYS K 45 -0.40 -27.32 11.38
N ALA K 46 -1.42 -27.64 10.59
CA ALA K 46 -1.79 -26.87 9.42
C ALA K 46 -2.80 -25.80 9.81
N ALA K 47 -2.51 -24.56 9.44
CA ALA K 47 -3.34 -23.40 9.75
C ALA K 47 -3.84 -22.81 8.45
N SER K 48 -5.15 -22.54 8.38
CA SER K 48 -5.76 -22.06 7.15
C SER K 48 -6.91 -21.13 7.50
N GLY K 49 -6.83 -19.88 7.06
CA GLY K 49 -7.89 -18.93 7.32
C GLY K 49 -7.39 -17.59 7.81
N PHE K 50 -6.09 -17.37 7.75
CA PHE K 50 -5.49 -16.12 8.20
C PHE K 50 -4.10 -16.00 7.58
N THR K 51 -3.45 -14.86 7.83
CA THR K 51 -2.10 -14.62 7.34
C THR K 51 -1.12 -15.25 8.32
N PHE K 52 -0.60 -16.43 7.97
CA PHE K 52 0.29 -17.15 8.87
C PHE K 52 1.55 -16.36 9.17
N ASN K 53 2.02 -15.55 8.22
CA ASN K 53 3.30 -14.87 8.37
C ASN K 53 3.27 -13.74 9.40
N THR K 54 2.11 -13.38 9.92
CA THR K 54 1.97 -12.21 10.79
C THR K 54 1.32 -12.57 12.10
N TYR K 55 1.63 -13.76 12.64
CA TYR K 55 1.02 -14.18 13.91
C TYR K 55 1.99 -15.09 14.64
N ALA K 56 2.32 -14.74 15.87
CA ALA K 56 3.09 -15.65 16.71
C ALA K 56 2.25 -16.87 17.07
N MET K 57 2.89 -18.02 17.07
CA MET K 57 2.20 -19.29 17.29
C MET K 57 2.72 -19.95 18.56
N HIS K 58 1.90 -20.81 19.13
CA HIS K 58 2.23 -21.47 20.38
C HIS K 58 1.78 -22.92 20.33
N TRP K 59 2.47 -23.75 21.11
CA TRP K 59 2.04 -25.11 21.42
C TRP K 59 1.75 -25.19 22.90
N VAL K 60 0.56 -25.67 23.25
CA VAL K 60 0.10 -25.76 24.63
C VAL K 60 -0.36 -27.18 24.89
N ARG K 61 0.08 -27.76 25.99
CA ARG K 61 -0.26 -29.14 26.33
C ARG K 61 -1.28 -29.19 27.45
N GLN K 62 -1.97 -30.31 27.53
CA GLN K 62 -2.91 -30.59 28.61
C GLN K 62 -2.82 -32.07 28.95
N ALA K 63 -2.29 -32.38 30.11
CA ALA K 63 -2.19 -33.75 30.56
C ALA K 63 -3.58 -34.31 30.86
N PRO K 64 -3.73 -35.63 30.88
CA PRO K 64 -4.94 -36.21 31.46
C PRO K 64 -4.94 -35.99 32.96
N LYS K 66 -6.29 -32.53 33.47
CA LYS K 66 -6.97 -31.27 33.17
C LYS K 66 -6.14 -30.02 33.45
N GLY K 67 -4.91 -30.13 33.94
CA GLY K 67 -4.15 -28.93 34.19
C GLY K 67 -3.41 -28.45 32.96
N LEU K 68 -3.99 -27.49 32.24
CA LEU K 68 -3.38 -27.01 31.01
C LEU K 68 -2.07 -26.30 31.30
N GLU K 69 -1.01 -26.67 30.57
CA GLU K 69 0.31 -26.10 30.77
C GLU K 69 0.89 -25.69 29.42
N TRP K 70 1.70 -24.64 29.44
CA TRP K 70 2.29 -24.09 28.23
C TRP K 70 3.52 -24.87 27.82
N VAL K 71 3.82 -24.86 26.52
CA VAL K 71 4.94 -25.64 26.00
C VAL K 71 5.93 -24.78 25.24
N ALA K 72 5.46 -24.08 24.19
CA ALA K 72 6.44 -23.39 23.35
C ALA K 72 5.79 -22.26 22.58
N ARG K 73 6.63 -21.33 22.11
CA ARG K 73 6.19 -20.17 21.34
C ARG K 73 7.20 -19.84 20.26
N ILE K 74 6.71 -19.49 19.07
CA ILE K 74 7.58 -19.05 17.98
C ILE K 74 7.02 -17.76 17.39
N ARG K 75 7.90 -16.79 17.18
CA ARG K 75 7.49 -15.46 16.71
C ARG K 75 7.64 -15.40 15.20
N THR K 76 6.66 -15.97 14.51
CA THR K 76 6.63 -15.93 13.06
C THR K 76 6.30 -14.52 12.56
N ASN K 80 12.16 -10.90 14.02
CA ASN K 80 12.76 -12.10 13.41
C ASN K 80 11.99 -13.34 13.81
N TYR K 81 12.56 -14.51 13.53
CA TYR K 81 11.93 -15.78 13.84
C TYR K 81 12.48 -16.37 15.14
N ALA K 82 12.22 -15.66 16.24
CA ALA K 82 12.70 -16.11 17.54
C ALA K 82 11.82 -17.24 18.07
N THR K 83 12.31 -17.92 19.11
CA THR K 83 11.55 -18.96 19.79
C THR K 83 11.74 -18.82 21.28
N TYR K 84 10.76 -19.32 22.03
CA TYR K 84 10.80 -19.39 23.48
C TYR K 84 10.24 -20.74 23.91
N TYR K 85 10.78 -21.28 24.99
CA TYR K 85 10.43 -22.63 25.41
C TYR K 85 10.09 -22.65 26.90
N ALA K 86 9.34 -23.67 27.29
CA ALA K 86 8.77 -23.75 28.62
C ALA K 86 9.87 -23.88 29.68
N ASP K 87 9.45 -23.75 30.94
CA ASP K 87 10.37 -23.82 32.05
C ASP K 87 10.97 -25.20 32.26
N SER K 88 10.42 -26.23 31.61
CA SER K 88 10.86 -27.61 31.78
C SER K 88 11.60 -28.16 30.57
N VAL K 89 11.05 -27.98 29.38
CA VAL K 89 11.45 -28.79 28.23
C VAL K 89 12.30 -27.98 27.26
N LYS K 90 13.04 -27.01 27.78
CA LYS K 90 13.93 -26.19 26.95
C LYS K 90 15.05 -26.99 26.31
N ASP K 91 15.12 -28.30 26.54
CA ASP K 91 16.15 -29.15 25.96
C ASP K 91 15.62 -30.20 25.01
N ARG K 92 14.35 -30.60 25.13
CA ARG K 92 13.82 -31.74 24.39
C ARG K 92 12.82 -31.37 23.32
N PHE K 93 12.38 -30.12 23.23
CA PHE K 93 11.37 -29.71 22.27
C PHE K 93 11.91 -28.59 21.41
N THR K 94 11.50 -28.59 20.14
CA THR K 94 11.96 -27.57 19.20
C THR K 94 10.90 -27.31 18.16
N ILE K 95 10.53 -26.04 17.98
CA ILE K 95 9.48 -25.67 17.05
C ILE K 95 10.07 -25.07 15.78
N SER K 96 9.24 -24.96 14.75
CA SER K 96 9.66 -24.47 13.44
C SER K 96 8.44 -24.13 12.60
N ARG K 97 8.43 -22.96 11.97
CA ARG K 97 7.29 -22.51 11.20
C ARG K 97 7.68 -22.41 9.73
N ASP K 98 6.95 -23.12 8.88
CA ASP K 98 7.09 -23.00 7.43
C ASP K 98 6.02 -22.03 6.96
N ASP K 99 6.41 -20.77 6.78
CA ASP K 99 5.45 -19.74 6.39
C ASP K 99 4.89 -20.00 5.01
N SER K 100 5.75 -20.36 4.05
CA SER K 100 5.27 -20.67 2.71
C SER K 100 4.39 -21.91 2.72
N GLN K 101 4.91 -23.02 3.27
CA GLN K 101 4.08 -24.20 3.47
C GLN K 101 2.98 -23.96 4.49
N SER K 102 3.13 -22.91 5.31
CA SER K 102 2.10 -22.48 6.26
C SER K 102 1.75 -23.60 7.24
N MET K 103 2.76 -24.07 7.97
CA MET K 103 2.54 -25.10 8.96
C MET K 103 3.48 -24.89 10.14
N LEU K 104 3.05 -25.33 11.31
CA LEU K 104 3.82 -25.20 12.54
C LEU K 104 4.19 -26.58 13.05
N TYR K 105 5.48 -26.83 13.24
CA TYR K 105 5.97 -28.14 13.64
C TYR K 105 6.68 -28.04 14.98
N LEU K 106 6.54 -29.09 15.77
CA LEU K 106 7.30 -29.22 17.02
C LEU K 106 7.85 -30.64 17.08
N GLN K 107 9.16 -30.76 17.15
CA GLN K 107 9.83 -32.05 17.28
C GLN K 107 10.26 -32.23 18.73
N MET K 108 9.93 -33.38 19.29
CA MET K 108 10.23 -33.71 20.66
C MET K 108 11.01 -35.02 20.71
N ASN K 109 11.87 -35.14 21.71
CA ASN K 109 12.74 -36.30 21.86
C ASN K 109 12.99 -36.54 23.34
N ASN K 110 13.46 -37.75 23.65
CA ASN K 110 13.75 -38.15 25.02
C ASN K 110 12.50 -38.03 25.90
N LEU K 111 11.35 -38.38 25.33
CA LEU K 111 10.09 -38.22 26.03
C LEU K 111 10.03 -39.11 27.26
N LYS K 112 9.51 -38.56 28.34
CA LYS K 112 9.35 -39.29 29.59
C LYS K 112 7.94 -39.85 29.69
N THR K 113 7.73 -40.69 30.70
CA THR K 113 6.40 -41.21 30.99
C THR K 113 5.45 -40.12 31.47
N GLU K 114 5.97 -38.92 31.77
CA GLU K 114 5.16 -37.80 32.21
C GLU K 114 5.06 -36.72 31.14
N ASP K 115 5.05 -37.11 29.87
CA ASP K 115 4.77 -36.18 28.78
C ASP K 115 3.51 -36.56 28.02
N THR K 116 2.75 -37.52 28.52
CA THR K 116 1.51 -37.90 27.86
C THR K 116 0.48 -36.80 28.04
N ALA K 117 0.02 -36.23 26.94
CA ALA K 117 -0.87 -35.08 27.00
C ALA K 117 -1.39 -34.79 25.60
N MET K 118 -2.46 -34.01 25.55
CA MET K 118 -2.95 -33.47 24.29
C MET K 118 -2.24 -32.18 23.98
N TYR K 119 -2.06 -31.91 22.69
CA TYR K 119 -1.24 -30.79 22.24
C TYR K 119 -2.04 -29.92 21.28
N TYR K 120 -2.45 -28.74 21.73
CA TYR K 120 -3.17 -27.79 20.91
C TYR K 120 -2.18 -26.78 20.35
N CYS K 121 -2.25 -26.55 19.05
CA CYS K 121 -1.53 -25.45 18.43
C CYS K 121 -2.46 -24.24 18.38
N VAL K 122 -2.01 -23.13 18.94
CA VAL K 122 -2.82 -21.94 19.08
C VAL K 122 -2.05 -20.75 18.51
N ARG K 123 -2.75 -19.65 18.32
CA ARG K 123 -2.11 -18.43 17.86
C ARG K 123 -2.34 -17.31 18.87
N GLN K 124 -1.45 -16.33 18.85
CA GLN K 124 -1.45 -15.25 19.82
C GLN K 124 -1.67 -13.93 19.12
N LYS K 125 -2.45 -13.03 19.74
CA LYS K 125 -2.73 -11.71 19.16
C LYS K 125 -2.40 -10.60 20.16
N TYR K 126 -1.12 -10.24 20.22
CA TYR K 126 -0.63 -9.02 20.84
C TYR K 126 -0.95 -8.91 22.33
N GLY K 127 -1.62 -9.89 22.90
CA GLY K 127 -1.91 -9.82 24.30
C GLY K 127 -1.30 -10.98 25.04
N ASN K 128 -0.56 -11.82 24.31
CA ASN K 128 -0.10 -13.11 24.80
C ASN K 128 -1.27 -13.95 25.28
N TYR K 129 -2.44 -13.72 24.69
CA TYR K 129 -3.62 -14.51 25.00
C TYR K 129 -4.06 -15.21 23.72
N PHE K 130 -4.32 -16.50 23.84
CA PHE K 130 -4.66 -17.31 22.68
C PHE K 130 -6.15 -17.19 22.38
N ASP K 131 -6.48 -17.22 21.11
CA ASP K 131 -7.89 -17.09 20.75
C ASP K 131 -8.39 -18.23 19.89
N TYR K 132 -7.59 -18.72 18.96
CA TYR K 132 -7.98 -19.78 18.04
C TYR K 132 -7.17 -21.02 18.37
N TRP K 133 -7.75 -21.91 19.16
CA TRP K 133 -7.09 -23.15 19.54
C TRP K 133 -7.32 -24.22 18.47
N GLY K 134 -6.44 -25.21 18.46
CA GLY K 134 -6.54 -26.29 17.50
C GLY K 134 -7.59 -27.30 17.88
N GLN K 135 -7.33 -28.57 17.61
CA GLN K 135 -8.26 -29.63 17.97
C GLN K 135 -7.71 -30.61 18.99
N GLY K 136 -6.40 -30.72 19.12
CA GLY K 136 -5.80 -31.65 20.05
C GLY K 136 -5.11 -32.79 19.33
N THR K 137 -4.16 -33.40 20.03
CA THR K 137 -3.43 -34.55 19.49
C THR K 137 -2.89 -35.36 20.65
N THR K 138 -3.47 -36.53 20.89
CA THR K 138 -2.99 -37.39 21.96
C THR K 138 -1.58 -37.87 21.66
N LEU K 139 -0.70 -37.74 22.65
CA LEU K 139 0.69 -38.18 22.52
C LEU K 139 1.04 -38.95 23.80
N THR K 140 0.78 -40.25 23.79
CA THR K 140 1.04 -41.08 24.95
C THR K 140 2.45 -41.66 24.88
N VAL K 141 3.19 -41.54 25.96
CA VAL K 141 4.56 -42.04 26.05
C VAL K 141 4.57 -43.09 27.14
N SER K 142 4.42 -44.35 26.74
CA SER K 142 4.41 -45.46 27.70
C SER K 142 5.27 -46.61 27.20
N SER K 143 5.19 -47.75 27.87
CA SER K 143 6.06 -48.90 27.62
C SER K 143 5.26 -50.19 27.53
N ALA K 144 4.19 -50.17 26.75
CA ALA K 144 3.36 -51.35 26.56
C ALA K 144 2.75 -51.32 25.17
N LYS K 145 2.10 -52.43 24.81
CA LYS K 145 1.45 -52.54 23.51
C LYS K 145 0.38 -53.63 23.52
N VAL L 22 5.45 -16.37 37.96
CA VAL L 22 4.06 -16.10 38.30
C VAL L 22 3.30 -17.40 38.41
N VAL L 23 2.44 -17.50 39.42
CA VAL L 23 1.62 -18.68 39.65
C VAL L 23 0.22 -18.22 40.04
N MET L 24 -0.79 -18.95 39.58
CA MET L 24 -2.18 -18.61 39.81
C MET L 24 -2.85 -19.72 40.60
N THR L 25 -3.43 -19.36 41.74
CA THR L 25 -4.15 -20.30 42.58
C THR L 25 -5.61 -20.40 42.13
N GLN L 26 -6.31 -21.39 42.68
CA GLN L 26 -7.75 -21.51 42.50
C GLN L 26 -8.35 -21.90 43.85
N SER L 27 -9.31 -21.11 44.32
CA SER L 27 -9.86 -21.33 45.66
C SER L 27 -10.63 -22.64 45.72
N GLN L 28 -11.71 -22.75 44.96
CA GLN L 28 -12.53 -23.95 44.94
C GLN L 28 -12.56 -24.52 43.54
N LYS L 29 -12.44 -25.85 43.45
CA LYS L 29 -12.44 -26.54 42.18
C LYS L 29 -13.84 -26.87 41.67
N PHE L 30 -14.83 -26.98 42.57
CA PHE L 30 -16.18 -27.39 42.20
C PHE L 30 -17.17 -26.37 42.72
N MET L 31 -17.52 -25.40 41.89
CA MET L 31 -18.48 -24.35 42.24
C MET L 31 -19.88 -24.93 42.16
N SER L 32 -20.35 -25.51 43.27
CA SER L 32 -21.67 -26.12 43.32
C SER L 32 -22.74 -25.06 43.17
N THR L 33 -23.40 -25.02 42.00
CA THR L 33 -24.30 -23.94 41.67
C THR L 33 -25.55 -24.45 40.98
N SER L 34 -26.68 -23.81 41.27
CA SER L 34 -27.96 -24.16 40.66
C SER L 34 -28.05 -23.55 39.28
N VAL L 35 -29.24 -23.56 38.69
CA VAL L 35 -29.48 -22.96 37.38
C VAL L 35 -29.92 -21.51 37.57
N GLY L 36 -29.60 -20.67 36.59
CA GLY L 36 -30.03 -19.28 36.60
C GLY L 36 -29.47 -18.44 37.72
N ASP L 37 -28.66 -19.01 38.62
CA ASP L 37 -28.11 -18.27 39.74
C ASP L 37 -26.69 -17.85 39.44
N ARG L 38 -26.33 -16.66 39.92
CA ARG L 38 -25.01 -16.11 39.65
C ARG L 38 -23.92 -16.89 40.38
N VAL L 39 -22.81 -17.13 39.68
CA VAL L 39 -21.68 -17.86 40.23
C VAL L 39 -20.44 -17.00 40.09
N SER L 40 -19.53 -17.13 41.05
CA SER L 40 -18.28 -16.38 41.05
C SER L 40 -17.12 -17.35 41.17
N VAL L 41 -16.31 -17.45 40.12
CA VAL L 41 -15.07 -18.20 40.15
C VAL L 41 -13.93 -17.19 40.31
N THR L 42 -12.94 -17.54 41.12
CA THR L 42 -11.88 -16.61 41.47
C THR L 42 -10.54 -17.09 40.92
N CYS L 43 -9.57 -16.18 40.90
CA CYS L 43 -8.22 -16.49 40.44
C CYS L 43 -7.29 -15.51 41.14
N LYS L 44 -6.58 -15.98 42.14
CA LYS L 44 -5.71 -15.13 42.95
C LYS L 44 -4.28 -15.34 42.47
N ALA L 45 -3.87 -14.55 41.48
CA ALA L 45 -2.49 -14.60 41.02
C ALA L 45 -1.55 -14.20 42.16
N SER L 46 -0.27 -14.50 41.96
CA SER L 46 0.71 -14.29 43.02
C SER L 46 1.36 -12.91 42.93
N GLN L 47 2.04 -12.64 41.82
CA GLN L 47 2.76 -11.38 41.67
C GLN L 47 1.80 -10.30 41.19
N ASN L 48 2.34 -9.12 40.89
CA ASN L 48 1.55 -8.01 40.36
C ASN L 48 1.55 -8.13 38.84
N VAL L 49 0.44 -8.60 38.29
CA VAL L 49 0.34 -8.92 36.87
C VAL L 49 -0.49 -7.89 36.10
N GLY L 50 -1.09 -6.93 36.80
CA GLY L 50 -1.81 -5.88 36.11
C GLY L 50 -3.15 -6.34 35.64
N ILE L 51 -3.48 -6.07 34.37
CA ILE L 51 -4.72 -6.51 33.78
C ILE L 51 -4.47 -7.47 32.62
N ASN L 52 -3.31 -8.11 32.60
CA ASN L 52 -2.97 -9.04 31.52
C ASN L 52 -3.32 -10.47 31.93
N VAL L 53 -4.61 -10.70 32.13
CA VAL L 53 -5.15 -12.00 32.50
C VAL L 53 -6.24 -12.37 31.50
N ALA L 54 -6.18 -13.58 30.99
CA ALA L 54 -7.21 -14.12 30.12
C ALA L 54 -7.96 -15.25 30.81
N TRP L 55 -9.17 -15.48 30.36
CA TRP L 55 -10.06 -16.50 30.91
C TRP L 55 -10.56 -17.38 29.78
N TYR L 56 -10.38 -18.68 29.94
CA TYR L 56 -10.75 -19.67 28.95
C TYR L 56 -11.78 -20.64 29.52
N GLN L 57 -12.68 -21.09 28.65
CA GLN L 57 -13.69 -22.07 29.01
C GLN L 57 -13.46 -23.33 28.18
N GLN L 58 -13.35 -24.47 28.85
CA GLN L 58 -13.22 -25.75 28.19
C GLN L 58 -14.45 -26.58 28.56
N LYS L 59 -15.33 -26.78 27.59
CA LYS L 59 -16.36 -27.80 27.73
C LYS L 59 -15.69 -29.17 27.74
N PRO L 60 -16.21 -30.13 28.51
CA PRO L 60 -15.50 -31.41 28.66
C PRO L 60 -15.25 -32.12 27.35
N GLY L 61 -13.97 -32.23 26.98
CA GLY L 61 -13.57 -32.97 25.80
C GLY L 61 -13.41 -32.18 24.53
N GLN L 62 -13.19 -30.87 24.61
CA GLN L 62 -13.00 -30.05 23.42
C GLN L 62 -11.88 -29.05 23.66
N SER L 63 -11.53 -28.33 22.60
CA SER L 63 -10.49 -27.31 22.69
C SER L 63 -11.05 -26.09 23.41
N PRO L 64 -10.45 -25.65 24.52
CA PRO L 64 -11.00 -24.51 25.25
C PRO L 64 -11.05 -23.26 24.38
N LYS L 65 -12.13 -22.51 24.54
CA LYS L 65 -12.34 -21.27 23.81
C LYS L 65 -11.97 -20.08 24.70
N ALA L 66 -11.70 -18.95 24.06
CA ALA L 66 -11.24 -17.76 24.75
C ALA L 66 -12.45 -16.94 25.19
N LEU L 67 -12.72 -16.93 26.49
CA LEU L 67 -13.84 -16.13 27.00
C LEU L 67 -13.45 -14.66 27.12
N ILE L 68 -12.46 -14.36 27.95
CA ILE L 68 -12.14 -12.98 28.32
C ILE L 68 -10.68 -12.71 28.03
N ASN L 69 -10.41 -11.58 27.40
CA ASN L 69 -9.05 -11.09 27.24
C ASN L 69 -8.86 -9.79 28.01
N SER L 70 -7.65 -9.57 28.49
CA SER L 70 -7.30 -8.40 29.30
C SER L 70 -8.13 -8.28 30.56
N ALA L 71 -8.76 -9.38 30.98
CA ALA L 71 -9.44 -9.51 32.26
C ALA L 71 -10.74 -8.70 32.31
N SER L 72 -11.02 -7.92 31.30
CA SER L 72 -12.25 -7.14 31.35
C SER L 72 -13.11 -7.28 30.09
N TYR L 73 -12.50 -7.35 28.92
CA TYR L 73 -13.24 -7.28 27.67
C TYR L 73 -13.58 -8.69 27.20
N ARG L 74 -14.86 -8.93 26.97
CA ARG L 74 -15.27 -10.21 26.43
C ARG L 74 -14.72 -10.41 25.03
N ASN L 75 -14.79 -11.64 24.55
CA ASN L 75 -14.33 -11.95 23.20
C ASN L 75 -15.45 -11.61 22.22
N SER L 76 -15.31 -12.03 20.96
CA SER L 76 -16.28 -11.65 19.94
C SER L 76 -17.56 -12.45 20.09
N GLY L 77 -17.49 -13.77 19.92
CA GLY L 77 -18.67 -14.61 20.02
C GLY L 77 -18.88 -15.20 21.39
N VAL L 78 -19.20 -14.35 22.37
CA VAL L 78 -19.41 -14.82 23.74
C VAL L 78 -20.69 -14.23 24.31
N PRO L 79 -21.57 -15.05 24.87
CA PRO L 79 -22.76 -14.51 25.54
C PRO L 79 -22.34 -13.65 26.73
N ASP L 80 -23.17 -12.66 27.04
CA ASP L 80 -22.81 -11.60 27.98
C ASP L 80 -23.30 -11.87 29.39
N ARG L 81 -23.36 -13.14 29.79
CA ARG L 81 -23.49 -13.45 31.21
C ARG L 81 -22.16 -13.47 31.92
N PHE L 82 -21.07 -13.46 31.17
CA PHE L 82 -19.73 -13.57 31.72
C PHE L 82 -19.14 -12.18 31.89
N THR L 83 -18.94 -11.77 33.14
CA THR L 83 -18.26 -10.51 33.42
C THR L 83 -17.05 -10.80 34.29
N GLY L 84 -15.89 -10.36 33.84
CA GLY L 84 -14.64 -10.59 34.55
C GLY L 84 -14.06 -9.26 35.01
N GLY L 85 -13.55 -9.24 36.24
CA GLY L 85 -12.99 -8.04 36.82
C GLY L 85 -11.81 -8.35 37.71
N GLY L 86 -11.25 -7.31 38.28
CA GLY L 86 -10.07 -7.40 39.12
C GLY L 86 -8.87 -6.80 38.43
N SER L 87 -7.75 -6.81 39.18
CA SER L 87 -6.53 -6.18 38.70
C SER L 87 -5.42 -6.44 39.70
N GLY L 88 -4.18 -6.43 39.20
CA GLY L 88 -3.05 -6.58 40.09
C GLY L 88 -2.71 -8.02 40.37
N THR L 89 -3.21 -8.54 41.49
CA THR L 89 -3.01 -9.93 41.87
C THR L 89 -4.27 -10.75 41.92
N ASP L 90 -5.45 -10.13 41.99
CA ASP L 90 -6.70 -10.84 42.17
C ASP L 90 -7.65 -10.56 41.01
N PHE L 91 -8.31 -11.62 40.53
CA PHE L 91 -9.26 -11.51 39.44
C PHE L 91 -10.43 -12.45 39.71
N THR L 92 -11.55 -12.16 39.06
CA THR L 92 -12.76 -12.91 39.33
C THR L 92 -13.67 -12.87 38.11
N LEU L 93 -14.14 -14.03 37.68
CA LEU L 93 -15.20 -14.12 36.68
C LEU L 93 -16.50 -14.43 37.38
N THR L 94 -17.60 -13.87 36.86
CA THR L 94 -18.90 -14.15 37.44
C THR L 94 -19.95 -14.23 36.34
N ILE L 95 -20.95 -15.05 36.62
CA ILE L 95 -21.99 -15.42 35.66
C ILE L 95 -23.32 -15.22 36.37
N ASN L 96 -23.95 -14.07 36.15
CA ASN L 96 -25.34 -13.90 36.53
C ASN L 96 -26.22 -14.62 35.51
N ASN L 97 -27.31 -15.20 35.99
CA ASN L 97 -28.19 -16.02 35.16
C ASN L 97 -27.38 -17.12 34.48
N VAL L 98 -26.75 -17.95 35.31
CA VAL L 98 -25.92 -19.04 34.79
C VAL L 98 -26.82 -20.06 34.10
N GLN L 99 -26.44 -20.44 32.88
CA GLN L 99 -27.21 -21.43 32.14
C GLN L 99 -26.96 -22.82 32.71
N SER L 100 -27.59 -23.81 32.07
CA SER L 100 -27.36 -25.22 32.38
C SER L 100 -26.36 -25.87 31.45
N GLU L 101 -26.36 -25.48 30.18
CA GLU L 101 -25.37 -25.96 29.23
C GLU L 101 -23.98 -25.40 29.51
N ASP L 102 -23.85 -24.45 30.43
CA ASP L 102 -22.57 -23.87 30.78
C ASP L 102 -21.89 -24.60 31.94
N LEU L 103 -22.16 -25.89 32.10
CA LEU L 103 -21.37 -26.73 32.99
C LEU L 103 -20.11 -27.15 32.25
N ALA L 104 -18.97 -26.65 32.69
CA ALA L 104 -17.69 -26.85 32.02
C ALA L 104 -16.58 -26.44 32.98
N GLU L 105 -15.36 -26.36 32.48
CA GLU L 105 -14.22 -25.96 33.29
C GLU L 105 -13.71 -24.60 32.84
N TYR L 106 -13.19 -23.82 33.79
CA TYR L 106 -12.73 -22.47 33.50
C TYR L 106 -11.31 -22.28 34.03
N PHE L 107 -10.43 -21.81 33.16
CA PHE L 107 -9.03 -21.59 33.47
C PHE L 107 -8.70 -20.10 33.37
N CYS L 108 -7.81 -19.65 34.24
CA CYS L 108 -7.27 -18.30 34.14
C CYS L 108 -5.79 -18.38 33.81
N GLN L 109 -5.33 -17.43 33.01
CA GLN L 109 -3.94 -17.42 32.56
C GLN L 109 -3.37 -16.01 32.65
N GLN L 110 -2.17 -15.88 33.19
CA GLN L 110 -1.48 -14.61 33.17
C GLN L 110 -0.86 -14.40 31.79
N CYS L 111 -0.96 -13.17 31.28
CA CYS L 111 -0.52 -12.85 29.93
C CYS L 111 0.68 -11.90 29.94
N ASN L 112 1.45 -11.89 31.02
CA ASN L 112 2.43 -10.83 31.25
C ASN L 112 3.87 -11.25 30.95
N SER L 113 4.27 -12.44 31.38
CA SER L 113 5.68 -12.79 31.35
C SER L 113 5.84 -14.28 31.07
N TYR L 114 6.57 -14.62 30.02
CA TYR L 114 6.86 -16.01 29.74
C TYR L 114 7.67 -16.61 30.87
N PRO L 115 7.37 -17.85 31.31
CA PRO L 115 6.35 -18.72 30.74
C PRO L 115 4.92 -18.37 31.15
N LEU L 116 4.03 -18.36 30.16
CA LEU L 116 2.61 -18.10 30.41
C LEU L 116 2.02 -19.29 31.14
N THR L 117 1.63 -19.10 32.39
CA THR L 117 1.11 -20.19 33.20
C THR L 117 -0.41 -20.11 33.29
N PHE L 118 -1.02 -21.25 33.57
CA PHE L 118 -2.46 -21.37 33.69
C PHE L 118 -2.83 -21.79 35.10
N GLY L 119 -4.01 -21.38 35.53
CA GLY L 119 -4.50 -21.79 36.82
C GLY L 119 -4.81 -23.27 36.85
N ALA L 120 -4.97 -23.80 38.06
CA ALA L 120 -5.29 -25.22 38.21
C ALA L 120 -6.64 -25.56 37.58
N GLY L 121 -7.49 -24.57 37.35
CA GLY L 121 -8.75 -24.82 36.70
C GLY L 121 -9.84 -25.31 37.64
N THR L 122 -11.04 -24.77 37.50
CA THR L 122 -12.16 -25.15 38.33
C THR L 122 -13.38 -25.40 37.44
N LYS L 123 -14.09 -26.49 37.71
CA LYS L 123 -15.26 -26.83 36.92
C LYS L 123 -16.47 -26.05 37.41
N LEU L 124 -17.54 -26.10 36.64
CA LEU L 124 -18.80 -25.44 37.00
C LEU L 124 -19.82 -26.53 37.30
N GLU L 125 -19.92 -26.87 38.59
CA GLU L 125 -20.70 -28.00 39.06
C GLU L 125 -22.19 -27.65 39.06
N LEU L 126 -23.02 -28.55 39.59
CA LEU L 126 -24.45 -28.31 39.70
C LEU L 126 -24.97 -28.93 40.99
N ARG L 127 -26.01 -28.31 41.54
CA ARG L 127 -26.72 -28.82 42.71
C ARG L 127 -28.15 -29.14 42.32
N ARG L 128 -28.60 -30.34 42.65
CA ARG L 128 -29.94 -30.80 42.28
C ARG L 128 -30.43 -31.78 43.34
N ALA L 129 -31.46 -32.54 43.00
CA ALA L 129 -32.06 -33.47 43.95
C ALA L 129 -31.06 -34.55 44.36
N ASP L 130 -31.25 -35.08 45.55
CA ASP L 130 -30.34 -36.09 46.10
C ASP L 130 -30.90 -37.50 45.94
CA CA M . -0.94 6.36 0.45
#